data_4UPF
# 
_entry.id   4UPF 
# 
_audit_conform.dict_name       mmcif_pdbx.dic 
_audit_conform.dict_version    5.391 
_audit_conform.dict_location   http://mmcif.pdb.org/dictionaries/ascii/mmcif_pdbx.dic 
# 
loop_
_database_2.database_id 
_database_2.database_code 
_database_2.pdbx_database_accession 
_database_2.pdbx_DOI 
PDB   4UPF         pdb_00004upf 10.2210/pdb4upf/pdb 
PDBE  EBI-60953    ?            ?                   
WWPDB D_1290060953 ?            ?                   
# 
loop_
_pdbx_audit_revision_history.ordinal 
_pdbx_audit_revision_history.data_content_type 
_pdbx_audit_revision_history.major_revision 
_pdbx_audit_revision_history.minor_revision 
_pdbx_audit_revision_history.revision_date 
1 'Structure model' 1 0 2014-08-20 
2 'Structure model' 1 1 2014-09-10 
3 'Structure model' 1 2 2017-08-30 
4 'Structure model' 1 3 2024-05-08 
# 
_pdbx_audit_revision_details.ordinal             1 
_pdbx_audit_revision_details.revision_ordinal    1 
_pdbx_audit_revision_details.data_content_type   'Structure model' 
_pdbx_audit_revision_details.provider            repository 
_pdbx_audit_revision_details.type                'Initial release' 
_pdbx_audit_revision_details.description         ? 
_pdbx_audit_revision_details.details             ? 
# 
loop_
_pdbx_audit_revision_group.ordinal 
_pdbx_audit_revision_group.revision_ordinal 
_pdbx_audit_revision_group.data_content_type 
_pdbx_audit_revision_group.group 
1 2 'Structure model' 'Database references'    
2 3 'Structure model' 'Data collection'        
3 3 'Structure model' 'Refinement description' 
4 4 'Structure model' 'Data collection'        
5 4 'Structure model' 'Database references'    
6 4 'Structure model' 'Refinement description' 
# 
loop_
_pdbx_audit_revision_category.ordinal 
_pdbx_audit_revision_category.revision_ordinal 
_pdbx_audit_revision_category.data_content_type 
_pdbx_audit_revision_category.category 
1 3 'Structure model' em_3d_fitting                 
2 3 'Structure model' em_software                   
3 4 'Structure model' chem_comp_atom                
4 4 'Structure model' chem_comp_bond                
5 4 'Structure model' database_2                    
6 4 'Structure model' em_3d_fitting_list            
7 4 'Structure model' pdbx_initial_refinement_model 
# 
loop_
_pdbx_audit_revision_item.ordinal 
_pdbx_audit_revision_item.revision_ordinal 
_pdbx_audit_revision_item.data_content_type 
_pdbx_audit_revision_item.item 
1  3 'Structure model' '_em_3d_fitting.target_criteria'                  
2  3 'Structure model' '_em_software.fitting_id'                         
3  3 'Structure model' '_em_software.image_processing_id'                
4  3 'Structure model' '_em_software.name'                               
5  4 'Structure model' '_database_2.pdbx_DOI'                            
6  4 'Structure model' '_database_2.pdbx_database_accession'             
7  4 'Structure model' '_em_3d_fitting_list.accession_code'              
8  4 'Structure model' '_em_3d_fitting_list.initial_refinement_model_id' 
9  4 'Structure model' '_em_3d_fitting_list.source_name'                 
10 4 'Structure model' '_em_3d_fitting_list.type'                        
# 
_pdbx_database_status.status_code                     REL 
_pdbx_database_status.entry_id                        4UPF 
_pdbx_database_status.deposit_site                    PDBE 
_pdbx_database_status.process_site                    PDBE 
_pdbx_database_status.SG_entry                        . 
_pdbx_database_status.recvd_initial_deposition_date   2014-06-16 
_pdbx_database_status.pdb_format_compatible           Y 
_pdbx_database_status.status_code_sf                  ? 
_pdbx_database_status.status_code_mr                  ? 
_pdbx_database_status.status_code_cs                  ? 
_pdbx_database_status.methods_development_category    ? 
_pdbx_database_status.status_code_nmr_data            ? 
# 
loop_
_pdbx_database_related.db_name 
_pdbx_database_related.db_id 
_pdbx_database_related.content_type 
_pdbx_database_related.details 
PDB  4UPB     unspecified            
'ELECTRON CRYO-MICROSCOPY OF THE COMPLEX FORMED BETWEEN THE HEXAMERIC ATPASE RAVA AND THE DECAMERIC INDUCIBLE DECARBOXYLASE LDCI' 
EMDB EMD-2681 'associated EM volume' . 
# 
loop_
_audit_author.name 
_audit_author.pdbx_ordinal 
'Malet, H.'       1 
'Liu, K.'         2 
'El Bakkouri, M.' 3 
'Chan, S.W.S.'    4 
'Effantin, G.'    5 
'Bacia, M.'       6 
'Houry, W.A.'     7 
'Gutsche, I.'     8 
# 
_citation.id                        primary 
_citation.title                     'Assembly Principles of a Unique Cage Formed by Hexameric and Decameric E. Coli Proteins.' 
_citation.journal_abbrev            Elife 
_citation.journal_volume            3 
_citation.page_first                03653 
_citation.page_last                 ? 
_citation.year                      2014 
_citation.journal_id_ASTM           ? 
_citation.country                   US 
_citation.journal_id_ISSN           2050-084X 
_citation.journal_id_CSD            ? 
_citation.book_publisher            ? 
_citation.pdbx_database_id_PubMed   25097238 
_citation.pdbx_database_id_DOI      10.7554/ELIFE.03653 
# 
loop_
_citation_author.citation_id 
_citation_author.name 
_citation_author.ordinal 
_citation_author.identifier_ORCID 
primary 'Malet, H.'       1 ? 
primary 'Liu, K.'         2 ? 
primary 'El Bakkouri, M.' 3 ? 
primary 'Chan, S.W.S.'    4 ? 
primary 'Effantin, G.'    5 ? 
primary 'Bacia, M.'       6 ? 
primary 'Houry, W.A.'     7 ? 
primary 'Gutsche, I.'     8 ? 
# 
loop_
_entity.id 
_entity.type 
_entity.src_method 
_entity.pdbx_description 
_entity.formula_weight 
_entity.pdbx_number_of_molecules 
_entity.pdbx_ec 
_entity.pdbx_mutation 
_entity.pdbx_fragment 
_entity.details 
1 polymer man 'LYSINE DECARBOXYLASE, INDUCIBLE' 81357.008 1 4.1.1.18 ? ?                              ? 
2 polymer man 'ATPASE RAVA'                     12619.461 1 3.6.3.1  ? 'LARA DOMAIN RESIDUES 329-440' ? 
# 
loop_
_entity_name_com.entity_id 
_entity_name_com.name 
1 'LDC, INDUCIBLE LYSINE DECARBOXYLASE' 
2 'REGULATORY ATPASE VARIANT A'         
# 
loop_
_entity_poly.entity_id 
_entity_poly.type 
_entity_poly.nstd_linkage 
_entity_poly.nstd_monomer 
_entity_poly.pdbx_seq_one_letter_code 
_entity_poly.pdbx_seq_one_letter_code_can 
_entity_poly.pdbx_strand_id 
_entity_poly.pdbx_target_identifier 
1 'polypeptide(L)' no no 
;MNVIAILNHMGVYFKEEPIRELHRALERLNFQIVYPNDRDDLLKLIENNARLCGVIFDWDKYNLELCEEISKMNENLPLY
AFANTYSTLDVSLNDLRLQISFFEYALGAAEDIANKIKQTTDEYINTILPPLTKALFKYVREGKYTFCTPGHMGGTAFQK
SPVGSLFYDFFGPNTMKSDISISVSELGSLLDHSGPHKEAEQYIARVFNADRSYMVTNGTSTANKIVGMYSAPAGSTILI
DRNCHKSLTHLMMMSDVTPIYFRPTRNAYGILGGIPQSEFQHATIAKRVKETPNATWPVHAVITNSTYDGLLYNTDFIKK
TLDVKSIHFDSAWVPYTNFSPIYEGKCGMSGGRVEGKVIYETQSTHKLLAAFSQASMIHVKGDVNEETFNEAYMMHTTTS
PHYGIVASTETAAAMMKGNAGKRLINGSIERAIKFRKEIKRLRTESDGWFFDVWQPDHIDTTECWPLRSDSTWHGFKNID
NEHMYLDPIKVTLLTPGMEKDGTMSDFGIPASIVAKYLDEHGIVVEKTGPYNLLFLFSIGIDKTKALSLLRALTDFKRAF
DLNLRVKNMLPSLYREDPEFYENMRIQELAQNIHKLIVHHNLPDLMYRAFEVLPTMVMTPYAAFQKELHGMTEEVYLDEM
VGRINANMILPYPPGVPLVMPGEMITEESRPVLEFLQMLCEIGAHYPGFETDIHGAYRQADGRYTVKVLKEESKK
;
;MNVIAILNHMGVYFKEEPIRELHRALERLNFQIVYPNDRDDLLKLIENNARLCGVIFDWDKYNLELCEEISKMNENLPLY
AFANTYSTLDVSLNDLRLQISFFEYALGAAEDIANKIKQTTDEYINTILPPLTKALFKYVREGKYTFCTPGHMGGTAFQK
SPVGSLFYDFFGPNTMKSDISISVSELGSLLDHSGPHKEAEQYIARVFNADRSYMVTNGTSTANKIVGMYSAPAGSTILI
DRNCHKSLTHLMMMSDVTPIYFRPTRNAYGILGGIPQSEFQHATIAKRVKETPNATWPVHAVITNSTYDGLLYNTDFIKK
TLDVKSIHFDSAWVPYTNFSPIYEGKCGMSGGRVEGKVIYETQSTHKLLAAFSQASMIHVKGDVNEETFNEAYMMHTTTS
PHYGIVASTETAAAMMKGNAGKRLINGSIERAIKFRKEIKRLRTESDGWFFDVWQPDHIDTTECWPLRSDSTWHGFKNID
NEHMYLDPIKVTLLTPGMEKDGTMSDFGIPASIVAKYLDEHGIVVEKTGPYNLLFLFSIGIDKTKALSLLRALTDFKRAF
DLNLRVKNMLPSLYREDPEFYENMRIQELAQNIHKLIVHHNLPDLMYRAFEVLPTMVMTPYAAFQKELHGMTEEVYLDEM
VGRINANMILPYPPGVPLVMPGEMITEESRPVLEFLQMLCEIGAHYPGFETDIHGAYRQADGRYTVKVLKEESKK
;
A ? 
2 'polypeptide(L)' no no 
;GHMQQSDKTALTVIRLGGIFSRRQQYQLPVNVTASTLTLLLQKPLKLHDMEVVHISFERSALEQWLSKGGEIRGKLNGIG
FAQKLNLEVDSAQHLVVRDVSLQGSTLALPGSSAE
;
;GHMQQSDKTALTVIRLGGIFSRRQQYQLPVNVTASTLTLLLQKPLKLHDMEVVHISFERSALEQWLSKGGEIRGKLNGIG
FAQKLNLEVDSAQHLVVRDVSLQGSTLALPGSSAE
;
D ? 
# 
loop_
_entity_poly_seq.entity_id 
_entity_poly_seq.num 
_entity_poly_seq.mon_id 
_entity_poly_seq.hetero 
1 1   MET n 
1 2   ASN n 
1 3   VAL n 
1 4   ILE n 
1 5   ALA n 
1 6   ILE n 
1 7   LEU n 
1 8   ASN n 
1 9   HIS n 
1 10  MET n 
1 11  GLY n 
1 12  VAL n 
1 13  TYR n 
1 14  PHE n 
1 15  LYS n 
1 16  GLU n 
1 17  GLU n 
1 18  PRO n 
1 19  ILE n 
1 20  ARG n 
1 21  GLU n 
1 22  LEU n 
1 23  HIS n 
1 24  ARG n 
1 25  ALA n 
1 26  LEU n 
1 27  GLU n 
1 28  ARG n 
1 29  LEU n 
1 30  ASN n 
1 31  PHE n 
1 32  GLN n 
1 33  ILE n 
1 34  VAL n 
1 35  TYR n 
1 36  PRO n 
1 37  ASN n 
1 38  ASP n 
1 39  ARG n 
1 40  ASP n 
1 41  ASP n 
1 42  LEU n 
1 43  LEU n 
1 44  LYS n 
1 45  LEU n 
1 46  ILE n 
1 47  GLU n 
1 48  ASN n 
1 49  ASN n 
1 50  ALA n 
1 51  ARG n 
1 52  LEU n 
1 53  CYS n 
1 54  GLY n 
1 55  VAL n 
1 56  ILE n 
1 57  PHE n 
1 58  ASP n 
1 59  TRP n 
1 60  ASP n 
1 61  LYS n 
1 62  TYR n 
1 63  ASN n 
1 64  LEU n 
1 65  GLU n 
1 66  LEU n 
1 67  CYS n 
1 68  GLU n 
1 69  GLU n 
1 70  ILE n 
1 71  SER n 
1 72  LYS n 
1 73  MET n 
1 74  ASN n 
1 75  GLU n 
1 76  ASN n 
1 77  LEU n 
1 78  PRO n 
1 79  LEU n 
1 80  TYR n 
1 81  ALA n 
1 82  PHE n 
1 83  ALA n 
1 84  ASN n 
1 85  THR n 
1 86  TYR n 
1 87  SER n 
1 88  THR n 
1 89  LEU n 
1 90  ASP n 
1 91  VAL n 
1 92  SER n 
1 93  LEU n 
1 94  ASN n 
1 95  ASP n 
1 96  LEU n 
1 97  ARG n 
1 98  LEU n 
1 99  GLN n 
1 100 ILE n 
1 101 SER n 
1 102 PHE n 
1 103 PHE n 
1 104 GLU n 
1 105 TYR n 
1 106 ALA n 
1 107 LEU n 
1 108 GLY n 
1 109 ALA n 
1 110 ALA n 
1 111 GLU n 
1 112 ASP n 
1 113 ILE n 
1 114 ALA n 
1 115 ASN n 
1 116 LYS n 
1 117 ILE n 
1 118 LYS n 
1 119 GLN n 
1 120 THR n 
1 121 THR n 
1 122 ASP n 
1 123 GLU n 
1 124 TYR n 
1 125 ILE n 
1 126 ASN n 
1 127 THR n 
1 128 ILE n 
1 129 LEU n 
1 130 PRO n 
1 131 PRO n 
1 132 LEU n 
1 133 THR n 
1 134 LYS n 
1 135 ALA n 
1 136 LEU n 
1 137 PHE n 
1 138 LYS n 
1 139 TYR n 
1 140 VAL n 
1 141 ARG n 
1 142 GLU n 
1 143 GLY n 
1 144 LYS n 
1 145 TYR n 
1 146 THR n 
1 147 PHE n 
1 148 CYS n 
1 149 THR n 
1 150 PRO n 
1 151 GLY n 
1 152 HIS n 
1 153 MET n 
1 154 GLY n 
1 155 GLY n 
1 156 THR n 
1 157 ALA n 
1 158 PHE n 
1 159 GLN n 
1 160 LYS n 
1 161 SER n 
1 162 PRO n 
1 163 VAL n 
1 164 GLY n 
1 165 SER n 
1 166 LEU n 
1 167 PHE n 
1 168 TYR n 
1 169 ASP n 
1 170 PHE n 
1 171 PHE n 
1 172 GLY n 
1 173 PRO n 
1 174 ASN n 
1 175 THR n 
1 176 MET n 
1 177 LYS n 
1 178 SER n 
1 179 ASP n 
1 180 ILE n 
1 181 SER n 
1 182 ILE n 
1 183 SER n 
1 184 VAL n 
1 185 SER n 
1 186 GLU n 
1 187 LEU n 
1 188 GLY n 
1 189 SER n 
1 190 LEU n 
1 191 LEU n 
1 192 ASP n 
1 193 HIS n 
1 194 SER n 
1 195 GLY n 
1 196 PRO n 
1 197 HIS n 
1 198 LYS n 
1 199 GLU n 
1 200 ALA n 
1 201 GLU n 
1 202 GLN n 
1 203 TYR n 
1 204 ILE n 
1 205 ALA n 
1 206 ARG n 
1 207 VAL n 
1 208 PHE n 
1 209 ASN n 
1 210 ALA n 
1 211 ASP n 
1 212 ARG n 
1 213 SER n 
1 214 TYR n 
1 215 MET n 
1 216 VAL n 
1 217 THR n 
1 218 ASN n 
1 219 GLY n 
1 220 THR n 
1 221 SER n 
1 222 THR n 
1 223 ALA n 
1 224 ASN n 
1 225 LYS n 
1 226 ILE n 
1 227 VAL n 
1 228 GLY n 
1 229 MET n 
1 230 TYR n 
1 231 SER n 
1 232 ALA n 
1 233 PRO n 
1 234 ALA n 
1 235 GLY n 
1 236 SER n 
1 237 THR n 
1 238 ILE n 
1 239 LEU n 
1 240 ILE n 
1 241 ASP n 
1 242 ARG n 
1 243 ASN n 
1 244 CYS n 
1 245 HIS n 
1 246 LYS n 
1 247 SER n 
1 248 LEU n 
1 249 THR n 
1 250 HIS n 
1 251 LEU n 
1 252 MET n 
1 253 MET n 
1 254 MET n 
1 255 SER n 
1 256 ASP n 
1 257 VAL n 
1 258 THR n 
1 259 PRO n 
1 260 ILE n 
1 261 TYR n 
1 262 PHE n 
1 263 ARG n 
1 264 PRO n 
1 265 THR n 
1 266 ARG n 
1 267 ASN n 
1 268 ALA n 
1 269 TYR n 
1 270 GLY n 
1 271 ILE n 
1 272 LEU n 
1 273 GLY n 
1 274 GLY n 
1 275 ILE n 
1 276 PRO n 
1 277 GLN n 
1 278 SER n 
1 279 GLU n 
1 280 PHE n 
1 281 GLN n 
1 282 HIS n 
1 283 ALA n 
1 284 THR n 
1 285 ILE n 
1 286 ALA n 
1 287 LYS n 
1 288 ARG n 
1 289 VAL n 
1 290 LYS n 
1 291 GLU n 
1 292 THR n 
1 293 PRO n 
1 294 ASN n 
1 295 ALA n 
1 296 THR n 
1 297 TRP n 
1 298 PRO n 
1 299 VAL n 
1 300 HIS n 
1 301 ALA n 
1 302 VAL n 
1 303 ILE n 
1 304 THR n 
1 305 ASN n 
1 306 SER n 
1 307 THR n 
1 308 TYR n 
1 309 ASP n 
1 310 GLY n 
1 311 LEU n 
1 312 LEU n 
1 313 TYR n 
1 314 ASN n 
1 315 THR n 
1 316 ASP n 
1 317 PHE n 
1 318 ILE n 
1 319 LYS n 
1 320 LYS n 
1 321 THR n 
1 322 LEU n 
1 323 ASP n 
1 324 VAL n 
1 325 LYS n 
1 326 SER n 
1 327 ILE n 
1 328 HIS n 
1 329 PHE n 
1 330 ASP n 
1 331 SER n 
1 332 ALA n 
1 333 TRP n 
1 334 VAL n 
1 335 PRO n 
1 336 TYR n 
1 337 THR n 
1 338 ASN n 
1 339 PHE n 
1 340 SER n 
1 341 PRO n 
1 342 ILE n 
1 343 TYR n 
1 344 GLU n 
1 345 GLY n 
1 346 LYS n 
1 347 CYS n 
1 348 GLY n 
1 349 MET n 
1 350 SER n 
1 351 GLY n 
1 352 GLY n 
1 353 ARG n 
1 354 VAL n 
1 355 GLU n 
1 356 GLY n 
1 357 LYS n 
1 358 VAL n 
1 359 ILE n 
1 360 TYR n 
1 361 GLU n 
1 362 THR n 
1 363 GLN n 
1 364 SER n 
1 365 THR n 
1 366 HIS n 
1 367 LYS n 
1 368 LEU n 
1 369 LEU n 
1 370 ALA n 
1 371 ALA n 
1 372 PHE n 
1 373 SER n 
1 374 GLN n 
1 375 ALA n 
1 376 SER n 
1 377 MET n 
1 378 ILE n 
1 379 HIS n 
1 380 VAL n 
1 381 LYS n 
1 382 GLY n 
1 383 ASP n 
1 384 VAL n 
1 385 ASN n 
1 386 GLU n 
1 387 GLU n 
1 388 THR n 
1 389 PHE n 
1 390 ASN n 
1 391 GLU n 
1 392 ALA n 
1 393 TYR n 
1 394 MET n 
1 395 MET n 
1 396 HIS n 
1 397 THR n 
1 398 THR n 
1 399 THR n 
1 400 SER n 
1 401 PRO n 
1 402 HIS n 
1 403 TYR n 
1 404 GLY n 
1 405 ILE n 
1 406 VAL n 
1 407 ALA n 
1 408 SER n 
1 409 THR n 
1 410 GLU n 
1 411 THR n 
1 412 ALA n 
1 413 ALA n 
1 414 ALA n 
1 415 MET n 
1 416 MET n 
1 417 LYS n 
1 418 GLY n 
1 419 ASN n 
1 420 ALA n 
1 421 GLY n 
1 422 LYS n 
1 423 ARG n 
1 424 LEU n 
1 425 ILE n 
1 426 ASN n 
1 427 GLY n 
1 428 SER n 
1 429 ILE n 
1 430 GLU n 
1 431 ARG n 
1 432 ALA n 
1 433 ILE n 
1 434 LYS n 
1 435 PHE n 
1 436 ARG n 
1 437 LYS n 
1 438 GLU n 
1 439 ILE n 
1 440 LYS n 
1 441 ARG n 
1 442 LEU n 
1 443 ARG n 
1 444 THR n 
1 445 GLU n 
1 446 SER n 
1 447 ASP n 
1 448 GLY n 
1 449 TRP n 
1 450 PHE n 
1 451 PHE n 
1 452 ASP n 
1 453 VAL n 
1 454 TRP n 
1 455 GLN n 
1 456 PRO n 
1 457 ASP n 
1 458 HIS n 
1 459 ILE n 
1 460 ASP n 
1 461 THR n 
1 462 THR n 
1 463 GLU n 
1 464 CYS n 
1 465 TRP n 
1 466 PRO n 
1 467 LEU n 
1 468 ARG n 
1 469 SER n 
1 470 ASP n 
1 471 SER n 
1 472 THR n 
1 473 TRP n 
1 474 HIS n 
1 475 GLY n 
1 476 PHE n 
1 477 LYS n 
1 478 ASN n 
1 479 ILE n 
1 480 ASP n 
1 481 ASN n 
1 482 GLU n 
1 483 HIS n 
1 484 MET n 
1 485 TYR n 
1 486 LEU n 
1 487 ASP n 
1 488 PRO n 
1 489 ILE n 
1 490 LYS n 
1 491 VAL n 
1 492 THR n 
1 493 LEU n 
1 494 LEU n 
1 495 THR n 
1 496 PRO n 
1 497 GLY n 
1 498 MET n 
1 499 GLU n 
1 500 LYS n 
1 501 ASP n 
1 502 GLY n 
1 503 THR n 
1 504 MET n 
1 505 SER n 
1 506 ASP n 
1 507 PHE n 
1 508 GLY n 
1 509 ILE n 
1 510 PRO n 
1 511 ALA n 
1 512 SER n 
1 513 ILE n 
1 514 VAL n 
1 515 ALA n 
1 516 LYS n 
1 517 TYR n 
1 518 LEU n 
1 519 ASP n 
1 520 GLU n 
1 521 HIS n 
1 522 GLY n 
1 523 ILE n 
1 524 VAL n 
1 525 VAL n 
1 526 GLU n 
1 527 LYS n 
1 528 THR n 
1 529 GLY n 
1 530 PRO n 
1 531 TYR n 
1 532 ASN n 
1 533 LEU n 
1 534 LEU n 
1 535 PHE n 
1 536 LEU n 
1 537 PHE n 
1 538 SER n 
1 539 ILE n 
1 540 GLY n 
1 541 ILE n 
1 542 ASP n 
1 543 LYS n 
1 544 THR n 
1 545 LYS n 
1 546 ALA n 
1 547 LEU n 
1 548 SER n 
1 549 LEU n 
1 550 LEU n 
1 551 ARG n 
1 552 ALA n 
1 553 LEU n 
1 554 THR n 
1 555 ASP n 
1 556 PHE n 
1 557 LYS n 
1 558 ARG n 
1 559 ALA n 
1 560 PHE n 
1 561 ASP n 
1 562 LEU n 
1 563 ASN n 
1 564 LEU n 
1 565 ARG n 
1 566 VAL n 
1 567 LYS n 
1 568 ASN n 
1 569 MET n 
1 570 LEU n 
1 571 PRO n 
1 572 SER n 
1 573 LEU n 
1 574 TYR n 
1 575 ARG n 
1 576 GLU n 
1 577 ASP n 
1 578 PRO n 
1 579 GLU n 
1 580 PHE n 
1 581 TYR n 
1 582 GLU n 
1 583 ASN n 
1 584 MET n 
1 585 ARG n 
1 586 ILE n 
1 587 GLN n 
1 588 GLU n 
1 589 LEU n 
1 590 ALA n 
1 591 GLN n 
1 592 ASN n 
1 593 ILE n 
1 594 HIS n 
1 595 LYS n 
1 596 LEU n 
1 597 ILE n 
1 598 VAL n 
1 599 HIS n 
1 600 HIS n 
1 601 ASN n 
1 602 LEU n 
1 603 PRO n 
1 604 ASP n 
1 605 LEU n 
1 606 MET n 
1 607 TYR n 
1 608 ARG n 
1 609 ALA n 
1 610 PHE n 
1 611 GLU n 
1 612 VAL n 
1 613 LEU n 
1 614 PRO n 
1 615 THR n 
1 616 MET n 
1 617 VAL n 
1 618 MET n 
1 619 THR n 
1 620 PRO n 
1 621 TYR n 
1 622 ALA n 
1 623 ALA n 
1 624 PHE n 
1 625 GLN n 
1 626 LYS n 
1 627 GLU n 
1 628 LEU n 
1 629 HIS n 
1 630 GLY n 
1 631 MET n 
1 632 THR n 
1 633 GLU n 
1 634 GLU n 
1 635 VAL n 
1 636 TYR n 
1 637 LEU n 
1 638 ASP n 
1 639 GLU n 
1 640 MET n 
1 641 VAL n 
1 642 GLY n 
1 643 ARG n 
1 644 ILE n 
1 645 ASN n 
1 646 ALA n 
1 647 ASN n 
1 648 MET n 
1 649 ILE n 
1 650 LEU n 
1 651 PRO n 
1 652 TYR n 
1 653 PRO n 
1 654 PRO n 
1 655 GLY n 
1 656 VAL n 
1 657 PRO n 
1 658 LEU n 
1 659 VAL n 
1 660 MET n 
1 661 PRO n 
1 662 GLY n 
1 663 GLU n 
1 664 MET n 
1 665 ILE n 
1 666 THR n 
1 667 GLU n 
1 668 GLU n 
1 669 SER n 
1 670 ARG n 
1 671 PRO n 
1 672 VAL n 
1 673 LEU n 
1 674 GLU n 
1 675 PHE n 
1 676 LEU n 
1 677 GLN n 
1 678 MET n 
1 679 LEU n 
1 680 CYS n 
1 681 GLU n 
1 682 ILE n 
1 683 GLY n 
1 684 ALA n 
1 685 HIS n 
1 686 TYR n 
1 687 PRO n 
1 688 GLY n 
1 689 PHE n 
1 690 GLU n 
1 691 THR n 
1 692 ASP n 
1 693 ILE n 
1 694 HIS n 
1 695 GLY n 
1 696 ALA n 
1 697 TYR n 
1 698 ARG n 
1 699 GLN n 
1 700 ALA n 
1 701 ASP n 
1 702 GLY n 
1 703 ARG n 
1 704 TYR n 
1 705 THR n 
1 706 VAL n 
1 707 LYS n 
1 708 VAL n 
1 709 LEU n 
1 710 LYS n 
1 711 GLU n 
1 712 GLU n 
1 713 SER n 
1 714 LYS n 
1 715 LYS n 
2 1   GLY n 
2 2   HIS n 
2 3   MET n 
2 4   GLN n 
2 5   GLN n 
2 6   SER n 
2 7   ASP n 
2 8   LYS n 
2 9   THR n 
2 10  ALA n 
2 11  LEU n 
2 12  THR n 
2 13  VAL n 
2 14  ILE n 
2 15  ARG n 
2 16  LEU n 
2 17  GLY n 
2 18  GLY n 
2 19  ILE n 
2 20  PHE n 
2 21  SER n 
2 22  ARG n 
2 23  ARG n 
2 24  GLN n 
2 25  GLN n 
2 26  TYR n 
2 27  GLN n 
2 28  LEU n 
2 29  PRO n 
2 30  VAL n 
2 31  ASN n 
2 32  VAL n 
2 33  THR n 
2 34  ALA n 
2 35  SER n 
2 36  THR n 
2 37  LEU n 
2 38  THR n 
2 39  LEU n 
2 40  LEU n 
2 41  LEU n 
2 42  GLN n 
2 43  LYS n 
2 44  PRO n 
2 45  LEU n 
2 46  LYS n 
2 47  LEU n 
2 48  HIS n 
2 49  ASP n 
2 50  MET n 
2 51  GLU n 
2 52  VAL n 
2 53  VAL n 
2 54  HIS n 
2 55  ILE n 
2 56  SER n 
2 57  PHE n 
2 58  GLU n 
2 59  ARG n 
2 60  SER n 
2 61  ALA n 
2 62  LEU n 
2 63  GLU n 
2 64  GLN n 
2 65  TRP n 
2 66  LEU n 
2 67  SER n 
2 68  LYS n 
2 69  GLY n 
2 70  GLY n 
2 71  GLU n 
2 72  ILE n 
2 73  ARG n 
2 74  GLY n 
2 75  LYS n 
2 76  LEU n 
2 77  ASN n 
2 78  GLY n 
2 79  ILE n 
2 80  GLY n 
2 81  PHE n 
2 82  ALA n 
2 83  GLN n 
2 84  LYS n 
2 85  LEU n 
2 86  ASN n 
2 87  LEU n 
2 88  GLU n 
2 89  VAL n 
2 90  ASP n 
2 91  SER n 
2 92  ALA n 
2 93  GLN n 
2 94  HIS n 
2 95  LEU n 
2 96  VAL n 
2 97  VAL n 
2 98  ARG n 
2 99  ASP n 
2 100 VAL n 
2 101 SER n 
2 102 LEU n 
2 103 GLN n 
2 104 GLY n 
2 105 SER n 
2 106 THR n 
2 107 LEU n 
2 108 ALA n 
2 109 LEU n 
2 110 PRO n 
2 111 GLY n 
2 112 SER n 
2 113 SER n 
2 114 ALA n 
2 115 GLU n 
# 
loop_
_entity_src_gen.entity_id 
_entity_src_gen.pdbx_src_id 
_entity_src_gen.pdbx_alt_source_flag 
_entity_src_gen.pdbx_seq_type 
_entity_src_gen.pdbx_beg_seq_num 
_entity_src_gen.pdbx_end_seq_num 
_entity_src_gen.gene_src_common_name 
_entity_src_gen.gene_src_genus 
_entity_src_gen.pdbx_gene_src_gene 
_entity_src_gen.gene_src_species 
_entity_src_gen.gene_src_strain 
_entity_src_gen.gene_src_tissue 
_entity_src_gen.gene_src_tissue_fraction 
_entity_src_gen.gene_src_details 
_entity_src_gen.pdbx_gene_src_fragment 
_entity_src_gen.pdbx_gene_src_scientific_name 
_entity_src_gen.pdbx_gene_src_ncbi_taxonomy_id 
_entity_src_gen.pdbx_gene_src_variant 
_entity_src_gen.pdbx_gene_src_cell_line 
_entity_src_gen.pdbx_gene_src_atcc 
_entity_src_gen.pdbx_gene_src_organ 
_entity_src_gen.pdbx_gene_src_organelle 
_entity_src_gen.pdbx_gene_src_cell 
_entity_src_gen.pdbx_gene_src_cellular_location 
_entity_src_gen.host_org_common_name 
_entity_src_gen.pdbx_host_org_scientific_name 
_entity_src_gen.pdbx_host_org_ncbi_taxonomy_id 
_entity_src_gen.host_org_genus 
_entity_src_gen.pdbx_host_org_gene 
_entity_src_gen.pdbx_host_org_organ 
_entity_src_gen.host_org_species 
_entity_src_gen.pdbx_host_org_tissue 
_entity_src_gen.pdbx_host_org_tissue_fraction 
_entity_src_gen.pdbx_host_org_strain 
_entity_src_gen.pdbx_host_org_variant 
_entity_src_gen.pdbx_host_org_cell_line 
_entity_src_gen.pdbx_host_org_atcc 
_entity_src_gen.pdbx_host_org_culture_collection 
_entity_src_gen.pdbx_host_org_cell 
_entity_src_gen.pdbx_host_org_organelle 
_entity_src_gen.pdbx_host_org_cellular_location 
_entity_src_gen.pdbx_host_org_vector_type 
_entity_src_gen.pdbx_host_org_vector 
_entity_src_gen.host_org_details 
_entity_src_gen.expression_system_id 
_entity_src_gen.plasmid_name 
_entity_src_gen.plasmid_details 
_entity_src_gen.pdbx_description 
1 1 sample ? ? ? ? ? ? ? ? ? ? ? ? 'ESCHERICHIA COLI STR. K-12 SUBSTR. MG1655' 511145 ? ? ? ? ? ? ? ? 'ESCHERICHIA COLI' 562    ? 
? ? ? ? ? ?           'CF1693 SOURCE 7' ? ? ? ? ? ? PLASMID PET22B ? ? ? ? ? 
2 1 sample ? ? ? ? ? ? ? ? ? ? ? ? 'ESCHERICHIA COLI STR. K-12 SUBSTR. MG1655' 511145 ? ? ? ? ? ? ? ? 'ESCHERICHIA COLI' 469008 ? 
? ? ? ? ? 'BL21(DE3)' 'GOLD PLYSS'      ? ? ? ? ? ? PLASMID P11    ? ? ? ? ? 
# 
loop_
_chem_comp.id 
_chem_comp.type 
_chem_comp.mon_nstd_flag 
_chem_comp.name 
_chem_comp.pdbx_synonyms 
_chem_comp.formula 
_chem_comp.formula_weight 
ALA 'L-peptide linking' y ALANINE         ? 'C3 H7 N O2'     89.093  
ARG 'L-peptide linking' y ARGININE        ? 'C6 H15 N4 O2 1' 175.209 
ASN 'L-peptide linking' y ASPARAGINE      ? 'C4 H8 N2 O3'    132.118 
ASP 'L-peptide linking' y 'ASPARTIC ACID' ? 'C4 H7 N O4'     133.103 
CYS 'L-peptide linking' y CYSTEINE        ? 'C3 H7 N O2 S'   121.158 
GLN 'L-peptide linking' y GLUTAMINE       ? 'C5 H10 N2 O3'   146.144 
GLU 'L-peptide linking' y 'GLUTAMIC ACID' ? 'C5 H9 N O4'     147.129 
GLY 'peptide linking'   y GLYCINE         ? 'C2 H5 N O2'     75.067  
HIS 'L-peptide linking' y HISTIDINE       ? 'C6 H10 N3 O2 1' 156.162 
ILE 'L-peptide linking' y ISOLEUCINE      ? 'C6 H13 N O2'    131.173 
LEU 'L-peptide linking' y LEUCINE         ? 'C6 H13 N O2'    131.173 
LYS 'L-peptide linking' y LYSINE          ? 'C6 H15 N2 O2 1' 147.195 
MET 'L-peptide linking' y METHIONINE      ? 'C5 H11 N O2 S'  149.211 
PHE 'L-peptide linking' y PHENYLALANINE   ? 'C9 H11 N O2'    165.189 
PRO 'L-peptide linking' y PROLINE         ? 'C5 H9 N O2'     115.130 
SER 'L-peptide linking' y SERINE          ? 'C3 H7 N O3'     105.093 
THR 'L-peptide linking' y THREONINE       ? 'C4 H9 N O3'     119.119 
TRP 'L-peptide linking' y TRYPTOPHAN      ? 'C11 H12 N2 O2'  204.225 
TYR 'L-peptide linking' y TYROSINE        ? 'C9 H11 N O3'    181.189 
VAL 'L-peptide linking' y VALINE          ? 'C5 H11 N O2'    117.146 
# 
loop_
_pdbx_poly_seq_scheme.asym_id 
_pdbx_poly_seq_scheme.entity_id 
_pdbx_poly_seq_scheme.seq_id 
_pdbx_poly_seq_scheme.mon_id 
_pdbx_poly_seq_scheme.ndb_seq_num 
_pdbx_poly_seq_scheme.pdb_seq_num 
_pdbx_poly_seq_scheme.auth_seq_num 
_pdbx_poly_seq_scheme.pdb_mon_id 
_pdbx_poly_seq_scheme.auth_mon_id 
_pdbx_poly_seq_scheme.pdb_strand_id 
_pdbx_poly_seq_scheme.pdb_ins_code 
_pdbx_poly_seq_scheme.hetero 
A 1 1   MET 1   1   1   MET MET A . n 
A 1 2   ASN 2   2   2   ASN ASN A . n 
A 1 3   VAL 3   3   3   VAL VAL A . n 
A 1 4   ILE 4   4   4   ILE ILE A . n 
A 1 5   ALA 5   5   5   ALA ALA A . n 
A 1 6   ILE 6   6   6   ILE ILE A . n 
A 1 7   LEU 7   7   7   LEU LEU A . n 
A 1 8   ASN 8   8   8   ASN ASN A . n 
A 1 9   HIS 9   9   9   HIS HIS A . n 
A 1 10  MET 10  10  10  MET MET A . n 
A 1 11  GLY 11  11  11  GLY GLY A . n 
A 1 12  VAL 12  12  12  VAL VAL A . n 
A 1 13  TYR 13  13  13  TYR TYR A . n 
A 1 14  PHE 14  14  14  PHE PHE A . n 
A 1 15  LYS 15  15  15  LYS LYS A . n 
A 1 16  GLU 16  16  16  GLU GLU A . n 
A 1 17  GLU 17  17  17  GLU GLU A . n 
A 1 18  PRO 18  18  18  PRO PRO A . n 
A 1 19  ILE 19  19  19  ILE ILE A . n 
A 1 20  ARG 20  20  20  ARG ARG A . n 
A 1 21  GLU 21  21  21  GLU GLU A . n 
A 1 22  LEU 22  22  22  LEU LEU A . n 
A 1 23  HIS 23  23  23  HIS HIS A . n 
A 1 24  ARG 24  24  24  ARG ARG A . n 
A 1 25  ALA 25  25  25  ALA ALA A . n 
A 1 26  LEU 26  26  26  LEU LEU A . n 
A 1 27  GLU 27  27  27  GLU GLU A . n 
A 1 28  ARG 28  28  28  ARG ARG A . n 
A 1 29  LEU 29  29  29  LEU LEU A . n 
A 1 30  ASN 30  30  30  ASN ASN A . n 
A 1 31  PHE 31  31  31  PHE PHE A . n 
A 1 32  GLN 32  32  32  GLN GLN A . n 
A 1 33  ILE 33  33  33  ILE ILE A . n 
A 1 34  VAL 34  34  34  VAL VAL A . n 
A 1 35  TYR 35  35  35  TYR TYR A . n 
A 1 36  PRO 36  36  36  PRO PRO A . n 
A 1 37  ASN 37  37  37  ASN ASN A . n 
A 1 38  ASP 38  38  38  ASP ASP A . n 
A 1 39  ARG 39  39  39  ARG ARG A . n 
A 1 40  ASP 40  40  40  ASP ASP A . n 
A 1 41  ASP 41  41  41  ASP ASP A . n 
A 1 42  LEU 42  42  42  LEU LEU A . n 
A 1 43  LEU 43  43  43  LEU LEU A . n 
A 1 44  LYS 44  44  44  LYS LYS A . n 
A 1 45  LEU 45  45  45  LEU LEU A . n 
A 1 46  ILE 46  46  46  ILE ILE A . n 
A 1 47  GLU 47  47  47  GLU GLU A . n 
A 1 48  ASN 48  48  48  ASN ASN A . n 
A 1 49  ASN 49  49  49  ASN ASN A . n 
A 1 50  ALA 50  50  50  ALA ALA A . n 
A 1 51  ARG 51  51  51  ARG ARG A . n 
A 1 52  LEU 52  52  52  LEU LEU A . n 
A 1 53  CYS 53  53  53  CYS CYS A . n 
A 1 54  GLY 54  54  54  GLY GLY A . n 
A 1 55  VAL 55  55  55  VAL VAL A . n 
A 1 56  ILE 56  56  56  ILE ILE A . n 
A 1 57  PHE 57  57  57  PHE PHE A . n 
A 1 58  ASP 58  58  58  ASP ASP A . n 
A 1 59  TRP 59  59  59  TRP TRP A . n 
A 1 60  ASP 60  60  60  ASP ASP A . n 
A 1 61  LYS 61  61  61  LYS LYS A . n 
A 1 62  TYR 62  62  62  TYR TYR A . n 
A 1 63  ASN 63  63  63  ASN ASN A . n 
A 1 64  LEU 64  64  64  LEU LEU A . n 
A 1 65  GLU 65  65  65  GLU GLU A . n 
A 1 66  LEU 66  66  66  LEU LEU A . n 
A 1 67  CYS 67  67  67  CYS CYS A . n 
A 1 68  GLU 68  68  68  GLU GLU A . n 
A 1 69  GLU 69  69  69  GLU GLU A . n 
A 1 70  ILE 70  70  70  ILE ILE A . n 
A 1 71  SER 71  71  71  SER SER A . n 
A 1 72  LYS 72  72  72  LYS LYS A . n 
A 1 73  MET 73  73  73  MET MET A . n 
A 1 74  ASN 74  74  74  ASN ASN A . n 
A 1 75  GLU 75  75  75  GLU GLU A . n 
A 1 76  ASN 76  76  76  ASN ASN A . n 
A 1 77  LEU 77  77  77  LEU LEU A . n 
A 1 78  PRO 78  78  78  PRO PRO A . n 
A 1 79  LEU 79  79  79  LEU LEU A . n 
A 1 80  TYR 80  80  80  TYR TYR A . n 
A 1 81  ALA 81  81  81  ALA ALA A . n 
A 1 82  PHE 82  82  82  PHE PHE A . n 
A 1 83  ALA 83  83  83  ALA ALA A . n 
A 1 84  ASN 84  84  84  ASN ASN A . n 
A 1 85  THR 85  85  85  THR THR A . n 
A 1 86  TYR 86  86  86  TYR TYR A . n 
A 1 87  SER 87  87  87  SER SER A . n 
A 1 88  THR 88  88  88  THR THR A . n 
A 1 89  LEU 89  89  89  LEU LEU A . n 
A 1 90  ASP 90  90  90  ASP ASP A . n 
A 1 91  VAL 91  91  91  VAL VAL A . n 
A 1 92  SER 92  92  92  SER SER A . n 
A 1 93  LEU 93  93  93  LEU LEU A . n 
A 1 94  ASN 94  94  94  ASN ASN A . n 
A 1 95  ASP 95  95  95  ASP ASP A . n 
A 1 96  LEU 96  96  96  LEU LEU A . n 
A 1 97  ARG 97  97  97  ARG ARG A . n 
A 1 98  LEU 98  98  98  LEU LEU A . n 
A 1 99  GLN 99  99  99  GLN GLN A . n 
A 1 100 ILE 100 100 100 ILE ILE A . n 
A 1 101 SER 101 101 101 SER SER A . n 
A 1 102 PHE 102 102 102 PHE PHE A . n 
A 1 103 PHE 103 103 103 PHE PHE A . n 
A 1 104 GLU 104 104 104 GLU GLU A . n 
A 1 105 TYR 105 105 105 TYR TYR A . n 
A 1 106 ALA 106 106 106 ALA ALA A . n 
A 1 107 LEU 107 107 107 LEU LEU A . n 
A 1 108 GLY 108 108 108 GLY GLY A . n 
A 1 109 ALA 109 109 109 ALA ALA A . n 
A 1 110 ALA 110 110 110 ALA ALA A . n 
A 1 111 GLU 111 111 111 GLU GLU A . n 
A 1 112 ASP 112 112 112 ASP ASP A . n 
A 1 113 ILE 113 113 113 ILE ILE A . n 
A 1 114 ALA 114 114 114 ALA ALA A . n 
A 1 115 ASN 115 115 115 ASN ASN A . n 
A 1 116 LYS 116 116 116 LYS LYS A . n 
A 1 117 ILE 117 117 117 ILE ILE A . n 
A 1 118 LYS 118 118 118 LYS LYS A . n 
A 1 119 GLN 119 119 119 GLN GLN A . n 
A 1 120 THR 120 120 120 THR THR A . n 
A 1 121 THR 121 121 121 THR THR A . n 
A 1 122 ASP 122 122 122 ASP ASP A . n 
A 1 123 GLU 123 123 123 GLU GLU A . n 
A 1 124 TYR 124 124 124 TYR TYR A . n 
A 1 125 ILE 125 125 125 ILE ILE A . n 
A 1 126 ASN 126 126 126 ASN ASN A . n 
A 1 127 THR 127 127 127 THR THR A . n 
A 1 128 ILE 128 128 128 ILE ILE A . n 
A 1 129 LEU 129 129 129 LEU LEU A . n 
A 1 130 PRO 130 130 130 PRO PRO A . n 
A 1 131 PRO 131 131 131 PRO PRO A . n 
A 1 132 LEU 132 132 132 LEU LEU A . n 
A 1 133 THR 133 133 133 THR THR A . n 
A 1 134 LYS 134 134 134 LYS LYS A . n 
A 1 135 ALA 135 135 135 ALA ALA A . n 
A 1 136 LEU 136 136 136 LEU LEU A . n 
A 1 137 PHE 137 137 137 PHE PHE A . n 
A 1 138 LYS 138 138 138 LYS LYS A . n 
A 1 139 TYR 139 139 139 TYR TYR A . n 
A 1 140 VAL 140 140 140 VAL VAL A . n 
A 1 141 ARG 141 141 141 ARG ARG A . n 
A 1 142 GLU 142 142 142 GLU GLU A . n 
A 1 143 GLY 143 143 143 GLY GLY A . n 
A 1 144 LYS 144 144 144 LYS LYS A . n 
A 1 145 TYR 145 145 145 TYR TYR A . n 
A 1 146 THR 146 146 146 THR THR A . n 
A 1 147 PHE 147 147 147 PHE PHE A . n 
A 1 148 CYS 148 148 148 CYS CYS A . n 
A 1 149 THR 149 149 149 THR THR A . n 
A 1 150 PRO 150 150 150 PRO PRO A . n 
A 1 151 GLY 151 151 151 GLY GLY A . n 
A 1 152 HIS 152 152 152 HIS HIS A . n 
A 1 153 MET 153 153 153 MET MET A . n 
A 1 154 GLY 154 154 154 GLY GLY A . n 
A 1 155 GLY 155 155 155 GLY GLY A . n 
A 1 156 THR 156 156 156 THR THR A . n 
A 1 157 ALA 157 157 157 ALA ALA A . n 
A 1 158 PHE 158 158 158 PHE PHE A . n 
A 1 159 GLN 159 159 159 GLN GLN A . n 
A 1 160 LYS 160 160 160 LYS LYS A . n 
A 1 161 SER 161 161 161 SER SER A . n 
A 1 162 PRO 162 162 162 PRO PRO A . n 
A 1 163 VAL 163 163 163 VAL VAL A . n 
A 1 164 GLY 164 164 164 GLY GLY A . n 
A 1 165 SER 165 165 165 SER SER A . n 
A 1 166 LEU 166 166 166 LEU LEU A . n 
A 1 167 PHE 167 167 167 PHE PHE A . n 
A 1 168 TYR 168 168 168 TYR TYR A . n 
A 1 169 ASP 169 169 169 ASP ASP A . n 
A 1 170 PHE 170 170 170 PHE PHE A . n 
A 1 171 PHE 171 171 171 PHE PHE A . n 
A 1 172 GLY 172 172 172 GLY GLY A . n 
A 1 173 PRO 173 173 173 PRO PRO A . n 
A 1 174 ASN 174 174 174 ASN ASN A . n 
A 1 175 THR 175 175 175 THR THR A . n 
A 1 176 MET 176 176 176 MET MET A . n 
A 1 177 LYS 177 177 177 LYS LYS A . n 
A 1 178 SER 178 178 178 SER SER A . n 
A 1 179 ASP 179 179 179 ASP ASP A . n 
A 1 180 ILE 180 180 180 ILE ILE A . n 
A 1 181 SER 181 181 181 SER SER A . n 
A 1 182 ILE 182 182 182 ILE ILE A . n 
A 1 183 SER 183 183 183 SER SER A . n 
A 1 184 VAL 184 184 184 VAL VAL A . n 
A 1 185 SER 185 185 185 SER SER A . n 
A 1 186 GLU 186 186 186 GLU GLU A . n 
A 1 187 LEU 187 187 187 LEU LEU A . n 
A 1 188 GLY 188 188 188 GLY GLY A . n 
A 1 189 SER 189 189 189 SER SER A . n 
A 1 190 LEU 190 190 190 LEU LEU A . n 
A 1 191 LEU 191 191 191 LEU LEU A . n 
A 1 192 ASP 192 192 192 ASP ASP A . n 
A 1 193 HIS 193 193 193 HIS HIS A . n 
A 1 194 SER 194 194 194 SER SER A . n 
A 1 195 GLY 195 195 195 GLY GLY A . n 
A 1 196 PRO 196 196 196 PRO PRO A . n 
A 1 197 HIS 197 197 197 HIS HIS A . n 
A 1 198 LYS 198 198 198 LYS LYS A . n 
A 1 199 GLU 199 199 199 GLU GLU A . n 
A 1 200 ALA 200 200 200 ALA ALA A . n 
A 1 201 GLU 201 201 201 GLU GLU A . n 
A 1 202 GLN 202 202 202 GLN GLN A . n 
A 1 203 TYR 203 203 203 TYR TYR A . n 
A 1 204 ILE 204 204 204 ILE ILE A . n 
A 1 205 ALA 205 205 205 ALA ALA A . n 
A 1 206 ARG 206 206 206 ARG ARG A . n 
A 1 207 VAL 207 207 207 VAL VAL A . n 
A 1 208 PHE 208 208 208 PHE PHE A . n 
A 1 209 ASN 209 209 209 ASN ASN A . n 
A 1 210 ALA 210 210 210 ALA ALA A . n 
A 1 211 ASP 211 211 211 ASP ASP A . n 
A 1 212 ARG 212 212 212 ARG ARG A . n 
A 1 213 SER 213 213 213 SER SER A . n 
A 1 214 TYR 214 214 214 TYR TYR A . n 
A 1 215 MET 215 215 215 MET MET A . n 
A 1 216 VAL 216 216 216 VAL VAL A . n 
A 1 217 THR 217 217 217 THR THR A . n 
A 1 218 ASN 218 218 218 ASN ASN A . n 
A 1 219 GLY 219 219 219 GLY GLY A . n 
A 1 220 THR 220 220 220 THR THR A . n 
A 1 221 SER 221 221 221 SER SER A . n 
A 1 222 THR 222 222 222 THR THR A . n 
A 1 223 ALA 223 223 223 ALA ALA A . n 
A 1 224 ASN 224 224 224 ASN ASN A . n 
A 1 225 LYS 225 225 225 LYS LYS A . n 
A 1 226 ILE 226 226 226 ILE ILE A . n 
A 1 227 VAL 227 227 227 VAL VAL A . n 
A 1 228 GLY 228 228 228 GLY GLY A . n 
A 1 229 MET 229 229 229 MET MET A . n 
A 1 230 TYR 230 230 230 TYR TYR A . n 
A 1 231 SER 231 231 231 SER SER A . n 
A 1 232 ALA 232 232 232 ALA ALA A . n 
A 1 233 PRO 233 233 233 PRO PRO A . n 
A 1 234 ALA 234 234 234 ALA ALA A . n 
A 1 235 GLY 235 235 235 GLY GLY A . n 
A 1 236 SER 236 236 236 SER SER A . n 
A 1 237 THR 237 237 237 THR THR A . n 
A 1 238 ILE 238 238 238 ILE ILE A . n 
A 1 239 LEU 239 239 239 LEU LEU A . n 
A 1 240 ILE 240 240 240 ILE ILE A . n 
A 1 241 ASP 241 241 241 ASP ASP A . n 
A 1 242 ARG 242 242 242 ARG ARG A . n 
A 1 243 ASN 243 243 243 ASN ASN A . n 
A 1 244 CYS 244 244 244 CYS CYS A . n 
A 1 245 HIS 245 245 245 HIS HIS A . n 
A 1 246 LYS 246 246 246 LYS LYS A . n 
A 1 247 SER 247 247 247 SER SER A . n 
A 1 248 LEU 248 248 248 LEU LEU A . n 
A 1 249 THR 249 249 249 THR THR A . n 
A 1 250 HIS 250 250 250 HIS HIS A . n 
A 1 251 LEU 251 251 251 LEU LEU A . n 
A 1 252 MET 252 252 252 MET MET A . n 
A 1 253 MET 253 253 253 MET MET A . n 
A 1 254 MET 254 254 254 MET MET A . n 
A 1 255 SER 255 255 255 SER SER A . n 
A 1 256 ASP 256 256 256 ASP ASP A . n 
A 1 257 VAL 257 257 257 VAL VAL A . n 
A 1 258 THR 258 258 258 THR THR A . n 
A 1 259 PRO 259 259 259 PRO PRO A . n 
A 1 260 ILE 260 260 260 ILE ILE A . n 
A 1 261 TYR 261 261 261 TYR TYR A . n 
A 1 262 PHE 262 262 262 PHE PHE A . n 
A 1 263 ARG 263 263 263 ARG ARG A . n 
A 1 264 PRO 264 264 264 PRO PRO A . n 
A 1 265 THR 265 265 265 THR THR A . n 
A 1 266 ARG 266 266 266 ARG ARG A . n 
A 1 267 ASN 267 267 267 ASN ASN A . n 
A 1 268 ALA 268 268 268 ALA ALA A . n 
A 1 269 TYR 269 269 269 TYR TYR A . n 
A 1 270 GLY 270 270 270 GLY GLY A . n 
A 1 271 ILE 271 271 271 ILE ILE A . n 
A 1 272 LEU 272 272 272 LEU LEU A . n 
A 1 273 GLY 273 273 273 GLY GLY A . n 
A 1 274 GLY 274 274 274 GLY GLY A . n 
A 1 275 ILE 275 275 275 ILE ILE A . n 
A 1 276 PRO 276 276 276 PRO PRO A . n 
A 1 277 GLN 277 277 277 GLN GLN A . n 
A 1 278 SER 278 278 278 SER SER A . n 
A 1 279 GLU 279 279 279 GLU GLU A . n 
A 1 280 PHE 280 280 280 PHE PHE A . n 
A 1 281 GLN 281 281 281 GLN GLN A . n 
A 1 282 HIS 282 282 282 HIS HIS A . n 
A 1 283 ALA 283 283 283 ALA ALA A . n 
A 1 284 THR 284 284 284 THR THR A . n 
A 1 285 ILE 285 285 285 ILE ILE A . n 
A 1 286 ALA 286 286 286 ALA ALA A . n 
A 1 287 LYS 287 287 287 LYS LYS A . n 
A 1 288 ARG 288 288 288 ARG ARG A . n 
A 1 289 VAL 289 289 289 VAL VAL A . n 
A 1 290 LYS 290 290 290 LYS LYS A . n 
A 1 291 GLU 291 291 291 GLU GLU A . n 
A 1 292 THR 292 292 292 THR THR A . n 
A 1 293 PRO 293 293 293 PRO PRO A . n 
A 1 294 ASN 294 294 294 ASN ASN A . n 
A 1 295 ALA 295 295 295 ALA ALA A . n 
A 1 296 THR 296 296 296 THR THR A . n 
A 1 297 TRP 297 297 297 TRP TRP A . n 
A 1 298 PRO 298 298 298 PRO PRO A . n 
A 1 299 VAL 299 299 299 VAL VAL A . n 
A 1 300 HIS 300 300 300 HIS HIS A . n 
A 1 301 ALA 301 301 301 ALA ALA A . n 
A 1 302 VAL 302 302 302 VAL VAL A . n 
A 1 303 ILE 303 303 303 ILE ILE A . n 
A 1 304 THR 304 304 304 THR THR A . n 
A 1 305 ASN 305 305 305 ASN ASN A . n 
A 1 306 SER 306 306 306 SER SER A . n 
A 1 307 THR 307 307 307 THR THR A . n 
A 1 308 TYR 308 308 308 TYR TYR A . n 
A 1 309 ASP 309 309 309 ASP ASP A . n 
A 1 310 GLY 310 310 310 GLY GLY A . n 
A 1 311 LEU 311 311 311 LEU LEU A . n 
A 1 312 LEU 312 312 312 LEU LEU A . n 
A 1 313 TYR 313 313 313 TYR TYR A . n 
A 1 314 ASN 314 314 314 ASN ASN A . n 
A 1 315 THR 315 315 315 THR THR A . n 
A 1 316 ASP 316 316 316 ASP ASP A . n 
A 1 317 PHE 317 317 317 PHE PHE A . n 
A 1 318 ILE 318 318 318 ILE ILE A . n 
A 1 319 LYS 319 319 319 LYS LYS A . n 
A 1 320 LYS 320 320 320 LYS LYS A . n 
A 1 321 THR 321 321 321 THR THR A . n 
A 1 322 LEU 322 322 322 LEU LEU A . n 
A 1 323 ASP 323 323 323 ASP ASP A . n 
A 1 324 VAL 324 324 324 VAL VAL A . n 
A 1 325 LYS 325 325 325 LYS LYS A . n 
A 1 326 SER 326 326 326 SER SER A . n 
A 1 327 ILE 327 327 327 ILE ILE A . n 
A 1 328 HIS 328 328 328 HIS HIS A . n 
A 1 329 PHE 329 329 329 PHE PHE A . n 
A 1 330 ASP 330 330 330 ASP ASP A . n 
A 1 331 SER 331 331 331 SER SER A . n 
A 1 332 ALA 332 332 332 ALA ALA A . n 
A 1 333 TRP 333 333 333 TRP TRP A . n 
A 1 334 VAL 334 334 334 VAL VAL A . n 
A 1 335 PRO 335 335 335 PRO PRO A . n 
A 1 336 TYR 336 336 336 TYR TYR A . n 
A 1 337 THR 337 337 337 THR THR A . n 
A 1 338 ASN 338 338 338 ASN ASN A . n 
A 1 339 PHE 339 339 339 PHE PHE A . n 
A 1 340 SER 340 340 340 SER SER A . n 
A 1 341 PRO 341 341 341 PRO PRO A . n 
A 1 342 ILE 342 342 342 ILE ILE A . n 
A 1 343 TYR 343 343 343 TYR TYR A . n 
A 1 344 GLU 344 344 344 GLU GLU A . n 
A 1 345 GLY 345 345 345 GLY GLY A . n 
A 1 346 LYS 346 346 346 LYS LYS A . n 
A 1 347 CYS 347 347 347 CYS CYS A . n 
A 1 348 GLY 348 348 348 GLY GLY A . n 
A 1 349 MET 349 349 349 MET MET A . n 
A 1 350 SER 350 350 350 SER SER A . n 
A 1 351 GLY 351 351 351 GLY GLY A . n 
A 1 352 GLY 352 352 352 GLY GLY A . n 
A 1 353 ARG 353 353 353 ARG ARG A . n 
A 1 354 VAL 354 354 354 VAL VAL A . n 
A 1 355 GLU 355 355 355 GLU GLU A . n 
A 1 356 GLY 356 356 356 GLY GLY A . n 
A 1 357 LYS 357 357 357 LYS LYS A . n 
A 1 358 VAL 358 358 358 VAL VAL A . n 
A 1 359 ILE 359 359 359 ILE ILE A . n 
A 1 360 TYR 360 360 360 TYR TYR A . n 
A 1 361 GLU 361 361 361 GLU GLU A . n 
A 1 362 THR 362 362 362 THR THR A . n 
A 1 363 GLN 363 363 363 GLN GLN A . n 
A 1 364 SER 364 364 364 SER SER A . n 
A 1 365 THR 365 365 365 THR THR A . n 
A 1 366 HIS 366 366 366 HIS HIS A . n 
A 1 367 LYS 367 367 ?   ?   ?   A . n 
A 1 368 LEU 368 368 368 LEU LEU A . n 
A 1 369 LEU 369 369 369 LEU LEU A . n 
A 1 370 ALA 370 370 370 ALA ALA A . n 
A 1 371 ALA 371 371 371 ALA ALA A . n 
A 1 372 PHE 372 372 372 PHE PHE A . n 
A 1 373 SER 373 373 373 SER SER A . n 
A 1 374 GLN 374 374 374 GLN GLN A . n 
A 1 375 ALA 375 375 375 ALA ALA A . n 
A 1 376 SER 376 376 376 SER SER A . n 
A 1 377 MET 377 377 377 MET MET A . n 
A 1 378 ILE 378 378 378 ILE ILE A . n 
A 1 379 HIS 379 379 379 HIS HIS A . n 
A 1 380 VAL 380 380 380 VAL VAL A . n 
A 1 381 LYS 381 381 381 LYS LYS A . n 
A 1 382 GLY 382 382 382 GLY GLY A . n 
A 1 383 ASP 383 383 383 ASP ASP A . n 
A 1 384 VAL 384 384 384 VAL VAL A . n 
A 1 385 ASN 385 385 385 ASN ASN A . n 
A 1 386 GLU 386 386 386 GLU GLU A . n 
A 1 387 GLU 387 387 387 GLU GLU A . n 
A 1 388 THR 388 388 388 THR THR A . n 
A 1 389 PHE 389 389 389 PHE PHE A . n 
A 1 390 ASN 390 390 390 ASN ASN A . n 
A 1 391 GLU 391 391 391 GLU GLU A . n 
A 1 392 ALA 392 392 392 ALA ALA A . n 
A 1 393 TYR 393 393 393 TYR TYR A . n 
A 1 394 MET 394 394 394 MET MET A . n 
A 1 395 MET 395 395 395 MET MET A . n 
A 1 396 HIS 396 396 396 HIS HIS A . n 
A 1 397 THR 397 397 397 THR THR A . n 
A 1 398 THR 398 398 398 THR THR A . n 
A 1 399 THR 399 399 399 THR THR A . n 
A 1 400 SER 400 400 400 SER SER A . n 
A 1 401 PRO 401 401 401 PRO PRO A . n 
A 1 402 HIS 402 402 402 HIS HIS A . n 
A 1 403 TYR 403 403 403 TYR TYR A . n 
A 1 404 GLY 404 404 404 GLY GLY A . n 
A 1 405 ILE 405 405 405 ILE ILE A . n 
A 1 406 VAL 406 406 406 VAL VAL A . n 
A 1 407 ALA 407 407 407 ALA ALA A . n 
A 1 408 SER 408 408 408 SER SER A . n 
A 1 409 THR 409 409 409 THR THR A . n 
A 1 410 GLU 410 410 410 GLU GLU A . n 
A 1 411 THR 411 411 411 THR THR A . n 
A 1 412 ALA 412 412 412 ALA ALA A . n 
A 1 413 ALA 413 413 413 ALA ALA A . n 
A 1 414 ALA 414 414 414 ALA ALA A . n 
A 1 415 MET 415 415 415 MET MET A . n 
A 1 416 MET 416 416 416 MET MET A . n 
A 1 417 LYS 417 417 417 LYS LYS A . n 
A 1 418 GLY 418 418 418 GLY GLY A . n 
A 1 419 ASN 419 419 419 ASN ASN A . n 
A 1 420 ALA 420 420 420 ALA ALA A . n 
A 1 421 GLY 421 421 421 GLY GLY A . n 
A 1 422 LYS 422 422 422 LYS LYS A . n 
A 1 423 ARG 423 423 423 ARG ARG A . n 
A 1 424 LEU 424 424 424 LEU LEU A . n 
A 1 425 ILE 425 425 425 ILE ILE A . n 
A 1 426 ASN 426 426 426 ASN ASN A . n 
A 1 427 GLY 427 427 427 GLY GLY A . n 
A 1 428 SER 428 428 428 SER SER A . n 
A 1 429 ILE 429 429 429 ILE ILE A . n 
A 1 430 GLU 430 430 430 GLU GLU A . n 
A 1 431 ARG 431 431 431 ARG ARG A . n 
A 1 432 ALA 432 432 432 ALA ALA A . n 
A 1 433 ILE 433 433 433 ILE ILE A . n 
A 1 434 LYS 434 434 434 LYS LYS A . n 
A 1 435 PHE 435 435 435 PHE PHE A . n 
A 1 436 ARG 436 436 436 ARG ARG A . n 
A 1 437 LYS 437 437 437 LYS LYS A . n 
A 1 438 GLU 438 438 438 GLU GLU A . n 
A 1 439 ILE 439 439 439 ILE ILE A . n 
A 1 440 LYS 440 440 440 LYS LYS A . n 
A 1 441 ARG 441 441 441 ARG ARG A . n 
A 1 442 LEU 442 442 442 LEU LEU A . n 
A 1 443 ARG 443 443 443 ARG ARG A . n 
A 1 444 THR 444 444 444 THR THR A . n 
A 1 445 GLU 445 445 445 GLU GLU A . n 
A 1 446 SER 446 446 446 SER SER A . n 
A 1 447 ASP 447 447 447 ASP ASP A . n 
A 1 448 GLY 448 448 448 GLY GLY A . n 
A 1 449 TRP 449 449 449 TRP TRP A . n 
A 1 450 PHE 450 450 450 PHE PHE A . n 
A 1 451 PHE 451 451 451 PHE PHE A . n 
A 1 452 ASP 452 452 452 ASP ASP A . n 
A 1 453 VAL 453 453 453 VAL VAL A . n 
A 1 454 TRP 454 454 454 TRP TRP A . n 
A 1 455 GLN 455 455 455 GLN GLN A . n 
A 1 456 PRO 456 456 456 PRO PRO A . n 
A 1 457 ASP 457 457 457 ASP ASP A . n 
A 1 458 HIS 458 458 458 HIS HIS A . n 
A 1 459 ILE 459 459 459 ILE ILE A . n 
A 1 460 ASP 460 460 460 ASP ASP A . n 
A 1 461 THR 461 461 461 THR THR A . n 
A 1 462 THR 462 462 462 THR THR A . n 
A 1 463 GLU 463 463 463 GLU GLU A . n 
A 1 464 CYS 464 464 464 CYS CYS A . n 
A 1 465 TRP 465 465 465 TRP TRP A . n 
A 1 466 PRO 466 466 466 PRO PRO A . n 
A 1 467 LEU 467 467 467 LEU LEU A . n 
A 1 468 ARG 468 468 468 ARG ARG A . n 
A 1 469 SER 469 469 469 SER SER A . n 
A 1 470 ASP 470 470 470 ASP ASP A . n 
A 1 471 SER 471 471 471 SER SER A . n 
A 1 472 THR 472 472 472 THR THR A . n 
A 1 473 TRP 473 473 473 TRP TRP A . n 
A 1 474 HIS 474 474 474 HIS HIS A . n 
A 1 475 GLY 475 475 475 GLY GLY A . n 
A 1 476 PHE 476 476 476 PHE PHE A . n 
A 1 477 LYS 477 477 477 LYS LYS A . n 
A 1 478 ASN 478 478 478 ASN ASN A . n 
A 1 479 ILE 479 479 479 ILE ILE A . n 
A 1 480 ASP 480 480 480 ASP ASP A . n 
A 1 481 ASN 481 481 481 ASN ASN A . n 
A 1 482 GLU 482 482 482 GLU GLU A . n 
A 1 483 HIS 483 483 483 HIS HIS A . n 
A 1 484 MET 484 484 484 MET MET A . n 
A 1 485 TYR 485 485 485 TYR TYR A . n 
A 1 486 LEU 486 486 486 LEU LEU A . n 
A 1 487 ASP 487 487 487 ASP ASP A . n 
A 1 488 PRO 488 488 488 PRO PRO A . n 
A 1 489 ILE 489 489 489 ILE ILE A . n 
A 1 490 LYS 490 490 490 LYS LYS A . n 
A 1 491 VAL 491 491 491 VAL VAL A . n 
A 1 492 THR 492 492 492 THR THR A . n 
A 1 493 LEU 493 493 493 LEU LEU A . n 
A 1 494 LEU 494 494 494 LEU LEU A . n 
A 1 495 THR 495 495 495 THR THR A . n 
A 1 496 PRO 496 496 496 PRO PRO A . n 
A 1 497 GLY 497 497 497 GLY GLY A . n 
A 1 498 MET 498 498 498 MET MET A . n 
A 1 499 GLU 499 499 499 GLU GLU A . n 
A 1 500 LYS 500 500 500 LYS LYS A . n 
A 1 501 ASP 501 501 501 ASP ASP A . n 
A 1 502 GLY 502 502 502 GLY GLY A . n 
A 1 503 THR 503 503 503 THR THR A . n 
A 1 504 MET 504 504 504 MET MET A . n 
A 1 505 SER 505 505 505 SER SER A . n 
A 1 506 ASP 506 506 506 ASP ASP A . n 
A 1 507 PHE 507 507 507 PHE PHE A . n 
A 1 508 GLY 508 508 508 GLY GLY A . n 
A 1 509 ILE 509 509 509 ILE ILE A . n 
A 1 510 PRO 510 510 510 PRO PRO A . n 
A 1 511 ALA 511 511 511 ALA ALA A . n 
A 1 512 SER 512 512 512 SER SER A . n 
A 1 513 ILE 513 513 513 ILE ILE A . n 
A 1 514 VAL 514 514 514 VAL VAL A . n 
A 1 515 ALA 515 515 515 ALA ALA A . n 
A 1 516 LYS 516 516 516 LYS LYS A . n 
A 1 517 TYR 517 517 517 TYR TYR A . n 
A 1 518 LEU 518 518 518 LEU LEU A . n 
A 1 519 ASP 519 519 519 ASP ASP A . n 
A 1 520 GLU 520 520 520 GLU GLU A . n 
A 1 521 HIS 521 521 521 HIS HIS A . n 
A 1 522 GLY 522 522 522 GLY GLY A . n 
A 1 523 ILE 523 523 523 ILE ILE A . n 
A 1 524 VAL 524 524 524 VAL VAL A . n 
A 1 525 VAL 525 525 525 VAL VAL A . n 
A 1 526 GLU 526 526 526 GLU GLU A . n 
A 1 527 LYS 527 527 527 LYS LYS A . n 
A 1 528 THR 528 528 528 THR THR A . n 
A 1 529 GLY 529 529 529 GLY GLY A . n 
A 1 530 PRO 530 530 530 PRO PRO A . n 
A 1 531 TYR 531 531 531 TYR TYR A . n 
A 1 532 ASN 532 532 532 ASN ASN A . n 
A 1 533 LEU 533 533 533 LEU LEU A . n 
A 1 534 LEU 534 534 534 LEU LEU A . n 
A 1 535 PHE 535 535 535 PHE PHE A . n 
A 1 536 LEU 536 536 536 LEU LEU A . n 
A 1 537 PHE 537 537 537 PHE PHE A . n 
A 1 538 SER 538 538 538 SER SER A . n 
A 1 539 ILE 539 539 539 ILE ILE A . n 
A 1 540 GLY 540 540 540 GLY GLY A . n 
A 1 541 ILE 541 541 541 ILE ILE A . n 
A 1 542 ASP 542 542 542 ASP ASP A . n 
A 1 543 LYS 543 543 543 LYS LYS A . n 
A 1 544 THR 544 544 544 THR THR A . n 
A 1 545 LYS 545 545 545 LYS LYS A . n 
A 1 546 ALA 546 546 546 ALA ALA A . n 
A 1 547 LEU 547 547 547 LEU LEU A . n 
A 1 548 SER 548 548 548 SER SER A . n 
A 1 549 LEU 549 549 549 LEU LEU A . n 
A 1 550 LEU 550 550 550 LEU LEU A . n 
A 1 551 ARG 551 551 551 ARG ARG A . n 
A 1 552 ALA 552 552 552 ALA ALA A . n 
A 1 553 LEU 553 553 553 LEU LEU A . n 
A 1 554 THR 554 554 554 THR THR A . n 
A 1 555 ASP 555 555 555 ASP ASP A . n 
A 1 556 PHE 556 556 556 PHE PHE A . n 
A 1 557 LYS 557 557 557 LYS LYS A . n 
A 1 558 ARG 558 558 558 ARG ARG A . n 
A 1 559 ALA 559 559 559 ALA ALA A . n 
A 1 560 PHE 560 560 560 PHE PHE A . n 
A 1 561 ASP 561 561 561 ASP ASP A . n 
A 1 562 LEU 562 562 562 LEU LEU A . n 
A 1 563 ASN 563 563 563 ASN ASN A . n 
A 1 564 LEU 564 564 564 LEU LEU A . n 
A 1 565 ARG 565 565 565 ARG ARG A . n 
A 1 566 VAL 566 566 566 VAL VAL A . n 
A 1 567 LYS 567 567 567 LYS LYS A . n 
A 1 568 ASN 568 568 568 ASN ASN A . n 
A 1 569 MET 569 569 569 MET MET A . n 
A 1 570 LEU 570 570 570 LEU LEU A . n 
A 1 571 PRO 571 571 571 PRO PRO A . n 
A 1 572 SER 572 572 572 SER SER A . n 
A 1 573 LEU 573 573 573 LEU LEU A . n 
A 1 574 TYR 574 574 574 TYR TYR A . n 
A 1 575 ARG 575 575 575 ARG ARG A . n 
A 1 576 GLU 576 576 576 GLU GLU A . n 
A 1 577 ASP 577 577 577 ASP ASP A . n 
A 1 578 PRO 578 578 578 PRO PRO A . n 
A 1 579 GLU 579 579 579 GLU GLU A . n 
A 1 580 PHE 580 580 580 PHE PHE A . n 
A 1 581 TYR 581 581 581 TYR TYR A . n 
A 1 582 GLU 582 582 582 GLU GLU A . n 
A 1 583 ASN 583 583 583 ASN ASN A . n 
A 1 584 MET 584 584 584 MET MET A . n 
A 1 585 ARG 585 585 585 ARG ARG A . n 
A 1 586 ILE 586 586 586 ILE ILE A . n 
A 1 587 GLN 587 587 587 GLN GLN A . n 
A 1 588 GLU 588 588 588 GLU GLU A . n 
A 1 589 LEU 589 589 589 LEU LEU A . n 
A 1 590 ALA 590 590 590 ALA ALA A . n 
A 1 591 GLN 591 591 591 GLN GLN A . n 
A 1 592 ASN 592 592 592 ASN ASN A . n 
A 1 593 ILE 593 593 593 ILE ILE A . n 
A 1 594 HIS 594 594 594 HIS HIS A . n 
A 1 595 LYS 595 595 595 LYS LYS A . n 
A 1 596 LEU 596 596 596 LEU LEU A . n 
A 1 597 ILE 597 597 597 ILE ILE A . n 
A 1 598 VAL 598 598 598 VAL VAL A . n 
A 1 599 HIS 599 599 599 HIS HIS A . n 
A 1 600 HIS 600 600 600 HIS HIS A . n 
A 1 601 ASN 601 601 601 ASN ASN A . n 
A 1 602 LEU 602 602 602 LEU LEU A . n 
A 1 603 PRO 603 603 603 PRO PRO A . n 
A 1 604 ASP 604 604 604 ASP ASP A . n 
A 1 605 LEU 605 605 605 LEU LEU A . n 
A 1 606 MET 606 606 606 MET MET A . n 
A 1 607 TYR 607 607 607 TYR TYR A . n 
A 1 608 ARG 608 608 608 ARG ARG A . n 
A 1 609 ALA 609 609 609 ALA ALA A . n 
A 1 610 PHE 610 610 610 PHE PHE A . n 
A 1 611 GLU 611 611 611 GLU GLU A . n 
A 1 612 VAL 612 612 612 VAL VAL A . n 
A 1 613 LEU 613 613 613 LEU LEU A . n 
A 1 614 PRO 614 614 614 PRO PRO A . n 
A 1 615 THR 615 615 615 THR THR A . n 
A 1 616 MET 616 616 616 MET MET A . n 
A 1 617 VAL 617 617 617 VAL VAL A . n 
A 1 618 MET 618 618 618 MET MET A . n 
A 1 619 THR 619 619 619 THR THR A . n 
A 1 620 PRO 620 620 620 PRO PRO A . n 
A 1 621 TYR 621 621 621 TYR TYR A . n 
A 1 622 ALA 622 622 622 ALA ALA A . n 
A 1 623 ALA 623 623 623 ALA ALA A . n 
A 1 624 PHE 624 624 624 PHE PHE A . n 
A 1 625 GLN 625 625 625 GLN GLN A . n 
A 1 626 LYS 626 626 626 LYS LYS A . n 
A 1 627 GLU 627 627 627 GLU GLU A . n 
A 1 628 LEU 628 628 628 LEU LEU A . n 
A 1 629 HIS 629 629 629 HIS HIS A . n 
A 1 630 GLY 630 630 630 GLY GLY A . n 
A 1 631 MET 631 631 631 MET MET A . n 
A 1 632 THR 632 632 632 THR THR A . n 
A 1 633 GLU 633 633 633 GLU GLU A . n 
A 1 634 GLU 634 634 634 GLU GLU A . n 
A 1 635 VAL 635 635 635 VAL VAL A . n 
A 1 636 TYR 636 636 636 TYR TYR A . n 
A 1 637 LEU 637 637 637 LEU LEU A . n 
A 1 638 ASP 638 638 638 ASP ASP A . n 
A 1 639 GLU 639 639 639 GLU GLU A . n 
A 1 640 MET 640 640 640 MET MET A . n 
A 1 641 VAL 641 641 641 VAL VAL A . n 
A 1 642 GLY 642 642 642 GLY GLY A . n 
A 1 643 ARG 643 643 643 ARG ARG A . n 
A 1 644 ILE 644 644 644 ILE ILE A . n 
A 1 645 ASN 645 645 645 ASN ASN A . n 
A 1 646 ALA 646 646 646 ALA ALA A . n 
A 1 647 ASN 647 647 647 ASN ASN A . n 
A 1 648 MET 648 648 648 MET MET A . n 
A 1 649 ILE 649 649 649 ILE ILE A . n 
A 1 650 LEU 650 650 650 LEU LEU A . n 
A 1 651 PRO 651 651 651 PRO PRO A . n 
A 1 652 TYR 652 652 652 TYR TYR A . n 
A 1 653 PRO 653 653 653 PRO PRO A . n 
A 1 654 PRO 654 654 654 PRO PRO A . n 
A 1 655 GLY 655 655 655 GLY GLY A . n 
A 1 656 VAL 656 656 656 VAL VAL A . n 
A 1 657 PRO 657 657 657 PRO PRO A . n 
A 1 658 LEU 658 658 658 LEU LEU A . n 
A 1 659 VAL 659 659 659 VAL VAL A . n 
A 1 660 MET 660 660 660 MET MET A . n 
A 1 661 PRO 661 661 661 PRO PRO A . n 
A 1 662 GLY 662 662 662 GLY GLY A . n 
A 1 663 GLU 663 663 663 GLU GLU A . n 
A 1 664 MET 664 664 664 MET MET A . n 
A 1 665 ILE 665 665 665 ILE ILE A . n 
A 1 666 THR 666 666 666 THR THR A . n 
A 1 667 GLU 667 667 667 GLU GLU A . n 
A 1 668 GLU 668 668 668 GLU GLU A . n 
A 1 669 SER 669 669 669 SER SER A . n 
A 1 670 ARG 670 670 670 ARG ARG A . n 
A 1 671 PRO 671 671 671 PRO PRO A . n 
A 1 672 VAL 672 672 672 VAL VAL A . n 
A 1 673 LEU 673 673 673 LEU LEU A . n 
A 1 674 GLU 674 674 674 GLU GLU A . n 
A 1 675 PHE 675 675 675 PHE PHE A . n 
A 1 676 LEU 676 676 676 LEU LEU A . n 
A 1 677 GLN 677 677 677 GLN GLN A . n 
A 1 678 MET 678 678 678 MET MET A . n 
A 1 679 LEU 679 679 679 LEU LEU A . n 
A 1 680 CYS 680 680 680 CYS CYS A . n 
A 1 681 GLU 681 681 681 GLU GLU A . n 
A 1 682 ILE 682 682 682 ILE ILE A . n 
A 1 683 GLY 683 683 683 GLY GLY A . n 
A 1 684 ALA 684 684 684 ALA ALA A . n 
A 1 685 HIS 685 685 685 HIS HIS A . n 
A 1 686 TYR 686 686 686 TYR TYR A . n 
A 1 687 PRO 687 687 687 PRO PRO A . n 
A 1 688 GLY 688 688 688 GLY GLY A . n 
A 1 689 PHE 689 689 689 PHE PHE A . n 
A 1 690 GLU 690 690 690 GLU GLU A . n 
A 1 691 THR 691 691 691 THR THR A . n 
A 1 692 ASP 692 692 692 ASP ASP A . n 
A 1 693 ILE 693 693 693 ILE ILE A . n 
A 1 694 HIS 694 694 694 HIS HIS A . n 
A 1 695 GLY 695 695 695 GLY GLY A . n 
A 1 696 ALA 696 696 696 ALA ALA A . n 
A 1 697 TYR 697 697 697 TYR TYR A . n 
A 1 698 ARG 698 698 698 ARG ARG A . n 
A 1 699 GLN 699 699 699 GLN GLN A . n 
A 1 700 ALA 700 700 700 ALA ALA A . n 
A 1 701 ASP 701 701 701 ASP ASP A . n 
A 1 702 GLY 702 702 702 GLY GLY A . n 
A 1 703 ARG 703 703 703 ARG ARG A . n 
A 1 704 TYR 704 704 704 TYR TYR A . n 
A 1 705 THR 705 705 705 THR THR A . n 
A 1 706 VAL 706 706 706 VAL VAL A . n 
A 1 707 LYS 707 707 707 LYS LYS A . n 
A 1 708 VAL 708 708 708 VAL VAL A . n 
A 1 709 LEU 709 709 709 LEU LEU A . n 
A 1 710 LYS 710 710 710 LYS LYS A . n 
A 1 711 GLU 711 711 711 GLU GLU A . n 
A 1 712 GLU 712 712 ?   ?   ?   A . n 
A 1 713 SER 713 713 ?   ?   ?   A . n 
A 1 714 LYS 714 714 ?   ?   ?   A . n 
A 1 715 LYS 715 715 ?   ?   ?   A . n 
B 2 1   GLY 1   326 ?   ?   ?   D . n 
B 2 2   HIS 2   327 ?   ?   ?   D . n 
B 2 3   MET 3   328 ?   ?   ?   D . n 
B 2 4   GLN 4   329 ?   ?   ?   D . n 
B 2 5   GLN 5   330 ?   ?   ?   D . n 
B 2 6   SER 6   331 ?   ?   ?   D . n 
B 2 7   ASP 7   332 ?   ?   ?   D . n 
B 2 8   LYS 8   333 ?   ?   ?   D . n 
B 2 9   THR 9   334 ?   ?   ?   D . n 
B 2 10  ALA 10  335 ?   ?   ?   D . n 
B 2 11  LEU 11  336 ?   ?   ?   D . n 
B 2 12  THR 12  337 ?   ?   ?   D . n 
B 2 13  VAL 13  338 ?   ?   ?   D . n 
B 2 14  ILE 14  339 ?   ?   ?   D . n 
B 2 15  ARG 15  340 ?   ?   ?   D . n 
B 2 16  LEU 16  341 ?   ?   ?   D . n 
B 2 17  GLY 17  342 ?   ?   ?   D . n 
B 2 18  GLY 18  343 ?   ?   ?   D . n 
B 2 19  ILE 19  344 ?   ?   ?   D . n 
B 2 20  PHE 20  345 ?   ?   ?   D . n 
B 2 21  SER 21  346 ?   ?   ?   D . n 
B 2 22  ARG 22  347 ?   ?   ?   D . n 
B 2 23  ARG 23  348 ?   ?   ?   D . n 
B 2 24  GLN 24  349 ?   ?   ?   D . n 
B 2 25  GLN 25  350 ?   ?   ?   D . n 
B 2 26  TYR 26  351 ?   ?   ?   D . n 
B 2 27  GLN 27  352 ?   ?   ?   D . n 
B 2 28  LEU 28  353 ?   ?   ?   D . n 
B 2 29  PRO 29  354 ?   ?   ?   D . n 
B 2 30  VAL 30  355 ?   ?   ?   D . n 
B 2 31  ASN 31  356 ?   ?   ?   D . n 
B 2 32  VAL 32  357 ?   ?   ?   D . n 
B 2 33  THR 33  358 ?   ?   ?   D . n 
B 2 34  ALA 34  359 ?   ?   ?   D . n 
B 2 35  SER 35  360 ?   ?   ?   D . n 
B 2 36  THR 36  361 361 THR THR D . n 
B 2 37  LEU 37  362 362 LEU LEU D . n 
B 2 38  THR 38  363 363 THR THR D . n 
B 2 39  LEU 39  364 364 LEU LEU D . n 
B 2 40  LEU 40  365 365 LEU LEU D . n 
B 2 41  LEU 41  366 366 LEU LEU D . n 
B 2 42  GLN 42  367 367 GLN GLN D . n 
B 2 43  LYS 43  368 368 LYS LYS D . n 
B 2 44  PRO 44  369 369 PRO PRO D . n 
B 2 45  LEU 45  370 370 LEU LEU D . n 
B 2 46  LYS 46  371 371 LYS LYS D . n 
B 2 47  LEU 47  372 372 LEU LEU D . n 
B 2 48  HIS 48  373 373 HIS HIS D . n 
B 2 49  ASP 49  374 374 ASP ASP D . n 
B 2 50  MET 50  375 375 MET MET D . n 
B 2 51  GLU 51  376 376 GLU GLU D . n 
B 2 52  VAL 52  377 377 VAL VAL D . n 
B 2 53  VAL 53  378 378 VAL VAL D . n 
B 2 54  HIS 54  379 379 HIS HIS D . n 
B 2 55  ILE 55  380 380 ILE ILE D . n 
B 2 56  SER 56  381 381 SER SER D . n 
B 2 57  PHE 57  382 382 PHE PHE D . n 
B 2 58  GLU 58  383 383 GLU GLU D . n 
B 2 59  ARG 59  384 384 ARG ARG D . n 
B 2 60  SER 60  385 385 SER SER D . n 
B 2 61  ALA 61  386 386 ALA ALA D . n 
B 2 62  LEU 62  387 387 LEU LEU D . n 
B 2 63  GLU 63  388 388 GLU GLU D . n 
B 2 64  GLN 64  389 389 GLN GLN D . n 
B 2 65  TRP 65  390 390 TRP TRP D . n 
B 2 66  LEU 66  391 391 LEU LEU D . n 
B 2 67  SER 67  392 392 SER SER D . n 
B 2 68  LYS 68  393 393 LYS LYS D . n 
B 2 69  GLY 69  394 394 GLY GLY D . n 
B 2 70  GLY 70  395 395 GLY GLY D . n 
B 2 71  GLU 71  396 396 GLU GLU D . n 
B 2 72  ILE 72  397 397 ILE ILE D . n 
B 2 73  ARG 73  398 398 ARG ARG D . n 
B 2 74  GLY 74  399 399 GLY GLY D . n 
B 2 75  LYS 75  400 400 LYS LYS D . n 
B 2 76  LEU 76  401 401 LEU LEU D . n 
B 2 77  ASN 77  402 402 ASN ASN D . n 
B 2 78  GLY 78  403 403 GLY GLY D . n 
B 2 79  ILE 79  404 404 ILE ILE D . n 
B 2 80  GLY 80  405 405 GLY GLY D . n 
B 2 81  PHE 81  406 406 PHE PHE D . n 
B 2 82  ALA 82  407 407 ALA ALA D . n 
B 2 83  GLN 83  408 408 GLN GLN D . n 
B 2 84  LYS 84  409 409 LYS LYS D . n 
B 2 85  LEU 85  410 410 LEU LEU D . n 
B 2 86  ASN 86  411 411 ASN ASN D . n 
B 2 87  LEU 87  412 412 LEU LEU D . n 
B 2 88  GLU 88  413 413 GLU GLU D . n 
B 2 89  VAL 89  414 414 VAL VAL D . n 
B 2 90  ASP 90  415 415 ASP ASP D . n 
B 2 91  SER 91  416 416 SER SER D . n 
B 2 92  ALA 92  417 417 ALA ALA D . n 
B 2 93  GLN 93  418 418 GLN GLN D . n 
B 2 94  HIS 94  419 419 HIS HIS D . n 
B 2 95  LEU 95  420 420 LEU LEU D . n 
B 2 96  VAL 96  421 421 VAL VAL D . n 
B 2 97  VAL 97  422 422 VAL VAL D . n 
B 2 98  ARG 98  423 423 ARG ARG D . n 
B 2 99  ASP 99  424 424 ASP ASP D . n 
B 2 100 VAL 100 425 425 VAL VAL D . n 
B 2 101 SER 101 426 426 SER SER D . n 
B 2 102 LEU 102 427 427 LEU LEU D . n 
B 2 103 GLN 103 428 428 GLN GLN D . n 
B 2 104 GLY 104 429 429 GLY GLY D . n 
B 2 105 SER 105 430 430 SER SER D . n 
B 2 106 THR 106 431 431 THR THR D . n 
B 2 107 LEU 107 432 432 LEU LEU D . n 
B 2 108 ALA 108 433 433 ALA ALA D . n 
B 2 109 LEU 109 434 434 LEU LEU D . n 
B 2 110 PRO 110 435 ?   ?   ?   D . n 
B 2 111 GLY 111 436 ?   ?   ?   D . n 
B 2 112 SER 112 437 ?   ?   ?   D . n 
B 2 113 SER 113 438 ?   ?   ?   D . n 
B 2 114 ALA 114 439 ?   ?   ?   D . n 
B 2 115 GLU 115 440 ?   ?   ?   D . n 
# 
_cell.entry_id           4UPF 
_cell.length_a           1.000 
_cell.length_b           1.000 
_cell.length_c           1.000 
_cell.angle_alpha        90.00 
_cell.angle_beta         90.00 
_cell.angle_gamma        90.00 
_cell.Z_PDB              1 
_cell.pdbx_unique_axis   ? 
# 
_symmetry.entry_id                         4UPF 
_symmetry.space_group_name_H-M             'P 1' 
_symmetry.pdbx_full_space_group_name_H-M   ? 
_symmetry.cell_setting                     ? 
_symmetry.Int_Tables_number                1 
# 
_exptl.entry_id          4UPF 
_exptl.method            'ELECTRON MICROSCOPY' 
_exptl.crystals_number   ? 
# 
_exptl_crystal.id                    1 
_exptl_crystal.density_meas          ? 
_exptl_crystal.density_Matthews      ? 
_exptl_crystal.density_percent_sol   ? 
_exptl_crystal.description           ? 
# 
_diffrn.id                     1 
_diffrn.ambient_temp           ? 
_diffrn.ambient_temp_details   ? 
_diffrn.crystal_id             1 
# 
_diffrn_radiation.diffrn_id                        1 
_diffrn_radiation.wavelength_id                    1 
_diffrn_radiation.pdbx_monochromatic_or_laue_m_l   ? 
_diffrn_radiation.monochromator                    ? 
_diffrn_radiation.pdbx_diffrn_protocol             ? 
_diffrn_radiation.pdbx_scattering_type             ? 
# 
_diffrn_radiation_wavelength.id           1 
_diffrn_radiation_wavelength.wavelength   . 
_diffrn_radiation_wavelength.wt           1.0 
# 
_refine.pdbx_refine_id                           'ELECTRON MICROSCOPY' 
_refine.entry_id                                 4UPF 
_refine.pdbx_diffrn_id                           1 
_refine.pdbx_TLS_residual_ADP_flag               ? 
_refine.ls_number_reflns_obs                     ? 
_refine.ls_number_reflns_all                     ? 
_refine.pdbx_ls_sigma_I                          ? 
_refine.pdbx_ls_sigma_F                          ? 
_refine.pdbx_data_cutoff_high_absF               ? 
_refine.pdbx_data_cutoff_low_absF                ? 
_refine.pdbx_data_cutoff_high_rms_absF           ? 
_refine.ls_d_res_low                             ? 
_refine.ls_d_res_high                            7.50 
_refine.ls_percent_reflns_obs                    ? 
_refine.ls_R_factor_obs                          ? 
_refine.ls_R_factor_all                          ? 
_refine.ls_R_factor_R_work                       ? 
_refine.ls_R_factor_R_free                       ? 
_refine.ls_R_factor_R_free_error                 ? 
_refine.ls_R_factor_R_free_error_details         ? 
_refine.ls_percent_reflns_R_free                 ? 
_refine.ls_number_reflns_R_free                  ? 
_refine.ls_number_parameters                     ? 
_refine.ls_number_restraints                     ? 
_refine.occupancy_min                            ? 
_refine.occupancy_max                            ? 
_refine.correlation_coeff_Fo_to_Fc               ? 
_refine.correlation_coeff_Fo_to_Fc_free          ? 
_refine.B_iso_mean                               ? 
_refine.aniso_B[1][1]                            ? 
_refine.aniso_B[2][2]                            ? 
_refine.aniso_B[3][3]                            ? 
_refine.aniso_B[1][2]                            ? 
_refine.aniso_B[1][3]                            ? 
_refine.aniso_B[2][3]                            ? 
_refine.solvent_model_details                    ? 
_refine.solvent_model_param_ksol                 ? 
_refine.solvent_model_param_bsol                 ? 
_refine.pdbx_solvent_vdw_probe_radii             ? 
_refine.pdbx_solvent_ion_probe_radii             ? 
_refine.pdbx_solvent_shrinkage_radii             ? 
_refine.pdbx_ls_cross_valid_method               ? 
_refine.details                                  ? 
_refine.pdbx_starting_model                      ? 
_refine.pdbx_method_to_determine_struct          ? 
_refine.pdbx_isotropic_thermal_model             ? 
_refine.pdbx_stereochemistry_target_values       ? 
_refine.pdbx_stereochem_target_val_spec_case     ? 
_refine.pdbx_R_Free_selection_details            ? 
_refine.pdbx_overall_ESU_R                       ? 
_refine.pdbx_overall_ESU_R_Free                  ? 
_refine.overall_SU_ML                            ? 
_refine.pdbx_overall_phase_error                 ? 
_refine.overall_SU_B                             ? 
_refine.overall_SU_R_Cruickshank_DPI             ? 
_refine.pdbx_overall_SU_R_free_Cruickshank_DPI   ? 
_refine.pdbx_overall_SU_R_Blow_DPI               ? 
_refine.pdbx_overall_SU_R_free_Blow_DPI          ? 
# 
_refine_hist.pdbx_refine_id                   'ELECTRON MICROSCOPY' 
_refine_hist.cycle_id                         LAST 
_refine_hist.pdbx_number_atoms_protein        784 
_refine_hist.pdbx_number_atoms_nucleic_acid   0 
_refine_hist.pdbx_number_atoms_ligand         0 
_refine_hist.number_atoms_solvent             0 
_refine_hist.number_atoms_total               784 
_refine_hist.d_res_high                       7.50 
_refine_hist.d_res_low                        . 
# 
_struct.entry_id                  4UPF 
_struct.title                     
'Assembly principles of the unique cage formed by the ATPase RavA hexamer and the lysine decarboxylase LdcI decamer' 
_struct.pdbx_model_details        ? 
_struct.pdbx_CASP_flag            ? 
_struct.pdbx_model_type_details   'CA ATOMS ONLY, CHAIN A, D' 
# 
_struct_keywords.entry_id        4UPF 
_struct_keywords.pdbx_keywords   LYASE/HYDROLASE 
_struct_keywords.text            'LYASE-HYDROLASE COMPLEX, LYSINE DECARBOXYLASE, AAA+ ATPASE, ACID STRESS RESPONSE' 
# 
loop_
_struct_asym.id 
_struct_asym.pdbx_blank_PDB_chainid_flag 
_struct_asym.pdbx_modified 
_struct_asym.entity_id 
_struct_asym.details 
A N N 1 ? 
B N N 2 ? 
# 
loop_
_struct_ref.id 
_struct_ref.db_name 
_struct_ref.db_code 
_struct_ref.entity_id 
_struct_ref.pdbx_seq_one_letter_code 
_struct_ref.pdbx_align_begin 
_struct_ref.pdbx_db_accession 
_struct_ref.pdbx_db_isoform 
1 UNP LDCI_ECOLI 1 ? ? P0A9H3 ? 
2 UNP RAVA_ECOLI 2 ? ? P31473 ? 
# 
loop_
_struct_ref_seq.align_id 
_struct_ref_seq.ref_id 
_struct_ref_seq.pdbx_PDB_id_code 
_struct_ref_seq.pdbx_strand_id 
_struct_ref_seq.seq_align_beg 
_struct_ref_seq.pdbx_seq_align_beg_ins_code 
_struct_ref_seq.seq_align_end 
_struct_ref_seq.pdbx_seq_align_end_ins_code 
_struct_ref_seq.pdbx_db_accession 
_struct_ref_seq.db_align_beg 
_struct_ref_seq.pdbx_db_align_beg_ins_code 
_struct_ref_seq.db_align_end 
_struct_ref_seq.pdbx_db_align_end_ins_code 
_struct_ref_seq.pdbx_auth_seq_align_beg 
_struct_ref_seq.pdbx_auth_seq_align_end 
1 1 4UPF A 1 ? 715 ? P0A9H3 1   ? 715 ? 1   715 
2 2 4UPF D 4 ? 115 ? P31473 329 ? 440 ? 329 440 
# 
loop_
_struct_ref_seq_dif.align_id 
_struct_ref_seq_dif.pdbx_pdb_id_code 
_struct_ref_seq_dif.mon_id 
_struct_ref_seq_dif.pdbx_pdb_strand_id 
_struct_ref_seq_dif.seq_num 
_struct_ref_seq_dif.pdbx_pdb_ins_code 
_struct_ref_seq_dif.pdbx_seq_db_name 
_struct_ref_seq_dif.pdbx_seq_db_accession_code 
_struct_ref_seq_dif.db_mon_id 
_struct_ref_seq_dif.pdbx_seq_db_seq_num 
_struct_ref_seq_dif.details 
_struct_ref_seq_dif.pdbx_auth_seq_num 
_struct_ref_seq_dif.pdbx_ordinal 
2 4UPF GLY D 1 ? UNP P31473 ? ? 'expression tag' 326 1 
2 4UPF HIS D 2 ? UNP P31473 ? ? 'expression tag' 327 2 
2 4UPF MET D 3 ? UNP P31473 ? ? 'expression tag' 328 3 
# 
_pdbx_struct_assembly.id                   1 
_pdbx_struct_assembly.details              author_defined_assembly 
_pdbx_struct_assembly.method_details       ? 
_pdbx_struct_assembly.oligomeric_details   dimeric 
_pdbx_struct_assembly.oligomeric_count     2 
# 
_pdbx_struct_assembly_gen.assembly_id       1 
_pdbx_struct_assembly_gen.oper_expression   1 
_pdbx_struct_assembly_gen.asym_id_list      A,B 
# 
loop_
_pdbx_struct_oper_list.id 
_pdbx_struct_oper_list.type 
_pdbx_struct_oper_list.name 
_pdbx_struct_oper_list.symmetry_operation 
_pdbx_struct_oper_list.matrix[1][1] 
_pdbx_struct_oper_list.matrix[1][2] 
_pdbx_struct_oper_list.matrix[1][3] 
_pdbx_struct_oper_list.vector[1] 
_pdbx_struct_oper_list.matrix[2][1] 
_pdbx_struct_oper_list.matrix[2][2] 
_pdbx_struct_oper_list.matrix[2][3] 
_pdbx_struct_oper_list.vector[2] 
_pdbx_struct_oper_list.matrix[3][1] 
_pdbx_struct_oper_list.matrix[3][2] 
_pdbx_struct_oper_list.matrix[3][3] 
_pdbx_struct_oper_list.vector[3] 
1  'identity operation'       1_555 x,y,z 1.0000000000 0.0000000000 0.0000000000 0.0000000000 0.0000000000 1.0000000000 0.0000000000 0.0000000000 0.0000000000 0.0000000000 1.0000000000 0.0000000000 
2  'point symmetry operation' ?     ?     0.33532464   -0.78548656  0.52016261   -61.590635   0.89911218   0.43170742   0.07229631   -21.374920   -0.28134599  0.44344146   0.85100194   23.739331    
3  'point symmetry operation' ?     ?     -0.74014271  -0.37183129  0.56029455   -53.105426   0.66930701   -0.48780931  0.56041945   -84.263217   0.06493546   0.78979956   0.60991802   51.791274    
4  'point symmetry operation' ?     ?     -0.74014271  0.66930701   0.06493546   13.729275    -0.37183129  -0.48780931  0.78979956   -101.755380  0.56029455   0.56041945   0.60991802   45.389004    
5  'point symmetry operation' ?     ?     0.33532464   0.89911218   -0.28134599  46.550284    -0.78548656  0.43170742   0.44344146   -49.677861   0.52016261   0.07229631   0.85100194   13.380231    
6  'point symmetry operation' ?     ?     0.27542988   0.72827279   -0.62750048  52.055403    0.72827279   -0.58415473  -0.35830400  -51.712061   -0.62750048  -0.35830400  -0.69127515  45.788862    
7  'point symmetry operation' ?     ?     -0.80609186  0.51667652   -0.28854868  20.301574    0.51667652   0.37671063   -0.76885217  6.414581     -0.28854868  -0.76885217  -0.57061877  25.128913    
8  'point symmetry operation' ?     ?     -0.82623735  -0.52257470  0.21035095   -46.750453   -0.52257470  0.57159388   -0.63261056  1.464434     0.21035095   -0.63261056  -0.74535653  42.256802    
9  'point symmetry operation' ?     ?     0.24283381   -0.95327107  0.17973611   -56.437059   -0.95327107  -0.26882702  -0.13786043  -59.721569   0.17973611   -0.13786043  -0.97400679  73.502369    
10 'point symmetry operation' ?     ?     0.92370167   -0.18020489  -0.33808453  4.628314     -0.18020489  -0.98311899  0.03167039   -92.586454   -0.33808453  0.03167039   -0.94058268  75.685305    
# 
_struct_biol.id   1 
# 
_pdbx_entry_details.entry_id                 4UPF 
_pdbx_entry_details.compound_details         ? 
_pdbx_entry_details.source_details           ? 
_pdbx_entry_details.nonpolymer_details       ? 
_pdbx_entry_details.sequence_details         
;THE LARA DOMAIN (FROM GLN329 TO GLU440) WAS PCR AMPLIFIED
FROM THE P11-RAVA PLASMID. THE PCR PRODUCT WAS DIGESTED
WITH NDEI AND BAMHI (NEB) AND LIGATED INTO AN EMPTY P11
VECTOR TO PRODUCE P11-LARA. THE RESULTING CONSTRUCT HAS AN
N-TERMINAL HIS6-TAG FOLLOWED BY A TOBACCO ETCH VIRUS (TEV)
CUT SITE THAT LEAVES THE THREE RESIDUES GHM AT THE
TERMINUS OF THE CONSTRUCT AFTER TEV CLEAVAGE.
;
_pdbx_entry_details.has_ligand_of_interest   ? 
# 
_em_3d_fitting.id                1 
_em_3d_fitting.entry_id          4UPF 
_em_3d_fitting.ref_protocol      'FLEXIBLE FIT' 
_em_3d_fitting.ref_space         REAL 
_em_3d_fitting.overall_b_value   ? 
_em_3d_fitting.target_criteria   'Cross-correlation coefficient' 
_em_3d_fitting.details           'METHOD--FLEXIBLE FOR 3N75, RIGID FOR 3NBX REFINEMENT PROTOCOL--X-RAY' 
_em_3d_fitting.method            ? 
# 
loop_
_em_3d_fitting_list.3d_fitting_id 
_em_3d_fitting_list.id 
_em_3d_fitting_list.pdb_entry_id 
_em_3d_fitting_list.pdb_chain_id 
_em_3d_fitting_list.details 
_em_3d_fitting_list.initial_refinement_model_id 
_em_3d_fitting_list.chain_id 
_em_3d_fitting_list.chain_residue_range 
_em_3d_fitting_list.pdb_chain_residue_range 
_em_3d_fitting_list.source_name 
_em_3d_fitting_list.type 
_em_3d_fitting_list.accession_code 
1 1 3N75 ? ? 1 ? ? ? PDB 'experimental model' 3N75 
1 2 3NBX ? ? 2 ? ? ? PDB 'experimental model' 3NBX 
# 
_em_3d_reconstruction.entry_id                    4UPF 
_em_3d_reconstruction.id                          1 
_em_3d_reconstruction.symmetry_type               POINT 
_em_3d_reconstruction.num_particles               23540 
_em_3d_reconstruction.image_processing_id         1 
_em_3d_reconstruction.method                      'CROSS-COMMON LINE, PROJECTION MATCHING' 
_em_3d_reconstruction.nominal_pixel_size          1.464 
_em_3d_reconstruction.actual_pixel_size           1.464 
_em_3d_reconstruction.resolution                  7.5 
_em_3d_reconstruction.magnification_calibration   ? 
_em_3d_reconstruction.details                     
'CROSS-COMMON LINE, PROJECTION MATCHING SUBMISSION BASED ON EXPERIMENTAL DATA FROM EMDB EMD-2681. (DEPOSITION ID: 12595).' 
_em_3d_reconstruction.num_class_averages          ? 
_em_3d_reconstruction.resolution_method           ? 
_em_3d_reconstruction.algorithm                   ? 
# 
_em_buffer.id            1 
_em_buffer.specimen_id   1 
_em_buffer.name          '50MM MES PH 6.5, 100MM NACL, 0.2MM PLP, 1MM DTT, 0.01% GLUTARALDEHYDE' 
_em_buffer.pH            6.5 
_em_buffer.details       '50MM MES PH 6.5, 100MM NACL, 0.2MM PLP, 1MM DTT, 0.01% GLUTARALDEHYDE' 
# 
_em_entity_assembly.id                   1 
_em_entity_assembly.name                 
'COMPLEX BETWEEN A DECAMER OF INDUCIBLE LYSINE DECARBOXYLASE LDCI AND TEN LARA DOMAINS OF THE ATPASE RAVA' 
_em_entity_assembly.type                 COMPLEX 
_em_entity_assembly.parent_id            0 
_em_entity_assembly.synonym              ? 
_em_entity_assembly.details              ? 
_em_entity_assembly.oligomeric_details   ? 
# 
_em_image_scans.entry_id                4UPF 
_em_image_scans.id                      1 
_em_image_scans.image_recording_id      1 
_em_image_scans.number_digital_images   911 
_em_image_scans.citation_id             ? 
_em_image_scans.od_range                ? 
_em_image_scans.quant_bit_size          ? 
_em_image_scans.sampling_size           ? 
_em_image_scans.scanner_model           ? 
_em_image_scans.details                 ? 
# 
_em_imaging.entry_id                        4UPF 
_em_imaging.id                              1 
_em_imaging.specimen_id                     1 
_em_imaging.date                            2012-09-14 
_em_imaging.temperature                     91 
_em_imaging.microscope_model                'FEI TECNAI F30' 
_em_imaging.nominal_defocus_min             1500 
_em_imaging.nominal_defocus_max             2700 
_em_imaging.tilt_angle_min                  -0.1 
_em_imaging.tilt_angle_max                  0 
_em_imaging.nominal_cs                      2 
_em_imaging.mode                            'BRIGHT FIELD' 
_em_imaging.illumination_mode               'FLOOD BEAM' 
_em_imaging.nominal_magnification           51660 
_em_imaging.calibrated_magnification        51660 
_em_imaging.electron_source                 'FIELD EMISSION GUN' 
_em_imaging.accelerating_voltage            300 
_em_imaging.details                         'AUTOMATIC DATA ACQUISITION WITH FEI EPU SOFTWARE' 
_em_imaging.specimen_holder_type            . 
_em_imaging.specimen_holder_model           . 
_em_imaging.citation_id                     ? 
_em_imaging.astigmatism                     ? 
_em_imaging.detector_distance               ? 
_em_imaging.electron_beam_tilt_params       ? 
_em_imaging.recording_temperature_maximum   ? 
_em_imaging.recording_temperature_minimum   ? 
# 
_em_sample_support.id               1 
_em_sample_support.specimen_id      1 
_em_sample_support.details          OTHER 
_em_sample_support.method           ? 
_em_sample_support.film_material    ? 
_em_sample_support.grid_material    ? 
_em_sample_support.grid_mesh_size   ? 
_em_sample_support.grid_type        ? 
# 
_em_vitrification.entry_id              4UPF 
_em_vitrification.id                    1 
_em_vitrification.instrument            'FEI VITROBOT MARK III' 
_em_vitrification.cryogen_name          ETHANE 
_em_vitrification.specimen_id           1 
_em_vitrification.details               
;VITRIFICATION 1 -- CRYOGEN- ETHANE, HUMIDITY- 100, TEMPERATURE- 91, INSTRUMENT- FEI VITROBOT MARK III, METHOD- BLOT FOR 2 SECONDS BEFORE PLUNGING
;
_em_vitrification.citation_id           ? 
_em_vitrification.humidity              ? 
_em_vitrification.method                ? 
_em_vitrification.temp                  ? 
_em_vitrification.time_resolved_state   ? 
# 
_em_experiment.entry_id                4UPF 
_em_experiment.id                      1 
_em_experiment.aggregation_state       PARTICLE 
_em_experiment.entity_assembly_id      1 
_em_experiment.reconstruction_method   'SINGLE PARTICLE' 
# 
_em_single_particle_entity.entry_id              4UPF 
_em_single_particle_entity.id                    1 
_em_single_particle_entity.point_symmetry        D5 
_em_single_particle_entity.image_processing_id   1 
# 
loop_
_pdbx_unobs_or_zero_occ_residues.id 
_pdbx_unobs_or_zero_occ_residues.PDB_model_num 
_pdbx_unobs_or_zero_occ_residues.polymer_flag 
_pdbx_unobs_or_zero_occ_residues.occupancy_flag 
_pdbx_unobs_or_zero_occ_residues.auth_asym_id 
_pdbx_unobs_or_zero_occ_residues.auth_comp_id 
_pdbx_unobs_or_zero_occ_residues.auth_seq_id 
_pdbx_unobs_or_zero_occ_residues.PDB_ins_code 
_pdbx_unobs_or_zero_occ_residues.label_asym_id 
_pdbx_unobs_or_zero_occ_residues.label_comp_id 
_pdbx_unobs_or_zero_occ_residues.label_seq_id 
1  1 Y 1 A LYS 367 ? A LYS 367 
2  1 Y 1 A GLU 712 ? A GLU 712 
3  1 Y 1 A SER 713 ? A SER 713 
4  1 Y 1 A LYS 714 ? A LYS 714 
5  1 Y 1 A LYS 715 ? A LYS 715 
6  1 Y 1 D GLY 326 ? B GLY 1   
7  1 Y 1 D HIS 327 ? B HIS 2   
8  1 Y 1 D MET 328 ? B MET 3   
9  1 Y 1 D GLN 329 ? B GLN 4   
10 1 Y 1 D GLN 330 ? B GLN 5   
11 1 Y 1 D SER 331 ? B SER 6   
12 1 Y 1 D ASP 332 ? B ASP 7   
13 1 Y 1 D LYS 333 ? B LYS 8   
14 1 Y 1 D THR 334 ? B THR 9   
15 1 Y 1 D ALA 335 ? B ALA 10  
16 1 Y 1 D LEU 336 ? B LEU 11  
17 1 Y 1 D THR 337 ? B THR 12  
18 1 Y 1 D VAL 338 ? B VAL 13  
19 1 Y 1 D ILE 339 ? B ILE 14  
20 1 Y 1 D ARG 340 ? B ARG 15  
21 1 Y 1 D LEU 341 ? B LEU 16  
22 1 Y 1 D GLY 342 ? B GLY 17  
23 1 Y 1 D GLY 343 ? B GLY 18  
24 1 Y 1 D ILE 344 ? B ILE 19  
25 1 Y 1 D PHE 345 ? B PHE 20  
26 1 Y 1 D SER 346 ? B SER 21  
27 1 Y 1 D ARG 347 ? B ARG 22  
28 1 Y 1 D ARG 348 ? B ARG 23  
29 1 Y 1 D GLN 349 ? B GLN 24  
30 1 Y 1 D GLN 350 ? B GLN 25  
31 1 Y 1 D TYR 351 ? B TYR 26  
32 1 Y 1 D GLN 352 ? B GLN 27  
33 1 Y 1 D LEU 353 ? B LEU 28  
34 1 Y 1 D PRO 354 ? B PRO 29  
35 1 Y 1 D VAL 355 ? B VAL 30  
36 1 Y 1 D ASN 356 ? B ASN 31  
37 1 Y 1 D VAL 357 ? B VAL 32  
38 1 Y 1 D THR 358 ? B THR 33  
39 1 Y 1 D ALA 359 ? B ALA 34  
40 1 Y 1 D SER 360 ? B SER 35  
41 1 Y 1 D PRO 435 ? B PRO 110 
42 1 Y 1 D GLY 436 ? B GLY 111 
43 1 Y 1 D SER 437 ? B SER 112 
44 1 Y 1 D SER 438 ? B SER 113 
45 1 Y 1 D ALA 439 ? B ALA 114 
46 1 Y 1 D GLU 440 ? B GLU 115 
# 
loop_
_chem_comp_atom.comp_id 
_chem_comp_atom.atom_id 
_chem_comp_atom.type_symbol 
_chem_comp_atom.pdbx_aromatic_flag 
_chem_comp_atom.pdbx_stereo_config 
_chem_comp_atom.pdbx_ordinal 
ALA N    N N N 1   
ALA CA   C N S 2   
ALA C    C N N 3   
ALA O    O N N 4   
ALA CB   C N N 5   
ALA OXT  O N N 6   
ALA H    H N N 7   
ALA H2   H N N 8   
ALA HA   H N N 9   
ALA HB1  H N N 10  
ALA HB2  H N N 11  
ALA HB3  H N N 12  
ALA HXT  H N N 13  
ARG N    N N N 14  
ARG CA   C N S 15  
ARG C    C N N 16  
ARG O    O N N 17  
ARG CB   C N N 18  
ARG CG   C N N 19  
ARG CD   C N N 20  
ARG NE   N N N 21  
ARG CZ   C N N 22  
ARG NH1  N N N 23  
ARG NH2  N N N 24  
ARG OXT  O N N 25  
ARG H    H N N 26  
ARG H2   H N N 27  
ARG HA   H N N 28  
ARG HB2  H N N 29  
ARG HB3  H N N 30  
ARG HG2  H N N 31  
ARG HG3  H N N 32  
ARG HD2  H N N 33  
ARG HD3  H N N 34  
ARG HE   H N N 35  
ARG HH11 H N N 36  
ARG HH12 H N N 37  
ARG HH21 H N N 38  
ARG HH22 H N N 39  
ARG HXT  H N N 40  
ASN N    N N N 41  
ASN CA   C N S 42  
ASN C    C N N 43  
ASN O    O N N 44  
ASN CB   C N N 45  
ASN CG   C N N 46  
ASN OD1  O N N 47  
ASN ND2  N N N 48  
ASN OXT  O N N 49  
ASN H    H N N 50  
ASN H2   H N N 51  
ASN HA   H N N 52  
ASN HB2  H N N 53  
ASN HB3  H N N 54  
ASN HD21 H N N 55  
ASN HD22 H N N 56  
ASN HXT  H N N 57  
ASP N    N N N 58  
ASP CA   C N S 59  
ASP C    C N N 60  
ASP O    O N N 61  
ASP CB   C N N 62  
ASP CG   C N N 63  
ASP OD1  O N N 64  
ASP OD2  O N N 65  
ASP OXT  O N N 66  
ASP H    H N N 67  
ASP H2   H N N 68  
ASP HA   H N N 69  
ASP HB2  H N N 70  
ASP HB3  H N N 71  
ASP HD2  H N N 72  
ASP HXT  H N N 73  
CYS N    N N N 74  
CYS CA   C N R 75  
CYS C    C N N 76  
CYS O    O N N 77  
CYS CB   C N N 78  
CYS SG   S N N 79  
CYS OXT  O N N 80  
CYS H    H N N 81  
CYS H2   H N N 82  
CYS HA   H N N 83  
CYS HB2  H N N 84  
CYS HB3  H N N 85  
CYS HG   H N N 86  
CYS HXT  H N N 87  
GLN N    N N N 88  
GLN CA   C N S 89  
GLN C    C N N 90  
GLN O    O N N 91  
GLN CB   C N N 92  
GLN CG   C N N 93  
GLN CD   C N N 94  
GLN OE1  O N N 95  
GLN NE2  N N N 96  
GLN OXT  O N N 97  
GLN H    H N N 98  
GLN H2   H N N 99  
GLN HA   H N N 100 
GLN HB2  H N N 101 
GLN HB3  H N N 102 
GLN HG2  H N N 103 
GLN HG3  H N N 104 
GLN HE21 H N N 105 
GLN HE22 H N N 106 
GLN HXT  H N N 107 
GLU N    N N N 108 
GLU CA   C N S 109 
GLU C    C N N 110 
GLU O    O N N 111 
GLU CB   C N N 112 
GLU CG   C N N 113 
GLU CD   C N N 114 
GLU OE1  O N N 115 
GLU OE2  O N N 116 
GLU OXT  O N N 117 
GLU H    H N N 118 
GLU H2   H N N 119 
GLU HA   H N N 120 
GLU HB2  H N N 121 
GLU HB3  H N N 122 
GLU HG2  H N N 123 
GLU HG3  H N N 124 
GLU HE2  H N N 125 
GLU HXT  H N N 126 
GLY N    N N N 127 
GLY CA   C N N 128 
GLY C    C N N 129 
GLY O    O N N 130 
GLY OXT  O N N 131 
GLY H    H N N 132 
GLY H2   H N N 133 
GLY HA2  H N N 134 
GLY HA3  H N N 135 
GLY HXT  H N N 136 
HIS N    N N N 137 
HIS CA   C N S 138 
HIS C    C N N 139 
HIS O    O N N 140 
HIS CB   C N N 141 
HIS CG   C Y N 142 
HIS ND1  N Y N 143 
HIS CD2  C Y N 144 
HIS CE1  C Y N 145 
HIS NE2  N Y N 146 
HIS OXT  O N N 147 
HIS H    H N N 148 
HIS H2   H N N 149 
HIS HA   H N N 150 
HIS HB2  H N N 151 
HIS HB3  H N N 152 
HIS HD1  H N N 153 
HIS HD2  H N N 154 
HIS HE1  H N N 155 
HIS HE2  H N N 156 
HIS HXT  H N N 157 
ILE N    N N N 158 
ILE CA   C N S 159 
ILE C    C N N 160 
ILE O    O N N 161 
ILE CB   C N S 162 
ILE CG1  C N N 163 
ILE CG2  C N N 164 
ILE CD1  C N N 165 
ILE OXT  O N N 166 
ILE H    H N N 167 
ILE H2   H N N 168 
ILE HA   H N N 169 
ILE HB   H N N 170 
ILE HG12 H N N 171 
ILE HG13 H N N 172 
ILE HG21 H N N 173 
ILE HG22 H N N 174 
ILE HG23 H N N 175 
ILE HD11 H N N 176 
ILE HD12 H N N 177 
ILE HD13 H N N 178 
ILE HXT  H N N 179 
LEU N    N N N 180 
LEU CA   C N S 181 
LEU C    C N N 182 
LEU O    O N N 183 
LEU CB   C N N 184 
LEU CG   C N N 185 
LEU CD1  C N N 186 
LEU CD2  C N N 187 
LEU OXT  O N N 188 
LEU H    H N N 189 
LEU H2   H N N 190 
LEU HA   H N N 191 
LEU HB2  H N N 192 
LEU HB3  H N N 193 
LEU HG   H N N 194 
LEU HD11 H N N 195 
LEU HD12 H N N 196 
LEU HD13 H N N 197 
LEU HD21 H N N 198 
LEU HD22 H N N 199 
LEU HD23 H N N 200 
LEU HXT  H N N 201 
LYS N    N N N 202 
LYS CA   C N S 203 
LYS C    C N N 204 
LYS O    O N N 205 
LYS CB   C N N 206 
LYS CG   C N N 207 
LYS CD   C N N 208 
LYS CE   C N N 209 
LYS NZ   N N N 210 
LYS OXT  O N N 211 
LYS H    H N N 212 
LYS H2   H N N 213 
LYS HA   H N N 214 
LYS HB2  H N N 215 
LYS HB3  H N N 216 
LYS HG2  H N N 217 
LYS HG3  H N N 218 
LYS HD2  H N N 219 
LYS HD3  H N N 220 
LYS HE2  H N N 221 
LYS HE3  H N N 222 
LYS HZ1  H N N 223 
LYS HZ2  H N N 224 
LYS HZ3  H N N 225 
LYS HXT  H N N 226 
MET N    N N N 227 
MET CA   C N S 228 
MET C    C N N 229 
MET O    O N N 230 
MET CB   C N N 231 
MET CG   C N N 232 
MET SD   S N N 233 
MET CE   C N N 234 
MET OXT  O N N 235 
MET H    H N N 236 
MET H2   H N N 237 
MET HA   H N N 238 
MET HB2  H N N 239 
MET HB3  H N N 240 
MET HG2  H N N 241 
MET HG3  H N N 242 
MET HE1  H N N 243 
MET HE2  H N N 244 
MET HE3  H N N 245 
MET HXT  H N N 246 
PHE N    N N N 247 
PHE CA   C N S 248 
PHE C    C N N 249 
PHE O    O N N 250 
PHE CB   C N N 251 
PHE CG   C Y N 252 
PHE CD1  C Y N 253 
PHE CD2  C Y N 254 
PHE CE1  C Y N 255 
PHE CE2  C Y N 256 
PHE CZ   C Y N 257 
PHE OXT  O N N 258 
PHE H    H N N 259 
PHE H2   H N N 260 
PHE HA   H N N 261 
PHE HB2  H N N 262 
PHE HB3  H N N 263 
PHE HD1  H N N 264 
PHE HD2  H N N 265 
PHE HE1  H N N 266 
PHE HE2  H N N 267 
PHE HZ   H N N 268 
PHE HXT  H N N 269 
PRO N    N N N 270 
PRO CA   C N S 271 
PRO C    C N N 272 
PRO O    O N N 273 
PRO CB   C N N 274 
PRO CG   C N N 275 
PRO CD   C N N 276 
PRO OXT  O N N 277 
PRO H    H N N 278 
PRO HA   H N N 279 
PRO HB2  H N N 280 
PRO HB3  H N N 281 
PRO HG2  H N N 282 
PRO HG3  H N N 283 
PRO HD2  H N N 284 
PRO HD3  H N N 285 
PRO HXT  H N N 286 
SER N    N N N 287 
SER CA   C N S 288 
SER C    C N N 289 
SER O    O N N 290 
SER CB   C N N 291 
SER OG   O N N 292 
SER OXT  O N N 293 
SER H    H N N 294 
SER H2   H N N 295 
SER HA   H N N 296 
SER HB2  H N N 297 
SER HB3  H N N 298 
SER HG   H N N 299 
SER HXT  H N N 300 
THR N    N N N 301 
THR CA   C N S 302 
THR C    C N N 303 
THR O    O N N 304 
THR CB   C N R 305 
THR OG1  O N N 306 
THR CG2  C N N 307 
THR OXT  O N N 308 
THR H    H N N 309 
THR H2   H N N 310 
THR HA   H N N 311 
THR HB   H N N 312 
THR HG1  H N N 313 
THR HG21 H N N 314 
THR HG22 H N N 315 
THR HG23 H N N 316 
THR HXT  H N N 317 
TRP N    N N N 318 
TRP CA   C N S 319 
TRP C    C N N 320 
TRP O    O N N 321 
TRP CB   C N N 322 
TRP CG   C Y N 323 
TRP CD1  C Y N 324 
TRP CD2  C Y N 325 
TRP NE1  N Y N 326 
TRP CE2  C Y N 327 
TRP CE3  C Y N 328 
TRP CZ2  C Y N 329 
TRP CZ3  C Y N 330 
TRP CH2  C Y N 331 
TRP OXT  O N N 332 
TRP H    H N N 333 
TRP H2   H N N 334 
TRP HA   H N N 335 
TRP HB2  H N N 336 
TRP HB3  H N N 337 
TRP HD1  H N N 338 
TRP HE1  H N N 339 
TRP HE3  H N N 340 
TRP HZ2  H N N 341 
TRP HZ3  H N N 342 
TRP HH2  H N N 343 
TRP HXT  H N N 344 
TYR N    N N N 345 
TYR CA   C N S 346 
TYR C    C N N 347 
TYR O    O N N 348 
TYR CB   C N N 349 
TYR CG   C Y N 350 
TYR CD1  C Y N 351 
TYR CD2  C Y N 352 
TYR CE1  C Y N 353 
TYR CE2  C Y N 354 
TYR CZ   C Y N 355 
TYR OH   O N N 356 
TYR OXT  O N N 357 
TYR H    H N N 358 
TYR H2   H N N 359 
TYR HA   H N N 360 
TYR HB2  H N N 361 
TYR HB3  H N N 362 
TYR HD1  H N N 363 
TYR HD2  H N N 364 
TYR HE1  H N N 365 
TYR HE2  H N N 366 
TYR HH   H N N 367 
TYR HXT  H N N 368 
VAL N    N N N 369 
VAL CA   C N S 370 
VAL C    C N N 371 
VAL O    O N N 372 
VAL CB   C N N 373 
VAL CG1  C N N 374 
VAL CG2  C N N 375 
VAL OXT  O N N 376 
VAL H    H N N 377 
VAL H2   H N N 378 
VAL HA   H N N 379 
VAL HB   H N N 380 
VAL HG11 H N N 381 
VAL HG12 H N N 382 
VAL HG13 H N N 383 
VAL HG21 H N N 384 
VAL HG22 H N N 385 
VAL HG23 H N N 386 
VAL HXT  H N N 387 
# 
loop_
_chem_comp_bond.comp_id 
_chem_comp_bond.atom_id_1 
_chem_comp_bond.atom_id_2 
_chem_comp_bond.value_order 
_chem_comp_bond.pdbx_aromatic_flag 
_chem_comp_bond.pdbx_stereo_config 
_chem_comp_bond.pdbx_ordinal 
ALA N   CA   sing N N 1   
ALA N   H    sing N N 2   
ALA N   H2   sing N N 3   
ALA CA  C    sing N N 4   
ALA CA  CB   sing N N 5   
ALA CA  HA   sing N N 6   
ALA C   O    doub N N 7   
ALA C   OXT  sing N N 8   
ALA CB  HB1  sing N N 9   
ALA CB  HB2  sing N N 10  
ALA CB  HB3  sing N N 11  
ALA OXT HXT  sing N N 12  
ARG N   CA   sing N N 13  
ARG N   H    sing N N 14  
ARG N   H2   sing N N 15  
ARG CA  C    sing N N 16  
ARG CA  CB   sing N N 17  
ARG CA  HA   sing N N 18  
ARG C   O    doub N N 19  
ARG C   OXT  sing N N 20  
ARG CB  CG   sing N N 21  
ARG CB  HB2  sing N N 22  
ARG CB  HB3  sing N N 23  
ARG CG  CD   sing N N 24  
ARG CG  HG2  sing N N 25  
ARG CG  HG3  sing N N 26  
ARG CD  NE   sing N N 27  
ARG CD  HD2  sing N N 28  
ARG CD  HD3  sing N N 29  
ARG NE  CZ   sing N N 30  
ARG NE  HE   sing N N 31  
ARG CZ  NH1  sing N N 32  
ARG CZ  NH2  doub N N 33  
ARG NH1 HH11 sing N N 34  
ARG NH1 HH12 sing N N 35  
ARG NH2 HH21 sing N N 36  
ARG NH2 HH22 sing N N 37  
ARG OXT HXT  sing N N 38  
ASN N   CA   sing N N 39  
ASN N   H    sing N N 40  
ASN N   H2   sing N N 41  
ASN CA  C    sing N N 42  
ASN CA  CB   sing N N 43  
ASN CA  HA   sing N N 44  
ASN C   O    doub N N 45  
ASN C   OXT  sing N N 46  
ASN CB  CG   sing N N 47  
ASN CB  HB2  sing N N 48  
ASN CB  HB3  sing N N 49  
ASN CG  OD1  doub N N 50  
ASN CG  ND2  sing N N 51  
ASN ND2 HD21 sing N N 52  
ASN ND2 HD22 sing N N 53  
ASN OXT HXT  sing N N 54  
ASP N   CA   sing N N 55  
ASP N   H    sing N N 56  
ASP N   H2   sing N N 57  
ASP CA  C    sing N N 58  
ASP CA  CB   sing N N 59  
ASP CA  HA   sing N N 60  
ASP C   O    doub N N 61  
ASP C   OXT  sing N N 62  
ASP CB  CG   sing N N 63  
ASP CB  HB2  sing N N 64  
ASP CB  HB3  sing N N 65  
ASP CG  OD1  doub N N 66  
ASP CG  OD2  sing N N 67  
ASP OD2 HD2  sing N N 68  
ASP OXT HXT  sing N N 69  
CYS N   CA   sing N N 70  
CYS N   H    sing N N 71  
CYS N   H2   sing N N 72  
CYS CA  C    sing N N 73  
CYS CA  CB   sing N N 74  
CYS CA  HA   sing N N 75  
CYS C   O    doub N N 76  
CYS C   OXT  sing N N 77  
CYS CB  SG   sing N N 78  
CYS CB  HB2  sing N N 79  
CYS CB  HB3  sing N N 80  
CYS SG  HG   sing N N 81  
CYS OXT HXT  sing N N 82  
GLN N   CA   sing N N 83  
GLN N   H    sing N N 84  
GLN N   H2   sing N N 85  
GLN CA  C    sing N N 86  
GLN CA  CB   sing N N 87  
GLN CA  HA   sing N N 88  
GLN C   O    doub N N 89  
GLN C   OXT  sing N N 90  
GLN CB  CG   sing N N 91  
GLN CB  HB2  sing N N 92  
GLN CB  HB3  sing N N 93  
GLN CG  CD   sing N N 94  
GLN CG  HG2  sing N N 95  
GLN CG  HG3  sing N N 96  
GLN CD  OE1  doub N N 97  
GLN CD  NE2  sing N N 98  
GLN NE2 HE21 sing N N 99  
GLN NE2 HE22 sing N N 100 
GLN OXT HXT  sing N N 101 
GLU N   CA   sing N N 102 
GLU N   H    sing N N 103 
GLU N   H2   sing N N 104 
GLU CA  C    sing N N 105 
GLU CA  CB   sing N N 106 
GLU CA  HA   sing N N 107 
GLU C   O    doub N N 108 
GLU C   OXT  sing N N 109 
GLU CB  CG   sing N N 110 
GLU CB  HB2  sing N N 111 
GLU CB  HB3  sing N N 112 
GLU CG  CD   sing N N 113 
GLU CG  HG2  sing N N 114 
GLU CG  HG3  sing N N 115 
GLU CD  OE1  doub N N 116 
GLU CD  OE2  sing N N 117 
GLU OE2 HE2  sing N N 118 
GLU OXT HXT  sing N N 119 
GLY N   CA   sing N N 120 
GLY N   H    sing N N 121 
GLY N   H2   sing N N 122 
GLY CA  C    sing N N 123 
GLY CA  HA2  sing N N 124 
GLY CA  HA3  sing N N 125 
GLY C   O    doub N N 126 
GLY C   OXT  sing N N 127 
GLY OXT HXT  sing N N 128 
HIS N   CA   sing N N 129 
HIS N   H    sing N N 130 
HIS N   H2   sing N N 131 
HIS CA  C    sing N N 132 
HIS CA  CB   sing N N 133 
HIS CA  HA   sing N N 134 
HIS C   O    doub N N 135 
HIS C   OXT  sing N N 136 
HIS CB  CG   sing N N 137 
HIS CB  HB2  sing N N 138 
HIS CB  HB3  sing N N 139 
HIS CG  ND1  sing Y N 140 
HIS CG  CD2  doub Y N 141 
HIS ND1 CE1  doub Y N 142 
HIS ND1 HD1  sing N N 143 
HIS CD2 NE2  sing Y N 144 
HIS CD2 HD2  sing N N 145 
HIS CE1 NE2  sing Y N 146 
HIS CE1 HE1  sing N N 147 
HIS NE2 HE2  sing N N 148 
HIS OXT HXT  sing N N 149 
ILE N   CA   sing N N 150 
ILE N   H    sing N N 151 
ILE N   H2   sing N N 152 
ILE CA  C    sing N N 153 
ILE CA  CB   sing N N 154 
ILE CA  HA   sing N N 155 
ILE C   O    doub N N 156 
ILE C   OXT  sing N N 157 
ILE CB  CG1  sing N N 158 
ILE CB  CG2  sing N N 159 
ILE CB  HB   sing N N 160 
ILE CG1 CD1  sing N N 161 
ILE CG1 HG12 sing N N 162 
ILE CG1 HG13 sing N N 163 
ILE CG2 HG21 sing N N 164 
ILE CG2 HG22 sing N N 165 
ILE CG2 HG23 sing N N 166 
ILE CD1 HD11 sing N N 167 
ILE CD1 HD12 sing N N 168 
ILE CD1 HD13 sing N N 169 
ILE OXT HXT  sing N N 170 
LEU N   CA   sing N N 171 
LEU N   H    sing N N 172 
LEU N   H2   sing N N 173 
LEU CA  C    sing N N 174 
LEU CA  CB   sing N N 175 
LEU CA  HA   sing N N 176 
LEU C   O    doub N N 177 
LEU C   OXT  sing N N 178 
LEU CB  CG   sing N N 179 
LEU CB  HB2  sing N N 180 
LEU CB  HB3  sing N N 181 
LEU CG  CD1  sing N N 182 
LEU CG  CD2  sing N N 183 
LEU CG  HG   sing N N 184 
LEU CD1 HD11 sing N N 185 
LEU CD1 HD12 sing N N 186 
LEU CD1 HD13 sing N N 187 
LEU CD2 HD21 sing N N 188 
LEU CD2 HD22 sing N N 189 
LEU CD2 HD23 sing N N 190 
LEU OXT HXT  sing N N 191 
LYS N   CA   sing N N 192 
LYS N   H    sing N N 193 
LYS N   H2   sing N N 194 
LYS CA  C    sing N N 195 
LYS CA  CB   sing N N 196 
LYS CA  HA   sing N N 197 
LYS C   O    doub N N 198 
LYS C   OXT  sing N N 199 
LYS CB  CG   sing N N 200 
LYS CB  HB2  sing N N 201 
LYS CB  HB3  sing N N 202 
LYS CG  CD   sing N N 203 
LYS CG  HG2  sing N N 204 
LYS CG  HG3  sing N N 205 
LYS CD  CE   sing N N 206 
LYS CD  HD2  sing N N 207 
LYS CD  HD3  sing N N 208 
LYS CE  NZ   sing N N 209 
LYS CE  HE2  sing N N 210 
LYS CE  HE3  sing N N 211 
LYS NZ  HZ1  sing N N 212 
LYS NZ  HZ2  sing N N 213 
LYS NZ  HZ3  sing N N 214 
LYS OXT HXT  sing N N 215 
MET N   CA   sing N N 216 
MET N   H    sing N N 217 
MET N   H2   sing N N 218 
MET CA  C    sing N N 219 
MET CA  CB   sing N N 220 
MET CA  HA   sing N N 221 
MET C   O    doub N N 222 
MET C   OXT  sing N N 223 
MET CB  CG   sing N N 224 
MET CB  HB2  sing N N 225 
MET CB  HB3  sing N N 226 
MET CG  SD   sing N N 227 
MET CG  HG2  sing N N 228 
MET CG  HG3  sing N N 229 
MET SD  CE   sing N N 230 
MET CE  HE1  sing N N 231 
MET CE  HE2  sing N N 232 
MET CE  HE3  sing N N 233 
MET OXT HXT  sing N N 234 
PHE N   CA   sing N N 235 
PHE N   H    sing N N 236 
PHE N   H2   sing N N 237 
PHE CA  C    sing N N 238 
PHE CA  CB   sing N N 239 
PHE CA  HA   sing N N 240 
PHE C   O    doub N N 241 
PHE C   OXT  sing N N 242 
PHE CB  CG   sing N N 243 
PHE CB  HB2  sing N N 244 
PHE CB  HB3  sing N N 245 
PHE CG  CD1  doub Y N 246 
PHE CG  CD2  sing Y N 247 
PHE CD1 CE1  sing Y N 248 
PHE CD1 HD1  sing N N 249 
PHE CD2 CE2  doub Y N 250 
PHE CD2 HD2  sing N N 251 
PHE CE1 CZ   doub Y N 252 
PHE CE1 HE1  sing N N 253 
PHE CE2 CZ   sing Y N 254 
PHE CE2 HE2  sing N N 255 
PHE CZ  HZ   sing N N 256 
PHE OXT HXT  sing N N 257 
PRO N   CA   sing N N 258 
PRO N   CD   sing N N 259 
PRO N   H    sing N N 260 
PRO CA  C    sing N N 261 
PRO CA  CB   sing N N 262 
PRO CA  HA   sing N N 263 
PRO C   O    doub N N 264 
PRO C   OXT  sing N N 265 
PRO CB  CG   sing N N 266 
PRO CB  HB2  sing N N 267 
PRO CB  HB3  sing N N 268 
PRO CG  CD   sing N N 269 
PRO CG  HG2  sing N N 270 
PRO CG  HG3  sing N N 271 
PRO CD  HD2  sing N N 272 
PRO CD  HD3  sing N N 273 
PRO OXT HXT  sing N N 274 
SER N   CA   sing N N 275 
SER N   H    sing N N 276 
SER N   H2   sing N N 277 
SER CA  C    sing N N 278 
SER CA  CB   sing N N 279 
SER CA  HA   sing N N 280 
SER C   O    doub N N 281 
SER C   OXT  sing N N 282 
SER CB  OG   sing N N 283 
SER CB  HB2  sing N N 284 
SER CB  HB3  sing N N 285 
SER OG  HG   sing N N 286 
SER OXT HXT  sing N N 287 
THR N   CA   sing N N 288 
THR N   H    sing N N 289 
THR N   H2   sing N N 290 
THR CA  C    sing N N 291 
THR CA  CB   sing N N 292 
THR CA  HA   sing N N 293 
THR C   O    doub N N 294 
THR C   OXT  sing N N 295 
THR CB  OG1  sing N N 296 
THR CB  CG2  sing N N 297 
THR CB  HB   sing N N 298 
THR OG1 HG1  sing N N 299 
THR CG2 HG21 sing N N 300 
THR CG2 HG22 sing N N 301 
THR CG2 HG23 sing N N 302 
THR OXT HXT  sing N N 303 
TRP N   CA   sing N N 304 
TRP N   H    sing N N 305 
TRP N   H2   sing N N 306 
TRP CA  C    sing N N 307 
TRP CA  CB   sing N N 308 
TRP CA  HA   sing N N 309 
TRP C   O    doub N N 310 
TRP C   OXT  sing N N 311 
TRP CB  CG   sing N N 312 
TRP CB  HB2  sing N N 313 
TRP CB  HB3  sing N N 314 
TRP CG  CD1  doub Y N 315 
TRP CG  CD2  sing Y N 316 
TRP CD1 NE1  sing Y N 317 
TRP CD1 HD1  sing N N 318 
TRP CD2 CE2  doub Y N 319 
TRP CD2 CE3  sing Y N 320 
TRP NE1 CE2  sing Y N 321 
TRP NE1 HE1  sing N N 322 
TRP CE2 CZ2  sing Y N 323 
TRP CE3 CZ3  doub Y N 324 
TRP CE3 HE3  sing N N 325 
TRP CZ2 CH2  doub Y N 326 
TRP CZ2 HZ2  sing N N 327 
TRP CZ3 CH2  sing Y N 328 
TRP CZ3 HZ3  sing N N 329 
TRP CH2 HH2  sing N N 330 
TRP OXT HXT  sing N N 331 
TYR N   CA   sing N N 332 
TYR N   H    sing N N 333 
TYR N   H2   sing N N 334 
TYR CA  C    sing N N 335 
TYR CA  CB   sing N N 336 
TYR CA  HA   sing N N 337 
TYR C   O    doub N N 338 
TYR C   OXT  sing N N 339 
TYR CB  CG   sing N N 340 
TYR CB  HB2  sing N N 341 
TYR CB  HB3  sing N N 342 
TYR CG  CD1  doub Y N 343 
TYR CG  CD2  sing Y N 344 
TYR CD1 CE1  sing Y N 345 
TYR CD1 HD1  sing N N 346 
TYR CD2 CE2  doub Y N 347 
TYR CD2 HD2  sing N N 348 
TYR CE1 CZ   doub Y N 349 
TYR CE1 HE1  sing N N 350 
TYR CE2 CZ   sing Y N 351 
TYR CE2 HE2  sing N N 352 
TYR CZ  OH   sing N N 353 
TYR OH  HH   sing N N 354 
TYR OXT HXT  sing N N 355 
VAL N   CA   sing N N 356 
VAL N   H    sing N N 357 
VAL N   H2   sing N N 358 
VAL CA  C    sing N N 359 
VAL CA  CB   sing N N 360 
VAL CA  HA   sing N N 361 
VAL C   O    doub N N 362 
VAL C   OXT  sing N N 363 
VAL CB  CG1  sing N N 364 
VAL CB  CG2  sing N N 365 
VAL CB  HB   sing N N 366 
VAL CG1 HG11 sing N N 367 
VAL CG1 HG12 sing N N 368 
VAL CG1 HG13 sing N N 369 
VAL CG2 HG21 sing N N 370 
VAL CG2 HG22 sing N N 371 
VAL CG2 HG23 sing N N 372 
VAL OXT HXT  sing N N 373 
# 
_em_ctf_correction.id        1 
_em_ctf_correction.details   'PHASE FLIPPING' 
_em_ctf_correction.type      ? 
# 
_em_image_processing.id                   1 
_em_image_processing.image_recording_id   1 
_em_image_processing.details              ? 
# 
_em_image_recording.avg_electron_dose_per_image   20 
_em_image_recording.details                       ? 
_em_image_recording.id                            1 
_em_image_recording.film_or_detector_model        'GATAN ULTRASCAN 4000 (4k x 4k)' 
_em_image_recording.imaging_id                    1 
_em_image_recording.detector_mode                 ? 
_em_image_recording.average_exposure_time         ? 
_em_image_recording.num_diffraction_images        ? 
_em_image_recording.num_grids_imaged              ? 
_em_image_recording.num_real_images               ? 
# 
loop_
_em_software.id 
_em_software.name 
_em_software.version 
_em_software.category 
_em_software.details 
_em_software.image_processing_id 
_em_software.imaging_id 
_em_software.fitting_id 
1 CTFFIND 3 'CTF CORRECTION'     ?     1 ? ? 
2 Flex-EM ? 'MODEL FITTING'      ?     ? ? 1 
3 Situs   ? 'MODEL FITTING'      ?     ? ? 1 
4 EMAN    ? 'PARTICLE SELECTION' BOXER 1 ? ? 
5 EMAN    ? RECONSTRUCTION       ?     1 ? ? 
6 FPM     ? RECONSTRUCTION       ?     1 ? ? 
7 IMAGIC  ? RECONSTRUCTION       ?     1 ? ? 
8 SPIDER  ? RECONSTRUCTION       ?     1 ? ? 
# 
_em_specimen.experiment_id           1 
_em_specimen.id                      1 
_em_specimen.concentration           0.6 
_em_specimen.vitrification_applied   YES 
_em_specimen.staining_applied        NO 
_em_specimen.embedding_applied       NO 
_em_specimen.shadowing_applied       NO 
_em_specimen.details                 ? 
# 
loop_
_pdbx_coordinate_model.asym_id 
_pdbx_coordinate_model.type 
A 'CA ATOMS ONLY' 
B 'CA ATOMS ONLY' 
# 
loop_
_pdbx_initial_refinement_model.id 
_pdbx_initial_refinement_model.type 
_pdbx_initial_refinement_model.source_name 
_pdbx_initial_refinement_model.accession_code 
1 'experimental model' PDB 3N75 
2 'experimental model' PDB 3NBX 
# 
_atom_sites.entry_id                    4UPF 
_atom_sites.fract_transf_matrix[1][1]   1.000000 
_atom_sites.fract_transf_matrix[1][2]   0.000000 
_atom_sites.fract_transf_matrix[1][3]   0.000000 
_atom_sites.fract_transf_matrix[2][1]   0.000000 
_atom_sites.fract_transf_matrix[2][2]   1.000000 
_atom_sites.fract_transf_matrix[2][3]   0.000000 
_atom_sites.fract_transf_matrix[3][1]   0.000000 
_atom_sites.fract_transf_matrix[3][2]   0.000000 
_atom_sites.fract_transf_matrix[3][3]   1.000000 
_atom_sites.fract_transf_vector[1]      0.00000 
_atom_sites.fract_transf_vector[2]      0.00000 
_atom_sites.fract_transf_vector[3]      0.00000 
# 
_atom_type.symbol   C 
# 
loop_
_atom_site.group_PDB 
_atom_site.id 
_atom_site.type_symbol 
_atom_site.label_atom_id 
_atom_site.label_alt_id 
_atom_site.label_comp_id 
_atom_site.label_asym_id 
_atom_site.label_entity_id 
_atom_site.label_seq_id 
_atom_site.pdbx_PDB_ins_code 
_atom_site.Cartn_x 
_atom_site.Cartn_y 
_atom_site.Cartn_z 
_atom_site.occupancy 
_atom_site.B_iso_or_equiv 
_atom_site.pdbx_formal_charge 
_atom_site.auth_seq_id 
_atom_site.auth_comp_id 
_atom_site.auth_asym_id 
_atom_site.auth_atom_id 
_atom_site.pdbx_PDB_model_num 
ATOM 1   C CA . MET A 1 1   ? 8.129   -28.021 12.915  1.00 28.91  ? 1   MET A CA 1 
ATOM 2   C CA . ASN A 1 2   ? 7.359   -31.214 14.903  1.00 24.81  ? 2   ASN A CA 1 
ATOM 3   C CA . VAL A 1 3   ? 5.406   -33.702 12.818  1.00 19.93  ? 3   VAL A CA 1 
ATOM 4   C CA . ILE A 1 4   ? 7.188   -36.993 11.951  1.00 18.55  ? 4   ILE A CA 1 
ATOM 5   C CA . ALA A 1 5   ? 5.558   -39.473 9.610   1.00 17.43  ? 5   ALA A CA 1 
ATOM 6   C CA . ILE A 1 6   ? 6.042   -43.211 10.055  1.00 18.15  ? 6   ILE A CA 1 
ATOM 7   C CA . LEU A 1 7   ? 5.104   -45.264 7.028   1.00 21.30  ? 7   LEU A CA 1 
ATOM 8   C CA . ASN A 1 8   ? 4.151   -49.081 8.030   1.00 23.53  ? 8   ASN A CA 1 
ATOM 9   C CA . HIS A 1 9   ? 2.716   -52.783 8.722   1.00 23.78  ? 9   HIS A CA 1 
ATOM 10  C CA . MET A 1 10  ? 5.808   -54.978 8.083   1.00 21.98  ? 10  MET A CA 1 
ATOM 11  C CA . GLY A 1 11  ? 4.593   -58.366 9.353   1.00 20.34  ? 11  GLY A CA 1 
ATOM 12  C CA . VAL A 1 12  ? 7.660   -58.912 11.580  1.00 19.53  ? 12  VAL A CA 1 
ATOM 13  C CA . TYR A 1 13  ? 8.096   -58.103 15.228  1.00 17.09  ? 13  TYR A CA 1 
ATOM 14  C CA . PHE A 1 14  ? 11.871  -57.549 14.819  1.00 16.44  ? 14  PHE A CA 1 
ATOM 15  C CA . LYS A 1 15  ? 10.989  -54.428 12.756  1.00 15.55  ? 15  LYS A CA 1 
ATOM 16  C CA . GLU A 1 16  ? 7.650   -53.437 14.274  1.00 16.46  ? 16  GLU A CA 1 
ATOM 17  C CA . GLU A 1 17  ? 8.699   -53.399 17.906  1.00 16.40  ? 17  GLU A CA 1 
ATOM 18  C CA . PRO A 1 18  ? 11.694  -51.092 17.479  1.00 15.64  ? 18  PRO A CA 1 
ATOM 19  C CA . ILE A 1 19  ? 9.420   -48.708 15.542  1.00 17.09  ? 19  ILE A CA 1 
ATOM 20  C CA . ARG A 1 20  ? 6.932   -48.789 18.447  1.00 18.05  ? 20  ARG A CA 1 
ATOM 21  C CA . GLU A 1 21  ? 9.816   -47.953 20.797  1.00 16.13  ? 21  GLU A CA 1 
ATOM 22  C CA . LEU A 1 22  ? 10.833  -45.093 18.487  1.00 15.94  ? 22  LEU A CA 1 
ATOM 23  C CA . HIS A 1 23  ? 7.259   -43.653 18.436  1.00 16.93  ? 23  HIS A CA 1 
ATOM 24  C CA . ARG A 1 24  ? 7.452   -43.438 22.244  1.00 18.20  ? 24  ARG A CA 1 
ATOM 25  C CA . ALA A 1 25  ? 10.977  -41.987 22.286  1.00 17.75  ? 25  ALA A CA 1 
ATOM 26  C CA . LEU A 1 26  ? 9.960   -39.324 19.755  1.00 18.60  ? 26  LEU A CA 1 
ATOM 27  C CA . GLU A 1 27  ? 6.774   -38.430 21.666  1.00 20.98  ? 27  GLU A CA 1 
ATOM 28  C CA . ARG A 1 28  ? 9.005   -37.872 24.737  1.00 23.53  ? 28  ARG A CA 1 
ATOM 29  C CA . LEU A 1 29  ? 10.894  -35.273 22.667  1.00 23.20  ? 29  LEU A CA 1 
ATOM 30  C CA . ASN A 1 30  ? 7.569   -33.586 21.838  1.00 24.37  ? 30  ASN A CA 1 
ATOM 31  C CA . PHE A 1 31  ? 7.120   -34.715 18.237  1.00 19.49  ? 31  PHE A CA 1 
ATOM 32  C CA . GLN A 1 32  ? 3.622   -35.552 16.878  1.00 18.93  ? 32  GLN A CA 1 
ATOM 33  C CA . ILE A 1 33  ? 3.630   -38.885 15.058  1.00 17.78  ? 33  ILE A CA 1 
ATOM 34  C CA . VAL A 1 34  ? 1.477   -39.570 12.019  1.00 17.24  ? 34  VAL A CA 1 
ATOM 35  C CA . TYR A 1 35  ? 0.853   -42.867 10.189  1.00 18.07  ? 35  TYR A CA 1 
ATOM 36  C CA . PRO A 1 36  ? 0.077   -42.594 6.448   1.00 18.63  ? 36  PRO A CA 1 
ATOM 37  C CA . ASN A 1 37  ? -1.619  -45.685 5.018   1.00 22.25  ? 37  ASN A CA 1 
ATOM 38  C CA . ASP A 1 38  ? 0.512   -45.821 1.927   1.00 24.32  ? 38  ASP A CA 1 
ATOM 39  C CA . ARG A 1 39  ? 2.820   -43.895 -0.329  1.00 25.07  ? 39  ARG A CA 1 
ATOM 40  C CA . ASP A 1 40  ? 0.140   -41.622 -1.812  1.00 24.31  ? 40  ASP A CA 1 
ATOM 41  C CA . ASP A 1 41  ? -1.259  -40.813 1.682   1.00 19.37  ? 41  ASP A CA 1 
ATOM 42  C CA . LEU A 1 42  ? 2.253   -39.806 2.823   1.00 19.73  ? 42  LEU A CA 1 
ATOM 43  C CA . LEU A 1 43  ? 2.746   -37.524 -0.196  1.00 21.27  ? 43  LEU A CA 1 
ATOM 44  C CA . LYS A 1 44  ? -0.583  -35.817 0.589   1.00 21.56  ? 44  LYS A CA 1 
ATOM 45  C CA . LEU A 1 45  ? 0.464   -35.327 4.211   1.00 20.77  ? 45  LEU A CA 1 
ATOM 46  C CA . ILE A 1 46  ? 3.714   -33.685 3.048   1.00 23.36  ? 46  ILE A CA 1 
ATOM 47  C CA . GLU A 1 47  ? 1.853   -31.604 0.462   1.00 28.41  ? 47  GLU A CA 1 
ATOM 48  C CA . ASN A 1 48  ? -0.711  -30.374 3.043   1.00 26.80  ? 48  ASN A CA 1 
ATOM 49  C CA . ASN A 1 49  ? 1.502   -29.988 6.106   1.00 22.58  ? 49  ASN A CA 1 
ATOM 50  C CA . ALA A 1 50  ? 4.617   -27.770 5.941   1.00 21.68  ? 50  ALA A CA 1 
ATOM 51  C CA . ARG A 1 51  ? 5.353   -28.734 9.563   1.00 21.33  ? 51  ARG A CA 1 
ATOM 52  C CA . LEU A 1 52  ? 5.909   -32.371 8.689   1.00 21.57  ? 52  LEU A CA 1 
ATOM 53  C CA . CYS A 1 53  ? 9.687   -32.399 9.138   1.00 21.90  ? 53  CYS A CA 1 
ATOM 54  C CA . GLY A 1 54  ? 10.787  -36.090 8.794   1.00 19.19  ? 54  GLY A CA 1 
ATOM 55  C CA . VAL A 1 55  ? 9.745   -39.457 7.332   1.00 17.91  ? 55  VAL A CA 1 
ATOM 56  C CA . ILE A 1 56  ? 10.583  -42.845 8.831   1.00 17.78  ? 56  ILE A CA 1 
ATOM 57  C CA . PHE A 1 57  ? 10.305  -45.874 6.517   1.00 16.87  ? 57  PHE A CA 1 
ATOM 58  C CA . ASP A 1 58  ? 11.668  -49.289 5.558   1.00 17.78  ? 58  ASP A CA 1 
ATOM 59  C CA . TRP A 1 59  ? 14.304  -48.572 2.904   1.00 19.98  ? 59  TRP A CA 1 
ATOM 60  C CA . ASP A 1 60  ? 13.769  -51.657 0.697   1.00 21.07  ? 60  ASP A CA 1 
ATOM 61  C CA . LYS A 1 61  ? 9.950   -51.462 0.801   1.00 20.83  ? 61  LYS A CA 1 
ATOM 62  C CA . TYR A 1 62  ? 9.646   -47.806 -0.182  1.00 20.78  ? 62  TYR A CA 1 
ATOM 63  C CA . ASN A 1 63  ? 12.815  -46.090 -1.456  1.00 23.02  ? 63  ASN A CA 1 
ATOM 64  C CA . LEU A 1 64  ? 11.997  -46.585 -5.187  1.00 26.37  ? 64  LEU A CA 1 
ATOM 65  C CA . GLU A 1 65  ? 8.420   -45.403 -4.508  1.00 29.35  ? 65  GLU A CA 1 
ATOM 66  C CA . LEU A 1 66  ? 9.279   -42.329 -2.340  1.00 25.86  ? 66  LEU A CA 1 
ATOM 67  C CA . CYS A 1 67  ? 12.665  -40.756 -2.931  1.00 24.06  ? 67  CYS A CA 1 
ATOM 68  C CA . GLU A 1 68  ? 12.036  -39.161 -6.307  1.00 26.90  ? 68  GLU A CA 1 
ATOM 69  C CA . GLU A 1 69  ? 8.544   -37.888 -5.366  1.00 26.19  ? 69  GLU A CA 1 
ATOM 70  C CA . ILE A 1 70  ? 9.814   -36.362 -2.120  1.00 25.32  ? 70  ILE A CA 1 
ATOM 71  C CA . SER A 1 71  ? 12.814  -34.699 -3.835  1.00 27.30  ? 71  SER A CA 1 
ATOM 72  C CA . LYS A 1 72  ? 10.301  -32.951 -6.188  1.00 29.46  ? 72  LYS A CA 1 
ATOM 73  C CA . MET A 1 73  ? 8.408   -31.553 -3.157  1.00 29.42  ? 73  MET A CA 1 
ATOM 74  C CA . ASN A 1 74  ? 11.173  -30.711 -0.725  1.00 25.88  ? 74  ASN A CA 1 
ATOM 75  C CA . GLU A 1 75  ? 14.829  -31.357 -1.325  1.00 26.56  ? 75  GLU A CA 1 
ATOM 76  C CA . ASN A 1 76  ? 15.805  -30.984 2.264   1.00 22.99  ? 76  ASN A CA 1 
ATOM 77  C CA . LEU A 1 77  ? 13.167  -33.016 4.029   1.00 19.17  ? 77  LEU A CA 1 
ATOM 78  C CA . PRO A 1 78  ? 14.849  -35.430 6.462   1.00 18.27  ? 78  PRO A CA 1 
ATOM 79  C CA . LEU A 1 79  ? 14.482  -39.105 5.607   1.00 19.76  ? 79  LEU A CA 1 
ATOM 80  C CA . TYR A 1 80  ? 15.102  -41.797 8.210   1.00 19.20  ? 80  TYR A CA 1 
ATOM 81  C CA . ALA A 1 81  ? 15.617  -45.007 6.282   1.00 18.16  ? 81  ALA A CA 1 
ATOM 82  C CA . PHE A 1 82  ? 15.646  -48.358 8.047   1.00 18.90  ? 82  PHE A CA 1 
ATOM 83  C CA . ALA A 1 83  ? 18.000  -50.749 6.281   1.00 20.42  ? 83  ALA A CA 1 
ATOM 84  C CA . ASN A 1 84  ? 18.034  -54.536 5.848   1.00 22.69  ? 84  ASN A CA 1 
ATOM 85  C CA . THR A 1 85  ? 21.232  -56.643 5.543   1.00 23.76  ? 85  THR A CA 1 
ATOM 86  C CA . TYR A 1 86  ? 21.129  -56.523 1.732   1.00 25.59  ? 86  TYR A CA 1 
ATOM 87  C CA . SER A 1 87  ? 19.822  -52.961 1.309   1.00 22.62  ? 87  SER A CA 1 
ATOM 88  C CA . THR A 1 88  ? 21.579  -51.016 -1.456  1.00 23.01  ? 88  THR A CA 1 
ATOM 89  C CA . LEU A 1 89  ? 21.410  -47.811 -3.527  1.00 23.13  ? 89  LEU A CA 1 
ATOM 90  C CA . ASP A 1 90  ? 19.725  -47.933 -6.919  1.00 25.93  ? 90  ASP A CA 1 
ATOM 91  C CA . VAL A 1 91  ? 21.361  -45.944 -9.744  1.00 26.47  ? 91  VAL A CA 1 
ATOM 92  C CA . SER A 1 92  ? 18.096  -43.956 -10.182 1.00 26.64  ? 92  SER A CA 1 
ATOM 93  C CA . LEU A 1 93  ? 18.867  -42.215 -6.863  1.00 25.22  ? 93  LEU A CA 1 
ATOM 94  C CA . ASN A 1 94  ? 22.234  -40.822 -8.035  1.00 26.82  ? 94  ASN A CA 1 
ATOM 95  C CA . ASP A 1 95  ? 21.051  -37.403 -9.092  1.00 29.16  ? 95  ASP A CA 1 
ATOM 96  C CA . LEU A 1 96  ? 18.271  -36.788 -6.528  1.00 25.83  ? 96  LEU A CA 1 
ATOM 97  C CA . ARG A 1 97  ? 18.732  -34.218 -3.794  1.00 26.44  ? 97  ARG A CA 1 
ATOM 98  C CA . LEU A 1 98  ? 17.941  -36.209 -0.652  1.00 23.26  ? 98  LEU A CA 1 
ATOM 99  C CA . GLN A 1 99  ? 18.680  -35.869 3.019   1.00 22.57  ? 99  GLN A CA 1 
ATOM 100 C CA . ILE A 1 100 ? 18.956  -39.489 4.259   1.00 21.66  ? 100 ILE A CA 1 
ATOM 101 C CA . SER A 1 101 ? 20.007  -41.056 7.550   1.00 21.54  ? 101 SER A CA 1 
ATOM 102 C CA . PHE A 1 102 ? 20.227  -44.847 7.669   1.00 19.13  ? 102 PHE A CA 1 
ATOM 103 C CA . PHE A 1 103 ? 19.202  -46.790 10.783  1.00 19.58  ? 103 PHE A CA 1 
ATOM 104 C CA . GLU A 1 104 ? 19.008  -50.440 11.888  1.00 20.12  ? 104 GLU A CA 1 
ATOM 105 C CA . TYR A 1 105 ? 16.071  -52.243 13.535  1.00 18.14  ? 105 TYR A CA 1 
ATOM 106 C CA . ALA A 1 106 ? 17.195  -52.917 17.110  1.00 20.50  ? 106 ALA A CA 1 
ATOM 107 C CA . LEU A 1 107 ? 15.529  -53.105 20.510  1.00 19.58  ? 107 LEU A CA 1 
ATOM 108 C CA . GLY A 1 108 ? 16.668  -50.403 22.879  1.00 21.54  ? 108 GLY A CA 1 
ATOM 109 C CA . ALA A 1 109 ? 18.109  -48.114 20.153  1.00 19.77  ? 109 ALA A CA 1 
ATOM 110 C CA . ALA A 1 110 ? 15.012  -45.803 20.145  1.00 19.83  ? 110 ALA A CA 1 
ATOM 111 C CA . GLU A 1 111 ? 16.368  -43.214 22.586  1.00 22.11  ? 111 GLU A CA 1 
ATOM 112 C CA . ASP A 1 112 ? 19.532  -42.790 20.517  1.00 21.57  ? 112 ASP A CA 1 
ATOM 113 C CA . ILE A 1 113 ? 17.662  -42.721 17.188  1.00 17.62  ? 113 ILE A CA 1 
ATOM 114 C CA . ALA A 1 114 ? 15.174  -40.141 18.599  1.00 18.04  ? 114 ALA A CA 1 
ATOM 115 C CA . ASN A 1 115 ? 18.093  -37.930 19.655  1.00 20.22  ? 115 ASN A CA 1 
ATOM 116 C CA . LYS A 1 116 ? 19.629  -38.132 16.168  1.00 19.72  ? 116 LYS A CA 1 
ATOM 117 C CA . ILE A 1 117 ? 16.255  -37.254 14.638  1.00 18.69  ? 117 ILE A CA 1 
ATOM 118 C CA . LYS A 1 118 ? 16.007  -34.208 16.966  1.00 20.93  ? 118 LYS A CA 1 
ATOM 119 C CA . GLN A 1 119 ? 19.519  -33.150 15.843  1.00 23.13  ? 119 GLN A CA 1 
ATOM 120 C CA . THR A 1 120 ? 18.714  -33.653 12.150  1.00 20.15  ? 120 THR A CA 1 
ATOM 121 C CA . THR A 1 121 ? 15.457  -31.667 12.589  1.00 20.29  ? 121 THR A CA 1 
ATOM 122 C CA . ASP A 1 122 ? 17.429  -28.745 14.060  1.00 21.58  ? 122 ASP A CA 1 
ATOM 123 C CA . GLU A 1 123 ? 19.869  -29.064 11.116  1.00 22.72  ? 123 GLU A CA 1 
ATOM 124 C CA . TYR A 1 124 ? 16.912  -28.934 8.713   1.00 20.92  ? 124 TYR A CA 1 
ATOM 125 C CA . ILE A 1 125 ? 15.501  -25.831 10.455  1.00 21.85  ? 125 ILE A CA 1 
ATOM 126 C CA . ASN A 1 126 ? 18.964  -24.258 10.271  1.00 25.91  ? 126 ASN A CA 1 
ATOM 127 C CA . THR A 1 127 ? 19.263  -24.997 6.529   1.00 25.57  ? 127 THR A CA 1 
ATOM 128 C CA . ILE A 1 128 ? 15.942  -23.451 5.558   1.00 22.83  ? 128 ILE A CA 1 
ATOM 129 C CA . LEU A 1 129 ? 15.979  -20.232 7.671   1.00 22.30  ? 129 LEU A CA 1 
ATOM 130 C CA . PRO A 1 130 ? 17.587  -16.891 6.413   1.00 21.63  ? 130 PRO A CA 1 
ATOM 131 C CA . PRO A 1 131 ? 20.664  -15.544 8.264   1.00 21.74  ? 131 PRO A CA 1 
ATOM 132 C CA . LEU A 1 132 ? 19.679  -12.388 10.203  1.00 21.62  ? 132 LEU A CA 1 
ATOM 133 C CA . THR A 1 133 ? 16.271  -13.761 11.299  1.00 21.17  ? 133 THR A CA 1 
ATOM 134 C CA . LYS A 1 134 ? 17.989  -16.967 12.428  1.00 23.01  ? 134 LYS A CA 1 
ATOM 135 C CA . ALA A 1 135 ? 20.548  -14.953 14.466  1.00 22.38  ? 135 ALA A CA 1 
ATOM 136 C CA . LEU A 1 136 ? 17.790  -12.810 15.978  1.00 22.75  ? 136 LEU A CA 1 
ATOM 137 C CA . PHE A 1 137 ? 15.740  -15.867 17.108  1.00 23.76  ? 137 PHE A CA 1 
ATOM 138 C CA . LYS A 1 138 ? 18.870  -17.481 18.521  1.00 25.45  ? 138 LYS A CA 1 
ATOM 139 C CA . TYR A 1 139 ? 19.741  -14.305 20.425  1.00 25.24  ? 139 TYR A CA 1 
ATOM 140 C CA . VAL A 1 140 ? 16.233  -14.217 21.941  1.00 27.69  ? 140 VAL A CA 1 
ATOM 141 C CA . ARG A 1 141 ? 16.647  -17.864 23.073  1.00 33.90  ? 141 ARG A CA 1 
ATOM 142 C CA . GLU A 1 142 ? 20.242  -17.595 24.396  1.00 39.72  ? 142 GLU A CA 1 
ATOM 143 C CA . GLY A 1 143 ? 21.501  -13.960 24.883  1.00 45.19  ? 143 GLY A CA 1 
ATOM 144 C CA . LYS A 1 144 ? 22.095  -12.198 28.325  1.00 48.98  ? 144 LYS A CA 1 
ATOM 145 C CA . TYR A 1 145 ? 23.050  -8.558  27.695  1.00 46.76  ? 145 TYR A CA 1 
ATOM 146 C CA . THR A 1 146 ? 22.277  -6.067  30.492  1.00 42.43  ? 146 THR A CA 1 
ATOM 147 C CA . PHE A 1 147 ? 22.740  -2.232  30.677  1.00 41.44  ? 147 PHE A CA 1 
ATOM 148 C CA . CYS A 1 148 ? 21.400  -1.958  27.194  1.00 44.00  ? 148 CYS A CA 1 
ATOM 149 C CA . THR A 1 149 ? 19.063  0.096   25.088  1.00 38.74  ? 149 THR A CA 1 
ATOM 150 C CA . PRO A 1 150 ? 16.093  -0.199  24.256  1.00 34.37  ? 150 PRO A CA 1 
ATOM 151 C CA . GLY A 1 151 ? 15.486  0.954   27.827  1.00 32.21  ? 151 GLY A CA 1 
ATOM 152 C CA . HIS A 1 152 ? 12.754  -1.628  28.236  1.00 29.71  ? 152 HIS A CA 1 
ATOM 153 C CA . MET A 1 153 ? 15.394  -4.407  28.246  1.00 31.42  ? 153 MET A CA 1 
ATOM 154 C CA . GLY A 1 154 ? 13.573  -7.284  26.597  1.00 29.11  ? 154 GLY A CA 1 
ATOM 155 C CA . GLY A 1 155 ? 10.242  -6.098  28.036  1.00 28.82  ? 155 GLY A CA 1 
ATOM 156 C CA . THR A 1 156 ? 11.533  -5.974  31.643  1.00 31.78  ? 156 THR A CA 1 
ATOM 157 C CA . ALA A 1 157 ? 10.581  -2.327  32.206  1.00 29.89  ? 157 ALA A CA 1 
ATOM 158 C CA . PHE A 1 158 ? 6.977   -3.028  31.149  1.00 28.20  ? 158 PHE A CA 1 
ATOM 159 C CA . GLN A 1 159 ? 6.513   -5.683  33.913  1.00 30.33  ? 159 GLN A CA 1 
ATOM 160 C CA . LYS A 1 160 ? 7.031   -3.198  36.730  1.00 29.42  ? 160 LYS A CA 1 
ATOM 161 C CA . SER A 1 161 ? 3.958   -1.201  35.651  1.00 24.23  ? 161 SER A CA 1 
ATOM 162 C CA . PRO A 1 162 ? 0.295   -2.261  35.777  1.00 22.28  ? 162 PRO A CA 1 
ATOM 163 C CA . VAL A 1 163 ? -0.446  -0.840  32.322  1.00 21.08  ? 163 VAL A CA 1 
ATOM 164 C CA . GLY A 1 164 ? 3.001   -1.920  31.041  1.00 21.07  ? 164 GLY A CA 1 
ATOM 165 C CA . SER A 1 165 ? 2.263   -5.501  32.145  1.00 21.12  ? 165 SER A CA 1 
ATOM 166 C CA . LEU A 1 166 ? -0.829  -5.492  29.943  1.00 20.39  ? 166 LEU A CA 1 
ATOM 167 C CA . PHE A 1 167 ? 1.199   -4.240  26.948  1.00 20.03  ? 167 PHE A CA 1 
ATOM 168 C CA . TYR A 1 168 ? 3.913   -6.891  27.618  1.00 21.50  ? 168 TYR A CA 1 
ATOM 169 C CA . ASP A 1 169 ? 1.357   -9.663  28.009  1.00 22.77  ? 169 ASP A CA 1 
ATOM 170 C CA . PHE A 1 170 ? -0.423  -8.671  24.812  1.00 20.94  ? 170 PHE A CA 1 
ATOM 171 C CA . PHE A 1 171 ? 2.691   -8.707  22.564  1.00 22.27  ? 171 PHE A CA 1 
ATOM 172 C CA . GLY A 1 172 ? 4.438   -11.529 24.482  1.00 23.54  ? 172 GLY A CA 1 
ATOM 173 C CA . PRO A 1 173 ? 8.041   -12.384 25.479  1.00 23.69  ? 173 PRO A CA 1 
ATOM 174 C CA . ASN A 1 174 ? 9.492   -13.080 22.003  1.00 22.74  ? 174 ASN A CA 1 
ATOM 175 C CA . THR A 1 175 ? 8.241   -9.781  20.524  1.00 22.20  ? 175 THR A CA 1 
ATOM 176 C CA . MET A 1 176 ? 9.574   -7.841  23.516  1.00 23.55  ? 176 MET A CA 1 
ATOM 177 C CA . LYS A 1 177 ? 12.948  -9.630  23.656  1.00 23.68  ? 177 LYS A CA 1 
ATOM 178 C CA . SER A 1 178 ? 13.595  -9.302  19.914  1.00 23.39  ? 178 SER A CA 1 
ATOM 179 C CA . ASP A 1 179 ? 13.453  -5.509  20.193  1.00 24.59  ? 179 ASP A CA 1 
ATOM 180 C CA . ILE A 1 180 ? 17.206  -4.949  20.430  1.00 26.87  ? 180 ILE A CA 1 
ATOM 181 C CA . SER A 1 181 ? 19.976  -2.488  19.446  1.00 28.57  ? 181 SER A CA 1 
ATOM 182 C CA . ILE A 1 182 ? 23.518  -2.679  18.001  1.00 31.34  ? 182 ILE A CA 1 
ATOM 183 C CA . SER A 1 183 ? 24.714  -3.524  21.546  1.00 33.62  ? 183 SER A CA 1 
ATOM 184 C CA . VAL A 1 184 ? 23.926  -7.097  20.395  1.00 33.63  ? 184 VAL A CA 1 
ATOM 185 C CA . SER A 1 185 ? 27.135  -7.174  18.450  1.00 34.80  ? 185 SER A CA 1 
ATOM 186 C CA . GLU A 1 186 ? 26.630  -10.558 16.984  1.00 33.56  ? 186 GLU A CA 1 
ATOM 187 C CA . LEU A 1 187 ? 23.758  -9.304  14.802  1.00 30.92  ? 187 LEU A CA 1 
ATOM 188 C CA . GLY A 1 188 ? 26.005  -6.693  13.172  1.00 29.27  ? 188 GLY A CA 1 
ATOM 189 C CA . SER A 1 189 ? 24.523  -3.351  12.156  1.00 26.46  ? 189 SER A CA 1 
ATOM 190 C CA . LEU A 1 190 ? 21.995  -2.134  9.623   1.00 25.91  ? 190 LEU A CA 1 
ATOM 191 C CA . LEU A 1 191 ? 23.724  1.235   9.148   1.00 29.77  ? 191 LEU A CA 1 
ATOM 192 C CA . ASP A 1 192 ? 27.209  -0.315  8.772   1.00 31.42  ? 192 ASP A CA 1 
ATOM 193 C CA . HIS A 1 193 ? 25.762  -3.102  6.620   1.00 29.87  ? 193 HIS A CA 1 
ATOM 194 C CA . SER A 1 194 ? 27.820  -5.532  8.689   1.00 29.29  ? 194 SER A CA 1 
ATOM 195 C CA . GLY A 1 195 ? 27.577  -9.174  9.918   1.00 26.67  ? 195 GLY A CA 1 
ATOM 196 C CA . PRO A 1 196 ? 24.183  -10.867 9.502   1.00 24.98  ? 196 PRO A CA 1 
ATOM 197 C CA . HIS A 1 197 ? 22.814  -7.554  8.116   1.00 25.08  ? 197 HIS A CA 1 
ATOM 198 C CA . LYS A 1 198 ? 25.284  -7.840  5.226   1.00 26.81  ? 198 LYS A CA 1 
ATOM 199 C CA . GLU A 1 199 ? 24.246  -11.435 4.805   1.00 26.05  ? 199 GLU A CA 1 
ATOM 200 C CA . ALA A 1 200 ? 20.568  -10.392 4.807   1.00 24.54  ? 200 ALA A CA 1 
ATOM 201 C CA . GLU A 1 201 ? 21.179  -7.769  2.105   1.00 26.04  ? 201 GLU A CA 1 
ATOM 202 C CA . GLN A 1 202 ? 23.030  -10.250 -0.130  1.00 25.83  ? 202 GLN A CA 1 
ATOM 203 C CA . TYR A 1 203 ? 20.353  -12.856 0.496   1.00 25.30  ? 203 TYR A CA 1 
ATOM 204 C CA . ILE A 1 204 ? 17.594  -10.380 -0.499  1.00 24.18  ? 204 ILE A CA 1 
ATOM 205 C CA . ALA A 1 205 ? 19.476  -9.148  -3.560  1.00 25.11  ? 205 ALA A CA 1 
ATOM 206 C CA . ARG A 1 206 ? 19.794  -12.716 -4.842  1.00 26.49  ? 206 ARG A CA 1 
ATOM 207 C CA . VAL A 1 207 ? 16.103  -13.549 -4.293  1.00 24.88  ? 207 VAL A CA 1 
ATOM 208 C CA . PHE A 1 208 ? 14.902  -10.254 -5.823  1.00 26.53  ? 208 PHE A CA 1 
ATOM 209 C CA . ASN A 1 209 ? 17.300  -10.200 -8.852  1.00 28.51  ? 209 ASN A CA 1 
ATOM 210 C CA . ALA A 1 210 ? 19.204  -7.066  -7.795  1.00 28.85  ? 210 ALA A CA 1 
ATOM 211 C CA . ASP A 1 211 ? 22.948  -6.277  -7.852  1.00 29.96  ? 211 ASP A CA 1 
ATOM 212 C CA . ARG A 1 212 ? 22.498  -4.658  -4.430  1.00 30.04  ? 212 ARG A CA 1 
ATOM 213 C CA . SER A 1 213 ? 19.496  -4.362  -2.027  1.00 26.74  ? 213 SER A CA 1 
ATOM 214 C CA . TYR A 1 214 ? 18.874  -2.059  0.947   1.00 26.15  ? 214 TYR A CA 1 
ATOM 215 C CA . MET A 1 215 ? 16.434  -2.682  3.823   1.00 25.93  ? 215 MET A CA 1 
ATOM 216 C CA . VAL A 1 216 ? 14.408  0.431   4.673   1.00 24.49  ? 216 VAL A CA 1 
ATOM 217 C CA . THR A 1 217 ? 12.454  0.649   7.945   1.00 23.23  ? 217 THR A CA 1 
ATOM 218 C CA . ASN A 1 218 ? 10.424  3.755   7.175   1.00 24.23  ? 218 ASN A CA 1 
ATOM 219 C CA . GLY A 1 219 ? 8.416   2.535   4.175   1.00 24.70  ? 219 GLY A CA 1 
ATOM 220 C CA . THR A 1 220 ? 8.732   3.146   0.445   1.00 27.37  ? 220 THR A CA 1 
ATOM 221 C CA . SER A 1 221 ? 7.869   6.803   1.329   1.00 28.03  ? 221 SER A CA 1 
ATOM 222 C CA . THR A 1 222 ? 11.457  6.875   2.623   1.00 27.07  ? 222 THR A CA 1 
ATOM 223 C CA . ALA A 1 223 ? 12.983  4.493   0.067   1.00 26.14  ? 223 ALA A CA 1 
ATOM 224 C CA . ASN A 1 224 ? 11.779  6.885   -2.706  1.00 27.78  ? 224 ASN A CA 1 
ATOM 225 C CA . LYS A 1 225 ? 13.593  9.811   -1.034  1.00 28.49  ? 225 LYS A CA 1 
ATOM 226 C CA . ILE A 1 226 ? 16.844  7.920   -0.505  1.00 28.50  ? 226 ILE A CA 1 
ATOM 227 C CA . VAL A 1 227 ? 16.954  7.074   -4.205  1.00 29.14  ? 227 VAL A CA 1 
ATOM 228 C CA . GLY A 1 228 ? 15.840  10.624  -5.133  1.00 33.94  ? 228 GLY A CA 1 
ATOM 229 C CA . MET A 1 229 ? 18.326  12.524  -2.958  1.00 35.78  ? 229 MET A CA 1 
ATOM 230 C CA . TYR A 1 230 ? 21.269  10.477  -4.209  1.00 32.66  ? 230 TYR A CA 1 
ATOM 231 C CA . SER A 1 231 ? 20.135  10.827  -7.834  1.00 33.28  ? 231 SER A CA 1 
ATOM 232 C CA . ALA A 1 232 ? 19.069  14.485  -8.175  1.00 35.63  ? 232 ALA A CA 1 
ATOM 233 C CA . PRO A 1 233 ? 21.469  17.169  -6.865  1.00 36.22  ? 233 PRO A CA 1 
ATOM 234 C CA . ALA A 1 234 ? 20.284  20.783  -6.339  1.00 38.07  ? 234 ALA A CA 1 
ATOM 235 C CA . GLY A 1 235 ? 19.776  22.659  -9.592  1.00 38.54  ? 235 GLY A CA 1 
ATOM 236 C CA . SER A 1 236 ? 19.115  19.484  -11.545 1.00 36.96  ? 236 SER A CA 1 
ATOM 237 C CA . THR A 1 237 ? 16.054  18.569  -13.577 1.00 35.67  ? 237 THR A CA 1 
ATOM 238 C CA . ILE A 1 238 ? 14.168  15.237  -13.089 1.00 35.19  ? 238 ILE A CA 1 
ATOM 239 C CA . LEU A 1 239 ? 11.530  13.469  -15.161 1.00 33.73  ? 239 LEU A CA 1 
ATOM 240 C CA . ILE A 1 240 ? 8.642   12.429  -12.935 1.00 33.99  ? 240 ILE A CA 1 
ATOM 241 C CA . ASP A 1 241 ? 5.483   10.441  -13.516 1.00 32.87  ? 241 ASP A CA 1 
ATOM 242 C CA . ARG A 1 242 ? 2.538   12.808  -13.036 1.00 33.04  ? 242 ARG A CA 1 
ATOM 243 C CA . ASN A 1 243 ? 0.875   9.745   -11.526 1.00 33.80  ? 243 ASN A CA 1 
ATOM 244 C CA . CYS A 1 244 ? 3.193   9.869   -8.525  1.00 33.72  ? 244 CYS A CA 1 
ATOM 245 C CA . HIS A 1 245 ? 2.907   8.965   -4.830  1.00 31.00  ? 245 HIS A CA 1 
ATOM 246 C CA . LYS A 1 246 ? 2.790   11.845  -2.370  1.00 31.20  ? 246 LYS A CA 1 
ATOM 247 C CA . SER A 1 247 ? 6.277   10.859  -1.126  1.00 27.69  ? 247 SER A CA 1 
ATOM 248 C CA . LEU A 1 248 ? 7.693   11.920  -4.540  1.00 30.29  ? 248 LEU A CA 1 
ATOM 249 C CA . THR A 1 249 ? 5.964   15.311  -4.164  1.00 33.16  ? 249 THR A CA 1 
ATOM 250 C CA . HIS A 1 250 ? 7.609   15.466  -0.718  1.00 34.12  ? 250 HIS A CA 1 
ATOM 251 C CA . LEU A 1 251 ? 10.963  14.742  -2.400  1.00 34.38  ? 251 LEU A CA 1 
ATOM 252 C CA . MET A 1 252 ? 10.451  17.695  -4.828  1.00 37.35  ? 252 MET A CA 1 
ATOM 253 C CA . MET A 1 253 ? 9.460   19.905  -1.889  1.00 39.35  ? 253 MET A CA 1 
ATOM 254 C CA . MET A 1 254 ? 12.655  18.913  -0.077  1.00 40.63  ? 254 MET A CA 1 
ATOM 255 C CA . SER A 1 255 ? 15.134  18.958  -2.986  1.00 39.34  ? 255 SER A CA 1 
ATOM 256 C CA . ASP A 1 256 ? 15.963  22.041  -5.049  1.00 36.77  ? 256 ASP A CA 1 
ATOM 257 C CA . VAL A 1 257 ? 15.116  20.349  -8.347  1.00 35.40  ? 257 VAL A CA 1 
ATOM 258 C CA . THR A 1 258 ? 13.019  21.198  -11.392 1.00 35.13  ? 258 THR A CA 1 
ATOM 259 C CA . PRO A 1 259 ? 10.413  18.692  -12.512 1.00 35.58  ? 259 PRO A CA 1 
ATOM 260 C CA . ILE A 1 260 ? 9.262   17.849  -16.009 1.00 35.75  ? 260 ILE A CA 1 
ATOM 261 C CA . TYR A 1 261 ? 6.279   15.436  -15.957 1.00 34.39  ? 261 TYR A CA 1 
ATOM 262 C CA . PHE A 1 262 ? 5.735   12.252  -17.843 1.00 34.81  ? 262 PHE A CA 1 
ATOM 263 C CA . ARG A 1 263 ? 2.028   12.444  -18.847 1.00 37.12  ? 263 ARG A CA 1 
ATOM 264 C CA . PRO A 1 264 ? -0.025  9.309   -18.239 1.00 37.18  ? 264 PRO A CA 1 
ATOM 265 C CA . THR A 1 265 ? -3.173  8.547   -20.232 1.00 37.77  ? 265 THR A CA 1 
ATOM 266 C CA . ARG A 1 266 ? -6.597  7.660   -18.666 1.00 36.63  ? 266 ARG A CA 1 
ATOM 267 C CA . ASN A 1 267 ? -9.944  6.184   -19.669 1.00 33.93  ? 267 ASN A CA 1 
ATOM 268 C CA . ALA A 1 268 ? -13.600 7.257   -19.218 1.00 33.69  ? 268 ALA A CA 1 
ATOM 269 C CA . TYR A 1 269 ? -13.846 5.296   -15.920 1.00 34.02  ? 269 TYR A CA 1 
ATOM 270 C CA . GLY A 1 270 ? -11.055 7.507   -14.575 1.00 34.14  ? 270 GLY A CA 1 
ATOM 271 C CA . ILE A 1 271 ? -8.576  4.624   -14.487 1.00 33.43  ? 271 ILE A CA 1 
ATOM 272 C CA . LEU A 1 272 ? -5.024  5.805   -15.232 1.00 34.65  ? 272 LEU A CA 1 
ATOM 273 C CA . GLY A 1 273 ? -3.227  4.416   -18.211 1.00 32.99  ? 273 GLY A CA 1 
ATOM 274 C CA . GLY A 1 274 ? 0.419   4.280   -19.095 1.00 32.57  ? 274 GLY A CA 1 
ATOM 275 C CA . ILE A 1 275 ? 2.693   7.132   -20.052 1.00 32.66  ? 275 ILE A CA 1 
ATOM 276 C CA . PRO A 1 276 ? 2.761   6.783   -23.888 1.00 32.87  ? 276 PRO A CA 1 
ATOM 277 C CA . GLN A 1 277 ? 5.945   5.596   -25.676 1.00 35.04  ? 277 GLN A CA 1 
ATOM 278 C CA . SER A 1 278 ? 6.369   9.138   -27.122 1.00 38.03  ? 278 SER A CA 1 
ATOM 279 C CA . GLU A 1 279 ? 7.062   10.568  -23.631 1.00 37.33  ? 279 GLU A CA 1 
ATOM 280 C CA . PHE A 1 280 ? 10.307  8.555   -23.352 1.00 36.85  ? 280 PHE A CA 1 
ATOM 281 C CA . GLN A 1 281 ? 11.790  9.672   -26.679 1.00 38.95  ? 281 GLN A CA 1 
ATOM 282 C CA . HIS A 1 282 ? 14.748  12.009  -26.893 1.00 40.06  ? 282 HIS A CA 1 
ATOM 283 C CA . ALA A 1 283 ? 13.000  14.621  -29.074 1.00 41.16  ? 283 ALA A CA 1 
ATOM 284 C CA . THR A 1 284 ? 10.022  14.931  -26.716 1.00 40.29  ? 284 THR A CA 1 
ATOM 285 C CA . ILE A 1 285 ? 12.213  15.426  -23.656 1.00 39.21  ? 285 ILE A CA 1 
ATOM 286 C CA . ALA A 1 286 ? 14.539  17.889  -25.438 1.00 41.12  ? 286 ALA A CA 1 
ATOM 287 C CA . LYS A 1 287 ? 11.554  20.066  -26.400 1.00 43.62  ? 287 LYS A CA 1 
ATOM 288 C CA . ARG A 1 288 ? 10.264  20.151  -22.781 1.00 43.50  ? 288 ARG A CA 1 
ATOM 289 C CA . VAL A 1 289 ? 13.755  20.948  -21.497 1.00 44.75  ? 289 VAL A CA 1 
ATOM 290 C CA . LYS A 1 290 ? 13.812  23.889  -23.970 1.00 48.26  ? 290 LYS A CA 1 
ATOM 291 C CA . GLU A 1 291 ? 10.382  25.143  -22.791 1.00 49.68  ? 291 GLU A CA 1 
ATOM 292 C CA . THR A 1 292 ? 10.998  24.691  -19.054 1.00 49.61  ? 292 THR A CA 1 
ATOM 293 C CA . PRO A 1 293 ? 12.685  27.536  -17.163 1.00 50.47  ? 293 PRO A CA 1 
ATOM 294 C CA . ASN A 1 294 ? 16.021  26.521  -15.585 1.00 49.17  ? 294 ASN A CA 1 
ATOM 295 C CA . ALA A 1 295 ? 15.662  22.976  -16.904 1.00 44.64  ? 295 ALA A CA 1 
ATOM 296 C CA . THR A 1 296 ? 18.672  21.051  -18.122 1.00 41.39  ? 296 THR A CA 1 
ATOM 297 C CA . TRP A 1 297 ? 18.827  17.496  -19.463 1.00 38.54  ? 297 TRP A CA 1 
ATOM 298 C CA . PRO A 1 298 ? 17.175  15.207  -16.825 1.00 36.15  ? 298 PRO A CA 1 
ATOM 299 C CA . VAL A 1 299 ? 19.635  13.398  -14.566 1.00 34.74  ? 299 VAL A CA 1 
ATOM 300 C CA . HIS A 1 300 ? 16.934  11.117  -13.014 1.00 32.60  ? 300 HIS A CA 1 
ATOM 301 C CA . ALA A 1 301 ? 13.526  9.707   -14.071 1.00 30.84  ? 301 ALA A CA 1 
ATOM 302 C CA . VAL A 1 302 ? 10.794  8.194   -11.821 1.00 30.85  ? 302 VAL A CA 1 
ATOM 303 C CA . ILE A 1 303 ? 8.012   5.993   -13.224 1.00 28.74  ? 303 ILE A CA 1 
ATOM 304 C CA . THR A 1 304 ? 5.205   4.383   -11.176 1.00 28.24  ? 304 THR A CA 1 
ATOM 305 C CA . ASN A 1 305 ? 5.166   0.766   -12.233 1.00 27.03  ? 305 ASN A CA 1 
ATOM 306 C CA . SER A 1 306 ? 2.603   -0.771  -12.062 1.00 26.34  ? 306 SER A CA 1 
ATOM 307 C CA . THR A 1 307 ? -0.240  1.699   -11.796 1.00 27.79  ? 307 THR A CA 1 
ATOM 308 C CA . TYR A 1 308 ? -2.613  1.087   -8.849  1.00 29.92  ? 308 TYR A CA 1 
ATOM 309 C CA . ASP A 1 309 ? -5.082  -0.792  -11.102 1.00 30.03  ? 309 ASP A CA 1 
ATOM 310 C CA . GLY A 1 310 ? -2.343  -3.131  -12.329 1.00 28.76  ? 310 GLY A CA 1 
ATOM 311 C CA . LEU A 1 311 ? -1.020  -1.754  -15.615 1.00 27.89  ? 311 LEU A CA 1 
ATOM 312 C CA . LEU A 1 312 ? 2.607   -2.650  -16.020 1.00 27.77  ? 312 LEU A CA 1 
ATOM 313 C CA . TYR A 1 313 ? 4.982   -1.086  -18.566 1.00 30.12  ? 313 TYR A CA 1 
ATOM 314 C CA . ASN A 1 314 ? 7.169   -2.782  -21.122 1.00 31.78  ? 314 ASN A CA 1 
ATOM 315 C CA . THR A 1 315 ? 10.299  -1.870  -19.132 1.00 31.74  ? 315 THR A CA 1 
ATOM 316 C CA . ASP A 1 316 ? 12.588  -3.268  -21.861 1.00 35.47  ? 316 ASP A CA 1 
ATOM 317 C CA . PHE A 1 317 ? 11.338  -0.480  -24.116 1.00 36.38  ? 317 PHE A CA 1 
ATOM 318 C CA . ILE A 1 318 ? 11.800  2.143   -21.392 1.00 35.82  ? 318 ILE A CA 1 
ATOM 319 C CA . LYS A 1 319 ? 15.373  1.112   -20.567 1.00 38.10  ? 319 LYS A CA 1 
ATOM 320 C CA . LYS A 1 320 ? 16.299  1.073   -24.279 1.00 40.40  ? 320 LYS A CA 1 
ATOM 321 C CA . THR A 1 321 ? 14.518  4.354   -25.114 1.00 37.85  ? 321 THR A CA 1 
ATOM 322 C CA . LEU A 1 322 ? 14.805  6.689   -22.159 1.00 37.08  ? 322 LEU A CA 1 
ATOM 323 C CA . ASP A 1 323 ? 18.134  8.544   -22.484 1.00 37.34  ? 323 ASP A CA 1 
ATOM 324 C CA . VAL A 1 324 ? 18.497  9.173   -18.738 1.00 34.08  ? 324 VAL A CA 1 
ATOM 325 C CA . LYS A 1 325 ? 21.374  7.746   -16.713 1.00 33.30  ? 325 LYS A CA 1 
ATOM 326 C CA . SER A 1 326 ? 19.208  6.914   -13.664 1.00 32.42  ? 326 SER A CA 1 
ATOM 327 C CA . ILE A 1 327 ? 15.771  5.356   -13.895 1.00 30.09  ? 327 ILE A CA 1 
ATOM 328 C CA . HIS A 1 328 ? 13.674  4.670   -10.749 1.00 29.57  ? 328 HIS A CA 1 
ATOM 329 C CA . PHE A 1 329 ? 10.591  2.447   -10.950 1.00 28.83  ? 329 PHE A CA 1 
ATOM 330 C CA . ASP A 1 330 ? 8.372   3.145   -7.897  1.00 27.49  ? 330 ASP A CA 1 
ATOM 331 C CA . SER A 1 331 ? 7.297   -0.485  -7.683  1.00 26.68  ? 331 SER A CA 1 
ATOM 332 C CA . ALA A 1 332 ? 5.450   -0.300  -4.321  1.00 27.63  ? 332 ALA A CA 1 
ATOM 333 C CA . TRP A 1 333 ? 2.481   -2.287  -5.714  1.00 29.03  ? 333 TRP A CA 1 
ATOM 334 C CA . VAL A 1 334 ? 4.462   -5.056  -7.419  1.00 27.26  ? 334 VAL A CA 1 
ATOM 335 C CA . PRO A 1 335 ? 7.113   -6.462  -5.001  1.00 26.08  ? 335 PRO A CA 1 
ATOM 336 C CA . TYR A 1 336 ? 6.512   -9.996  -6.366  1.00 25.66  ? 336 TYR A CA 1 
ATOM 337 C CA . THR A 1 337 ? 7.470   -9.521  -10.045 1.00 25.72  ? 337 THR A CA 1 
ATOM 338 C CA . ASN A 1 338 ? 10.680  -11.536 -9.797  1.00 26.46  ? 338 ASN A CA 1 
ATOM 339 C CA . PHE A 1 339 ? 8.747   -14.692 -8.774  1.00 26.36  ? 339 PHE A CA 1 
ATOM 340 C CA . SER A 1 340 ? 6.725   -15.488 -11.881 1.00 28.46  ? 340 SER A CA 1 
ATOM 341 C CA . PRO A 1 341 ? 7.920   -15.497 -15.507 1.00 30.23  ? 341 PRO A CA 1 
ATOM 342 C CA . ILE A 1 342 ? 4.731   -13.574 -16.473 1.00 28.96  ? 342 ILE A CA 1 
ATOM 343 C CA . TYR A 1 343 ? 6.343   -10.372 -15.204 1.00 27.63  ? 343 TYR A CA 1 
ATOM 344 C CA . GLU A 1 344 ? 9.585   -10.655 -17.265 1.00 29.79  ? 344 GLU A CA 1 
ATOM 345 C CA . GLY A 1 345 ? 10.199  -7.472  -19.283 1.00 29.88  ? 345 GLY A CA 1 
ATOM 346 C CA . LYS A 1 346 ? 7.652   -5.629  -17.098 1.00 28.75  ? 346 LYS A CA 1 
ATOM 347 C CA . CYS A 1 347 ? 9.579   -4.706  -13.963 1.00 29.63  ? 347 CYS A CA 1 
ATOM 348 C CA . GLY A 1 348 ? 12.653  -2.624  -13.065 1.00 29.88  ? 348 GLY A CA 1 
ATOM 349 C CA . MET A 1 349 ? 14.918  -5.553  -12.196 1.00 30.59  ? 349 MET A CA 1 
ATOM 350 C CA . SER A 1 350 ? 14.003  -7.707  -15.223 1.00 33.25  ? 350 SER A CA 1 
ATOM 351 C CA . GLY A 1 351 ? 16.988  -8.751  -17.375 1.00 38.18  ? 351 GLY A CA 1 
ATOM 352 C CA . GLY A 1 352 ? 20.573  -7.626  -16.857 1.00 40.97  ? 352 GLY A CA 1 
ATOM 353 C CA . ARG A 1 353 ? 22.479  -4.388  -16.568 1.00 38.53  ? 353 ARG A CA 1 
ATOM 354 C CA . VAL A 1 354 ? 21.793  -1.489  -18.888 1.00 29.51  ? 354 VAL A CA 1 
ATOM 355 C CA . GLU A 1 355 ? 25.094  0.011   -20.085 1.00 39.33  ? 355 GLU A CA 1 
ATOM 356 C CA . GLY A 1 356 ? 25.505  3.554   -18.787 1.00 37.73  ? 356 GLY A CA 1 
ATOM 357 C CA . LYS A 1 357 ? 22.384  3.549   -16.586 1.00 34.08  ? 357 LYS A CA 1 
ATOM 358 C CA . VAL A 1 358 ? 21.473  2.642   -12.998 1.00 30.80  ? 358 VAL A CA 1 
ATOM 359 C CA . ILE A 1 359 ? 17.967  1.163   -12.526 1.00 29.54  ? 359 ILE A CA 1 
ATOM 360 C CA . TYR A 1 360 ? 16.061  1.109   -9.206  1.00 27.67  ? 360 TYR A CA 1 
ATOM 361 C CA . GLU A 1 361 ? 12.968  -0.558  -7.846  1.00 26.26  ? 361 GLU A CA 1 
ATOM 362 C CA . THR A 1 362 ? 11.516  0.641   -4.569  1.00 25.20  ? 362 THR A CA 1 
ATOM 363 C CA . GLN A 1 363 ? 9.109   -1.899  -3.077  1.00 25.56  ? 363 GLN A CA 1 
ATOM 364 C CA . SER A 1 364 ? 6.648   -1.881  -0.183  1.00 27.39  ? 364 SER A CA 1 
ATOM 365 C CA . THR A 1 365 ? 7.338   -5.353  1.177   1.00 25.43  ? 365 THR A CA 1 
ATOM 366 C CA . HIS A 1 366 ? 4.453   -4.951  3.666   1.00 25.47  ? 366 HIS A CA 1 
ATOM 367 C CA . LEU A 1 368 ? 1.788   -7.176  -1.249  1.00 27.13  ? 368 LEU A CA 1 
ATOM 368 C CA . LEU A 1 369 ? 4.292   -9.545  0.322   1.00 26.30  ? 369 LEU A CA 1 
ATOM 369 C CA . ALA A 1 370 ? 4.400   -10.662 3.972   1.00 23.79  ? 370 ALA A CA 1 
ATOM 370 C CA . ALA A 1 371 ? 6.284   -8.187  6.162   1.00 21.97  ? 371 ALA A CA 1 
ATOM 371 C CA . PHE A 1 372 ? 5.631   -5.755  9.013   1.00 21.19  ? 372 PHE A CA 1 
ATOM 372 C CA . SER A 1 373 ? 4.389   -2.220  8.230   1.00 22.32  ? 373 SER A CA 1 
ATOM 373 C CA . GLN A 1 374 ? 7.254   0.141   7.344   1.00 23.05  ? 374 GLN A CA 1 
ATOM 374 C CA . ALA A 1 375 ? 9.300   -2.685  5.692   1.00 22.96  ? 375 ALA A CA 1 
ATOM 375 C CA . SER A 1 376 ? 10.584  -1.545  2.277   1.00 23.80  ? 376 SER A CA 1 
ATOM 376 C CA . MET A 1 377 ? 13.388  -2.505  -0.140  1.00 23.82  ? 377 MET A CA 1 
ATOM 377 C CA . ILE A 1 378 ? 15.597  -0.578  -2.580  1.00 24.75  ? 378 ILE A CA 1 
ATOM 378 C CA . HIS A 1 379 ? 16.853  -2.768  -5.378  1.00 25.09  ? 379 HIS A CA 1 
ATOM 379 C CA . VAL A 1 380 ? 19.752  -1.516  -7.532  1.00 27.80  ? 380 VAL A CA 1 
ATOM 380 C CA . LYS A 1 381 ? 20.752  -2.734  -10.955 1.00 30.38  ? 381 LYS A CA 1 
ATOM 381 C CA . GLY A 1 382 ? 23.985  -1.037  -12.089 1.00 33.61  ? 382 GLY A CA 1 
ATOM 382 C CA . ASP A 1 383 ? 26.721  0.847   -10.356 1.00 37.69  ? 383 ASP A CA 1 
ATOM 383 C CA . VAL A 1 384 ? 26.007  3.288   -7.622  1.00 36.72  ? 384 VAL A CA 1 
ATOM 384 C CA . ASN A 1 385 ? 28.587  5.114   -5.620  1.00 38.48  ? 385 ASN A CA 1 
ATOM 385 C CA . GLU A 1 386 ? 28.456  3.011   -2.584  1.00 39.84  ? 386 GLU A CA 1 
ATOM 386 C CA . GLU A 1 387 ? 29.693  5.505   0.068   1.00 37.12  ? 387 GLU A CA 1 
ATOM 387 C CA . THR A 1 388 ? 27.656  8.436   -1.269  1.00 33.18  ? 388 THR A CA 1 
ATOM 388 C CA . PHE A 1 389 ? 24.592  6.190   -1.627  1.00 31.96  ? 389 PHE A CA 1 
ATOM 389 C CA . ASN A 1 390 ? 25.081  5.129   2.033   1.00 32.20  ? 390 ASN A CA 1 
ATOM 390 C CA . GLU A 1 391 ? 25.137  8.792   3.142   1.00 32.02  ? 391 GLU A CA 1 
ATOM 391 C CA . ALA A 1 392 ? 21.755  9.249   1.386   1.00 29.31  ? 392 ALA A CA 1 
ATOM 392 C CA . TYR A 1 393 ? 20.492  6.020   3.041   1.00 28.57  ? 393 TYR A CA 1 
ATOM 393 C CA . MET A 1 394 ? 21.718  7.081   6.461   1.00 29.98  ? 394 MET A CA 1 
ATOM 394 C CA . MET A 1 395 ? 20.186  10.569  6.181   1.00 30.77  ? 395 MET A CA 1 
ATOM 395 C CA . HIS A 1 396 ? 16.729  9.005   6.198   1.00 30.00  ? 396 HIS A CA 1 
ATOM 396 C CA . THR A 1 397 ? 17.387  5.883   8.344   1.00 28.65  ? 397 THR A CA 1 
ATOM 397 C CA . THR A 1 398 ? 16.964  6.177   12.060  1.00 26.60  ? 398 THR A CA 1 
ATOM 398 C CA . THR A 1 399 ? 19.704  5.526   14.557  1.00 27.68  ? 399 THR A CA 1 
ATOM 399 C CA . SER A 1 400 ? 18.102  2.576   16.195  1.00 26.41  ? 400 SER A CA 1 
ATOM 400 C CA . PRO A 1 401 ? 16.443  0.160   13.825  1.00 25.15  ? 401 PRO A CA 1 
ATOM 401 C CA . HIS A 1 402 ? 13.425  -1.908  14.791  1.00 22.86  ? 402 HIS A CA 1 
ATOM 402 C CA . TYR A 1 403 ? 14.886  -5.384  14.329  1.00 20.92  ? 403 TYR A CA 1 
ATOM 403 C CA . GLY A 1 404 ? 11.439  -6.988  13.884  1.00 20.80  ? 404 GLY A CA 1 
ATOM 404 C CA . ILE A 1 405 ? 10.721  -4.845  10.818  1.00 21.03  ? 405 ILE A CA 1 
ATOM 405 C CA . VAL A 1 406 ? 14.246  -5.616  9.456   1.00 21.18  ? 406 VAL A CA 1 
ATOM 406 C CA . ALA A 1 407 ? 13.855  -9.392  10.115  1.00 21.18  ? 407 ALA A CA 1 
ATOM 407 C CA . SER A 1 408 ? 10.465  -9.389  8.378   1.00 21.29  ? 408 SER A CA 1 
ATOM 408 C CA . THR A 1 409 ? 12.051  -7.810  5.301   1.00 21.94  ? 409 THR A CA 1 
ATOM 409 C CA . GLU A 1 410 ? 14.616  -10.616 5.129   1.00 22.42  ? 410 GLU A CA 1 
ATOM 410 C CA . THR A 1 411 ? 11.959  -13.259 5.928   1.00 21.48  ? 411 THR A CA 1 
ATOM 411 C CA . ALA A 1 412 ? 9.804   -11.970 3.077   1.00 21.21  ? 412 ALA A CA 1 
ATOM 412 C CA . ALA A 1 413 ? 12.711  -12.926 0.796   1.00 21.43  ? 413 ALA A CA 1 
ATOM 413 C CA . ALA A 1 414 ? 13.115  -16.321 2.485   1.00 22.43  ? 414 ALA A CA 1 
ATOM 414 C CA . MET A 1 415 ? 9.412   -16.948 1.835   1.00 25.83  ? 415 MET A CA 1 
ATOM 415 C CA . MET A 1 416 ? 9.653   -16.096 -1.884  1.00 31.96  ? 416 MET A CA 1 
ATOM 416 C CA . LYS A 1 417 ? 12.780  -18.076 -2.465  1.00 39.97  ? 417 LYS A CA 1 
ATOM 417 C CA . GLY A 1 418 ? 13.031  -20.831 -5.038  1.00 46.32  ? 418 GLY A CA 1 
ATOM 418 C CA . ASN A 1 419 ? 10.174  -23.256 -5.618  1.00 49.90  ? 419 ASN A CA 1 
ATOM 419 C CA . ALA A 1 420 ? 7.936   -22.559 -2.676  1.00 48.59  ? 420 ALA A CA 1 
ATOM 420 C CA . GLY A 1 421 ? 7.989   -18.842 -3.486  1.00 44.96  ? 421 GLY A CA 1 
ATOM 421 C CA . LYS A 1 422 ? 7.018   -19.668 -7.057  1.00 42.50  ? 422 LYS A CA 1 
ATOM 422 C CA . ARG A 1 423 ? 4.141   -21.746 -5.710  1.00 39.11  ? 423 ARG A CA 1 
ATOM 423 C CA . LEU A 1 424 ? 2.920   -18.858 -3.481  1.00 33.41  ? 424 LEU A CA 1 
ATOM 424 C CA . ILE A 1 425 ? 2.866   -16.331 -6.324  1.00 31.62  ? 425 ILE A CA 1 
ATOM 425 C CA . ASN A 1 426 ? 1.455   -18.902 -8.764  1.00 30.49  ? 426 ASN A CA 1 
ATOM 426 C CA . GLY A 1 427 ? -1.314  -19.588 -6.253  1.00 26.76  ? 427 GLY A CA 1 
ATOM 427 C CA . SER A 1 428 ? -2.288  -15.926 -6.005  1.00 27.51  ? 428 SER A CA 1 
ATOM 428 C CA . ILE A 1 429 ? -2.307  -15.594 -9.822  1.00 26.76  ? 429 ILE A CA 1 
ATOM 429 C CA . GLU A 1 430 ? -4.421  -18.747 -10.233 1.00 26.17  ? 430 GLU A CA 1 
ATOM 430 C CA . ARG A 1 431 ? -6.924  -17.557 -7.644  1.00 23.77  ? 431 ARG A CA 1 
ATOM 431 C CA . ALA A 1 432 ? -7.138  -14.080 -9.240  1.00 24.21  ? 432 ALA A CA 1 
ATOM 432 C CA . ILE A 1 433 ? -7.900  -15.717 -12.609 1.00 25.10  ? 433 ILE A CA 1 
ATOM 433 C CA . LYS A 1 434 ? -10.413 -18.150 -11.073 1.00 25.24  ? 434 LYS A CA 1 
ATOM 434 C CA . PHE A 1 435 ? -12.295 -15.217 -9.532  1.00 24.79  ? 435 PHE A CA 1 
ATOM 435 C CA . ARG A 1 436 ? -12.092 -13.203 -12.802 1.00 25.92  ? 436 ARG A CA 1 
ATOM 436 C CA . LYS A 1 437 ? -13.683 -16.102 -14.677 1.00 27.77  ? 437 LYS A CA 1 
ATOM 437 C CA . GLU A 1 438 ? -16.326 -16.544 -11.926 1.00 28.20  ? 438 GLU A CA 1 
ATOM 438 C CA . ILE A 1 439 ? -17.501 -12.913 -12.413 1.00 28.53  ? 439 ILE A CA 1 
ATOM 439 C CA . LYS A 1 440 ? -17.739 -13.459 -16.183 1.00 30.38  ? 440 LYS A CA 1 
ATOM 440 C CA . ARG A 1 441 ? -19.608 -16.757 -15.649 1.00 31.23  ? 441 ARG A CA 1 
ATOM 441 C CA . LEU A 1 442 ? -22.126 -15.245 -13.202 1.00 32.16  ? 442 LEU A CA 1 
ATOM 442 C CA . ARG A 1 443 ? -22.553 -12.277 -15.528 1.00 34.54  ? 443 ARG A CA 1 
ATOM 443 C CA . THR A 1 444 ? -23.880 -14.707 -18.196 1.00 37.51  ? 444 THR A CA 1 
ATOM 444 C CA . GLU A 1 445 ? -25.809 -16.943 -15.802 1.00 38.48  ? 445 GLU A CA 1 
ATOM 445 C CA . SER A 1 446 ? -27.555 -14.321 -13.668 1.00 40.87  ? 446 SER A CA 1 
ATOM 446 C CA . ASP A 1 447 ? -30.971 -12.724 -14.359 1.00 43.00  ? 447 ASP A CA 1 
ATOM 447 C CA . GLY A 1 448 ? -30.461 -9.117  -15.429 1.00 38.16  ? 448 GLY A CA 1 
ATOM 448 C CA . TRP A 1 449 ? -27.564 -6.820  -14.632 1.00 34.23  ? 449 TRP A CA 1 
ATOM 449 C CA . PHE A 1 450 ? -24.329 -8.013  -13.023 1.00 32.28  ? 450 PHE A CA 1 
ATOM 450 C CA . PHE A 1 451 ? -20.818 -6.785  -12.227 1.00 30.92  ? 451 PHE A CA 1 
ATOM 451 C CA . ASP A 1 452 ? -18.230 -6.994  -14.978 1.00 30.55  ? 452 ASP A CA 1 
ATOM 452 C CA . VAL A 1 453 ? -14.443 -7.400  -14.857 1.00 30.75  ? 453 VAL A CA 1 
ATOM 453 C CA . TRP A 1 454 ? -12.214 -4.858  -16.596 1.00 31.73  ? 454 TRP A CA 1 
ATOM 454 C CA . GLN A 1 455 ? -10.107 -7.246  -18.667 1.00 32.86  ? 455 GLN A CA 1 
ATOM 455 C CA . PRO A 1 456 ? -9.776  -8.793  -22.147 1.00 37.09  ? 456 PRO A CA 1 
ATOM 456 C CA . ASP A 1 457 ? -12.773 -10.628 -23.604 1.00 45.47  ? 457 ASP A CA 1 
ATOM 457 C CA . HIS A 1 458 ? -10.815 -13.880 -23.373 1.00 49.69  ? 458 HIS A CA 1 
ATOM 458 C CA . ILE A 1 459 ? -8.379  -14.707 -20.606 1.00 47.28  ? 459 ILE A CA 1 
ATOM 459 C CA . ASP A 1 460 ? -7.742  -18.349 -21.494 1.00 46.62  ? 460 ASP A CA 1 
ATOM 460 C CA . THR A 1 461 ? -4.070  -17.704 -20.959 1.00 41.21  ? 461 THR A CA 1 
ATOM 461 C CA . THR A 1 462 ? -1.978  -17.084 -17.791 1.00 36.47  ? 462 THR A CA 1 
ATOM 462 C CA . GLU A 1 463 ? 0.079   -13.960 -18.473 1.00 33.67  ? 463 GLU A CA 1 
ATOM 463 C CA . CYS A 1 464 ? -0.085  -10.214 -17.990 1.00 31.31  ? 464 CYS A CA 1 
ATOM 464 C CA . TRP A 1 465 ? -2.543  -9.673  -20.835 1.00 31.56  ? 465 TRP A CA 1 
ATOM 465 C CA . PRO A 1 466 ? -1.339  -7.106  -23.404 1.00 33.04  ? 466 PRO A CA 1 
ATOM 466 C CA . LEU A 1 467 ? -3.501  -4.033  -24.003 1.00 34.13  ? 467 LEU A CA 1 
ATOM 467 C CA . ARG A 1 468 ? -3.987  -3.889  -27.800 1.00 36.89  ? 468 ARG A CA 1 
ATOM 468 C CA . SER A 1 469 ? -4.945  -0.945  -30.054 1.00 39.54  ? 469 SER A CA 1 
ATOM 469 C CA . ASP A 1 470 ? -7.492  -3.265  -31.736 1.00 43.03  ? 470 ASP A CA 1 
ATOM 470 C CA . SER A 1 471 ? -9.315  -4.012  -28.418 1.00 43.73  ? 471 SER A CA 1 
ATOM 471 C CA . THR A 1 472 ? -11.881 -1.816  -26.729 1.00 42.49  ? 472 THR A CA 1 
ATOM 472 C CA . TRP A 1 473 ? -12.032 -3.376  -23.242 1.00 36.00  ? 473 TRP A CA 1 
ATOM 473 C CA . HIS A 1 474 ? -9.358  -1.130  -21.689 1.00 33.92  ? 474 HIS A CA 1 
ATOM 474 C CA . GLY A 1 475 ? -10.931 2.151   -22.927 1.00 35.19  ? 475 GLY A CA 1 
ATOM 475 C CA . PHE A 1 476 ? -7.625  3.828   -23.880 1.00 38.17  ? 476 PHE A CA 1 
ATOM 476 C CA . LYS A 1 477 ? -7.552  5.655   -27.191 1.00 42.97  ? 477 LYS A CA 1 
ATOM 477 C CA . ASN A 1 478 ? -4.790  4.914   -29.761 1.00 43.06  ? 478 ASN A CA 1 
ATOM 478 C CA . ILE A 1 479 ? -2.693  3.009   -27.296 1.00 39.68  ? 479 ILE A CA 1 
ATOM 479 C CA . ASP A 1 480 ? 0.843   1.992   -28.168 1.00 38.92  ? 480 ASP A CA 1 
ATOM 480 C CA . ASN A 1 481 ? 1.117   -1.754  -28.691 1.00 38.77  ? 481 ASN A CA 1 
ATOM 481 C CA . GLU A 1 482 ? 3.526   -4.003  -26.759 1.00 37.32  ? 482 GLU A CA 1 
ATOM 482 C CA . HIS A 1 483 ? 3.658   -1.233  -24.211 1.00 33.80  ? 483 HIS A CA 1 
ATOM 483 C CA . MET A 1 484 ? 1.080   -1.912  -21.377 1.00 32.38  ? 484 MET A CA 1 
ATOM 484 C CA . TYR A 1 485 ? -0.024  -5.156  -19.708 1.00 29.72  ? 485 TYR A CA 1 
ATOM 485 C CA . LEU A 1 486 ? -2.661  -6.130  -17.111 1.00 27.66  ? 486 LEU A CA 1 
ATOM 486 C CA . ASP A 1 487 ? -1.437  -7.802  -13.905 1.00 26.49  ? 487 ASP A CA 1 
ATOM 487 C CA . PRO A 1 488 ? -3.848  -10.728 -13.221 1.00 27.04  ? 488 PRO A CA 1 
ATOM 488 C CA . ILE A 1 489 ? -3.837  -10.132 -9.458  1.00 27.82  ? 489 ILE A CA 1 
ATOM 489 C CA . LYS A 1 490 ? -5.223  -6.584  -9.604  1.00 26.00  ? 490 LYS A CA 1 
ATOM 490 C CA . VAL A 1 491 ? -8.924  -7.223  -10.184 1.00 24.88  ? 491 VAL A CA 1 
ATOM 491 C CA . THR A 1 492 ? -11.099 -4.269  -11.191 1.00 26.74  ? 492 THR A CA 1 
ATOM 492 C CA . LEU A 1 493 ? -14.822 -4.865  -11.071 1.00 27.55  ? 493 LEU A CA 1 
ATOM 493 C CA . LEU A 1 494 ? -17.134 -2.599  -13.026 1.00 28.26  ? 494 LEU A CA 1 
ATOM 494 C CA . THR A 1 495 ? -20.609 -1.524  -11.892 1.00 30.50  ? 495 THR A CA 1 
ATOM 495 C CA . PRO A 1 496 ? -23.512 -0.774  -14.243 1.00 33.66  ? 496 PRO A CA 1 
ATOM 496 C CA . GLY A 1 497 ? -24.249 2.670   -15.546 1.00 37.03  ? 497 GLY A CA 1 
ATOM 497 C CA . MET A 1 498 ? -21.043 3.162   -17.494 1.00 42.88  ? 498 MET A CA 1 
ATOM 498 C CA . GLU A 1 499 ? -21.147 3.301   -21.204 1.00 50.39  ? 499 GLU A CA 1 
ATOM 499 C CA . LYS A 1 500 ? -18.632 2.196   -23.819 1.00 55.84  ? 500 LYS A CA 1 
ATOM 500 C CA . ASP A 1 501 ? -18.707 5.713   -25.189 1.00 56.95  ? 501 ASP A CA 1 
ATOM 501 C CA . GLY A 1 502 ? -17.780 7.279   -21.858 1.00 53.96  ? 502 GLY A CA 1 
ATOM 502 C CA . THR A 1 503 ? -21.334 8.682   -21.895 1.00 51.25  ? 503 THR A CA 1 
ATOM 503 C CA . MET A 1 504 ? -23.824 7.955   -19.075 1.00 48.10  ? 504 MET A CA 1 
ATOM 504 C CA . SER A 1 505 ? -26.318 5.113   -18.797 1.00 44.77  ? 505 SER A CA 1 
ATOM 505 C CA . ASP A 1 506 ? -29.910 5.622   -17.601 1.00 44.55  ? 506 ASP A CA 1 
ATOM 506 C CA . PHE A 1 507 ? -29.397 2.794   -15.055 1.00 40.26  ? 507 PHE A CA 1 
ATOM 507 C CA . GLY A 1 508 ? -26.388 3.112   -12.739 1.00 34.56  ? 508 GLY A CA 1 
ATOM 508 C CA . ILE A 1 509 ? -25.095 1.827   -9.419  1.00 30.93  ? 509 ILE A CA 1 
ATOM 509 C CA . PRO A 1 510 ? -22.331 4.085   -8.059  1.00 30.66  ? 510 PRO A CA 1 
ATOM 510 C CA . ALA A 1 511 ? -19.375 2.006   -6.743  1.00 29.11  ? 511 ALA A CA 1 
ATOM 511 C CA . SER A 1 512 ? -19.462 3.808   -3.378  1.00 29.59  ? 512 SER A CA 1 
ATOM 512 C CA . ILE A 1 513 ? -22.701 1.907   -2.652  1.00 29.26  ? 513 ILE A CA 1 
ATOM 513 C CA . VAL A 1 514 ? -21.106 -1.485  -3.415  1.00 27.39  ? 514 VAL A CA 1 
ATOM 514 C CA . ALA A 1 515 ? -18.166 -0.420  -1.210  1.00 28.07  ? 515 ALA A CA 1 
ATOM 515 C CA . LYS A 1 516 ? -20.511 0.318   1.690   1.00 29.85  ? 516 LYS A CA 1 
ATOM 516 C CA . TYR A 1 517 ? -22.117 -3.113  1.291   1.00 28.02  ? 517 TYR A CA 1 
ATOM 517 C CA . LEU A 1 518 ? -18.708 -4.844  1.186   1.00 29.45  ? 518 LEU A CA 1 
ATOM 518 C CA . ASP A 1 519 ? -17.647 -3.019  4.327   1.00 34.76  ? 519 ASP A CA 1 
ATOM 519 C CA . GLU A 1 520 ? -20.708 -4.515  6.129   1.00 36.31  ? 520 GLU A CA 1 
ATOM 520 C CA . HIS A 1 521 ? -19.187 -7.901  5.360   1.00 37.20  ? 521 HIS A CA 1 
ATOM 521 C CA . GLY A 1 522 ? -15.620 -6.938  6.021   1.00 36.36  ? 522 GLY A CA 1 
ATOM 522 C CA . ILE A 1 523 ? -14.807 -6.928  2.415   1.00 32.00  ? 523 ILE A CA 1 
ATOM 523 C CA . VAL A 1 524 ? -12.861 -3.774  1.647   1.00 35.37  ? 524 VAL A CA 1 
ATOM 524 C CA . VAL A 1 525 ? -12.501 -2.261  -1.673  1.00 37.40  ? 525 VAL A CA 1 
ATOM 525 C CA . GLU A 1 526 ? -8.968  -0.889  -1.780  1.00 38.95  ? 526 GLU A CA 1 
ATOM 526 C CA . LYS A 1 527 ? -9.735  1.753   -4.392  1.00 38.90  ? 527 LYS A CA 1 
ATOM 527 C CA . THR A 1 528 ? -13.012 2.951   -5.872  1.00 39.42  ? 528 THR A CA 1 
ATOM 528 C CA . GLY A 1 529 ? -13.967 5.273   -8.762  1.00 36.49  ? 529 GLY A CA 1 
ATOM 529 C CA . PRO A 1 530 ? -17.416 6.252   -10.068 1.00 32.92  ? 530 PRO A CA 1 
ATOM 530 C CA . TYR A 1 531 ? -18.156 2.799   -11.549 1.00 30.29  ? 531 TYR A CA 1 
ATOM 531 C CA . ASN A 1 532 ? -15.039 0.743   -10.630 1.00 29.73  ? 532 ASN A CA 1 
ATOM 532 C CA . LEU A 1 533 ? -13.781 -1.219  -7.611  1.00 27.48  ? 533 LEU A CA 1 
ATOM 533 C CA . LEU A 1 534 ? -10.305 -2.664  -7.146  1.00 25.79  ? 534 LEU A CA 1 
ATOM 534 C CA . PHE A 1 535 ? -9.434  -5.935  -5.331  1.00 25.60  ? 535 PHE A CA 1 
ATOM 535 C CA . LEU A 1 536 ? -5.890  -7.079  -4.626  1.00 26.40  ? 536 LEU A CA 1 
ATOM 536 C CA . PHE A 1 537 ? -5.573  -10.878 -4.892  1.00 26.64  ? 537 PHE A CA 1 
ATOM 537 C CA . SER A 1 538 ? -2.380  -11.032 -2.904  1.00 29.05  ? 538 SER A CA 1 
ATOM 538 C CA . ILE A 1 539 ? -0.746  -13.986 -1.248  1.00 31.94  ? 539 ILE A CA 1 
ATOM 539 C CA . GLY A 1 540 ? -2.913  -13.011 1.731   1.00 32.45  ? 540 GLY A CA 1 
ATOM 540 C CA . ILE A 1 541 ? -6.110  -13.670 -0.041  1.00 30.62  ? 541 ILE A CA 1 
ATOM 541 C CA . ASP A 1 542 ? -6.952  -17.367 0.196   1.00 27.96  ? 542 ASP A CA 1 
ATOM 542 C CA . LYS A 1 543 ? -9.849  -19.328 -1.367  1.00 25.24  ? 543 LYS A CA 1 
ATOM 543 C CA . THR A 1 544 ? -12.017 -18.636 1.665   1.00 25.90  ? 544 THR A CA 1 
ATOM 544 C CA . LYS A 1 545 ? -11.714 -14.844 1.261   1.00 25.53  ? 545 LYS A CA 1 
ATOM 545 C CA . ALA A 1 546 ? -12.334 -15.069 -2.500  1.00 24.50  ? 546 ALA A CA 1 
ATOM 546 C CA . LEU A 1 547 ? -15.482 -17.076 -1.962  1.00 23.62  ? 547 LEU A CA 1 
ATOM 547 C CA . SER A 1 548 ? -16.672 -14.630 0.685   1.00 23.78  ? 548 SER A CA 1 
ATOM 548 C CA . LEU A 1 549 ? -16.185 -11.718 -1.762  1.00 22.44  ? 549 LEU A CA 1 
ATOM 549 C CA . LEU A 1 550 ? -17.940 -13.604 -4.578  1.00 23.02  ? 550 LEU A CA 1 
ATOM 550 C CA . ARG A 1 551 ? -20.898 -14.377 -2.285  1.00 22.30  ? 551 ARG A CA 1 
ATOM 551 C CA . ALA A 1 552 ? -21.023 -10.827 -1.040  1.00 22.69  ? 552 ALA A CA 1 
ATOM 552 C CA . LEU A 1 553 ? -21.258 -9.617  -4.646  1.00 24.18  ? 553 LEU A CA 1 
ATOM 553 C CA . THR A 1 554 ? -24.090 -12.003 -5.519  1.00 25.37  ? 554 THR A CA 1 
ATOM 554 C CA . ASP A 1 555 ? -25.823 -10.904 -2.265  1.00 26.98  ? 555 ASP A CA 1 
ATOM 555 C CA . PHE A 1 556 ? -25.469 -7.236  -3.234  1.00 26.06  ? 556 PHE A CA 1 
ATOM 556 C CA . LYS A 1 557 ? -27.309 -7.987  -6.491  1.00 27.43  ? 557 LYS A CA 1 
ATOM 557 C CA . ARG A 1 558 ? -29.962 -10.104 -4.694  1.00 27.50  ? 558 ARG A CA 1 
ATOM 558 C CA . ALA A 1 559 ? -30.642 -7.343  -2.108  1.00 27.70  ? 559 ALA A CA 1 
ATOM 559 C CA . PHE A 1 560 ? -30.456 -4.557  -4.676  1.00 28.88  ? 560 PHE A CA 1 
ATOM 560 C CA . ASP A 1 561 ? -33.065 -6.259  -6.853  1.00 30.74  ? 561 ASP A CA 1 
ATOM 561 C CA . LEU A 1 562 ? -35.430 -6.705  -3.851  1.00 31.44  ? 562 LEU A CA 1 
ATOM 562 C CA . ASN A 1 563 ? -34.840 -3.084  -3.016  1.00 31.40  ? 563 ASN A CA 1 
ATOM 563 C CA . LEU A 1 564 ? -34.055 -4.053  0.445   1.00 31.29  ? 564 LEU A CA 1 
ATOM 564 C CA . ARG A 1 565 ? -34.326 -1.105  2.728   1.00 32.01  ? 565 ARG A CA 1 
ATOM 565 C CA . VAL A 1 566 ? -31.117 0.852   3.380   1.00 31.60  ? 566 VAL A CA 1 
ATOM 566 C CA . LYS A 1 567 ? -31.826 0.207   7.079   1.00 33.25  ? 567 LYS A CA 1 
ATOM 567 C CA . ASN A 1 568 ? -31.576 -3.574  6.498   1.00 33.57  ? 568 ASN A CA 1 
ATOM 568 C CA . MET A 1 569 ? -28.989 -3.847  3.731   1.00 31.82  ? 569 MET A CA 1 
ATOM 569 C CA . LEU A 1 570 ? -26.632 -1.074  4.869   1.00 31.62  ? 570 LEU A CA 1 
ATOM 570 C CA . PRO A 1 571 ? -27.048 -0.876  8.659   1.00 33.70  ? 571 PRO A CA 1 
ATOM 571 C CA . SER A 1 572 ? -23.812 1.116   9.253   1.00 37.10  ? 572 SER A CA 1 
ATOM 572 C CA . LEU A 1 573 ? -24.871 3.725   6.688   1.00 37.66  ? 573 LEU A CA 1 
ATOM 573 C CA . TYR A 1 574 ? -28.297 3.863   8.370   1.00 41.08  ? 574 TYR A CA 1 
ATOM 574 C CA . ARG A 1 575 ? -26.682 4.488   11.790  1.00 45.41  ? 575 ARG A CA 1 
ATOM 575 C CA . GLU A 1 576 ? -24.969 7.604   10.386  1.00 48.16  ? 576 GLU A CA 1 
ATOM 576 C CA . ASP A 1 577 ? -28.346 9.298   9.912   1.00 45.16  ? 577 ASP A CA 1 
ATOM 577 C CA . PRO A 1 578 ? -31.276 7.053   10.926  1.00 42.89  ? 578 PRO A CA 1 
ATOM 578 C CA . GLU A 1 579 ? -33.875 9.768   10.302  1.00 44.57  ? 579 GLU A CA 1 
ATOM 579 C CA . PHE A 1 580 ? -32.530 10.485  6.788   1.00 41.35  ? 580 PHE A CA 1 
ATOM 580 C CA . TYR A 1 581 ? -32.373 6.766   5.898   1.00 39.61  ? 581 TYR A CA 1 
ATOM 581 C CA . GLU A 1 582 ? -35.422 5.446   7.808   1.00 41.56  ? 582 GLU A CA 1 
ATOM 582 C CA . ASN A 1 583 ? -37.610 4.786   4.761   1.00 41.81  ? 583 ASN A CA 1 
ATOM 583 C CA . MET A 1 584 ? -35.179 4.774   1.823   1.00 38.86  ? 584 MET A CA 1 
ATOM 584 C CA . ARG A 1 585 ? -34.578 1.620   -0.194  1.00 35.61  ? 585 ARG A CA 1 
ATOM 585 C CA . ILE A 1 586 ? -31.328 0.610   -1.840  1.00 33.14  ? 586 ILE A CA 1 
ATOM 586 C CA . GLN A 1 587 ? -32.481 1.120   -5.470  1.00 33.94  ? 587 GLN A CA 1 
ATOM 587 C CA . GLU A 1 588 ? -33.576 4.664   -4.626  1.00 36.92  ? 588 GLU A CA 1 
ATOM 588 C CA . LEU A 1 589 ? -30.218 5.504   -3.014  1.00 34.94  ? 589 LEU A CA 1 
ATOM 589 C CA . ALA A 1 590 ? -28.484 4.140   -6.093  1.00 34.23  ? 590 ALA A CA 1 
ATOM 590 C CA . GLN A 1 591 ? -30.758 6.105   -8.484  1.00 37.72  ? 591 GLN A CA 1 
ATOM 591 C CA . ASN A 1 592 ? -30.479 9.365   -6.659  1.00 37.39  ? 592 ASN A CA 1 
ATOM 592 C CA . ILE A 1 593 ? -26.672 9.313   -6.343  1.00 35.48  ? 593 ILE A CA 1 
ATOM 593 C CA . HIS A 1 594 ? -26.331 8.244   -9.989  1.00 36.45  ? 594 HIS A CA 1 
ATOM 594 C CA . LYS A 1 595 ? -28.654 11.057  -11.126 1.00 39.64  ? 595 LYS A CA 1 
ATOM 595 C CA . LEU A 1 596 ? -26.518 13.474  -9.118  1.00 41.03  ? 596 LEU A CA 1 
ATOM 596 C CA . ILE A 1 597 ? -23.430 12.199  -10.981 1.00 40.78  ? 597 ILE A CA 1 
ATOM 597 C CA . VAL A 1 598 ? -25.171 12.526  -14.355 1.00 43.42  ? 598 VAL A CA 1 
ATOM 598 C CA . HIS A 1 599 ? -26.608 15.953  -13.476 1.00 46.03  ? 599 HIS A CA 1 
ATOM 599 C CA . HIS A 1 600 ? -23.329 17.432  -12.204 1.00 45.87  ? 600 HIS A CA 1 
ATOM 600 C CA . ASN A 1 601 ? -21.610 16.029  -15.298 1.00 46.14  ? 601 ASN A CA 1 
ATOM 601 C CA . LEU A 1 602 ? -19.000 14.528  -12.935 1.00 43.29  ? 602 LEU A CA 1 
ATOM 602 C CA . PRO A 1 603 ? -17.067 12.316  -15.337 1.00 43.03  ? 603 PRO A CA 1 
ATOM 603 C CA . ASP A 1 604 ? -16.584 14.983  -18.030 1.00 43.30  ? 604 ASP A CA 1 
ATOM 604 C CA . LEU A 1 605 ? -15.509 17.553  -15.450 1.00 40.23  ? 605 LEU A CA 1 
ATOM 605 C CA . MET A 1 606 ? -13.120 15.088  -13.825 1.00 38.98  ? 606 MET A CA 1 
ATOM 606 C CA . TYR A 1 607 ? -11.449 14.284  -17.120 1.00 40.82  ? 607 TYR A CA 1 
ATOM 607 C CA . ARG A 1 608 ? -11.061 17.975  -18.075 1.00 42.67  ? 608 ARG A CA 1 
ATOM 608 C CA . ALA A 1 609 ? -9.766  19.051  -14.632 1.00 42.72  ? 609 ALA A CA 1 
ATOM 609 C CA . PHE A 1 610 ? -6.724  16.760  -15.066 1.00 44.71  ? 610 PHE A CA 1 
ATOM 610 C CA . GLU A 1 611 ? -6.049  17.380  -18.730 1.00 49.84  ? 611 GLU A CA 1 
ATOM 611 C CA . VAL A 1 612 ? -4.760  20.918  -18.027 1.00 51.16  ? 612 VAL A CA 1 
ATOM 612 C CA . LEU A 1 613 ? -2.070  21.837  -15.508 1.00 47.75  ? 613 LEU A CA 1 
ATOM 613 C CA . PRO A 1 614 ? -2.215  24.611  -12.959 1.00 44.28  ? 614 PRO A CA 1 
ATOM 614 C CA . THR A 1 615 ? 0.511   27.205  -13.594 1.00 41.16  ? 615 THR A CA 1 
ATOM 615 C CA . MET A 1 616 ? 3.719   26.767  -11.613 1.00 39.94  ? 616 MET A CA 1 
ATOM 616 C CA . VAL A 1 617 ? 4.246   30.201  -10.109 1.00 39.89  ? 617 VAL A CA 1 
ATOM 617 C CA . MET A 1 618 ? 6.874   28.951  -7.662  1.00 38.62  ? 618 MET A CA 1 
ATOM 618 C CA . THR A 1 619 ? 8.365   25.519  -6.882  1.00 35.61  ? 619 THR A CA 1 
ATOM 619 C CA . PRO A 1 620 ? 6.914   23.361  -4.081  1.00 31.73  ? 620 PRO A CA 1 
ATOM 620 C CA . TYR A 1 621 ? 10.090  24.133  -2.107  1.00 31.90  ? 621 TYR A CA 1 
ATOM 621 C CA . ALA A 1 622 ? 9.713   27.898  -2.523  1.00 33.30  ? 622 ALA A CA 1 
ATOM 622 C CA . ALA A 1 623 ? 6.021   27.651  -1.562  1.00 34.29  ? 623 ALA A CA 1 
ATOM 623 C CA . PHE A 1 624 ? 6.830   25.704  1.618   1.00 35.96  ? 624 PHE A CA 1 
ATOM 624 C CA . GLN A 1 625 ? 9.471   28.311  2.612   1.00 36.82  ? 625 GLN A CA 1 
ATOM 625 C CA . LYS A 1 626 ? 6.684   30.918  2.461   1.00 37.53  ? 626 LYS A CA 1 
ATOM 626 C CA . GLU A 1 627 ? 4.539   28.721  4.669   1.00 37.54  ? 627 GLU A CA 1 
ATOM 627 C CA . LEU A 1 628 ? 7.423   28.379  7.114   1.00 38.50  ? 628 LEU A CA 1 
ATOM 628 C CA . HIS A 1 629 ? 7.446   32.199  7.336   1.00 42.34  ? 629 HIS A CA 1 
ATOM 629 C CA . GLY A 1 630 ? 3.708   32.275  8.074   1.00 44.55  ? 630 GLY A CA 1 
ATOM 630 C CA . MET A 1 631 ? 2.826   33.755  4.688   1.00 46.91  ? 631 MET A CA 1 
ATOM 631 C CA . THR A 1 632 ? -0.414  31.819  4.262   1.00 46.79  ? 632 THR A CA 1 
ATOM 632 C CA . GLU A 1 633 ? -4.110  32.600  4.650   1.00 48.20  ? 633 GLU A CA 1 
ATOM 633 C CA . GLU A 1 634 ? -7.387  30.769  3.915   1.00 50.67  ? 634 GLU A CA 1 
ATOM 634 C CA . VAL A 1 635 ? -9.730  31.960  1.207   1.00 51.49  ? 635 VAL A CA 1 
ATOM 635 C CA . TYR A 1 636 ? -12.950 30.339  -0.033  1.00 52.65  ? 636 TYR A CA 1 
ATOM 636 C CA . LEU A 1 637 ? -12.517 27.793  -2.827  1.00 52.72  ? 637 LEU A CA 1 
ATOM 637 C CA . ASP A 1 638 ? -14.551 30.059  -5.153  1.00 53.93  ? 638 ASP A CA 1 
ATOM 638 C CA . GLU A 1 639 ? -11.951 32.828  -4.747  1.00 53.45  ? 639 GLU A CA 1 
ATOM 639 C CA . MET A 1 640 ? -8.844  30.809  -5.598  1.00 50.99  ? 640 MET A CA 1 
ATOM 640 C CA . VAL A 1 641 ? -8.275  31.682  -9.284  1.00 47.65  ? 641 VAL A CA 1 
ATOM 641 C CA . GLY A 1 642 ? -5.061  33.743  -9.502  1.00 44.36  ? 642 GLY A CA 1 
ATOM 642 C CA . ARG A 1 643 ? -3.922  32.630  -6.009  1.00 42.00  ? 643 ARG A CA 1 
ATOM 643 C CA . ILE A 1 644 ? -0.770  30.616  -5.184  1.00 39.51  ? 644 ILE A CA 1 
ATOM 644 C CA . ASN A 1 645 ? -1.750  27.325  -3.541  1.00 39.00  ? 645 ASN A CA 1 
ATOM 645 C CA . ALA A 1 646 ? -0.075  26.476  -0.265  1.00 38.99  ? 646 ALA A CA 1 
ATOM 646 C CA . ASN A 1 647 ? -1.101  22.737  0.023   1.00 40.71  ? 647 ASN A CA 1 
ATOM 647 C CA . MET A 1 648 ? -1.385  19.817  -2.360  1.00 40.94  ? 648 MET A CA 1 
ATOM 648 C CA . ILE A 1 649 ? -5.013  19.486  -3.400  1.00 38.91  ? 649 ILE A CA 1 
ATOM 649 C CA . LEU A 1 650 ? -5.893  15.833  -3.662  1.00 36.92  ? 650 LEU A CA 1 
ATOM 650 C CA . PRO A 1 651 ? -9.519  15.118  -4.488  1.00 35.43  ? 651 PRO A CA 1 
ATOM 651 C CA . TYR A 1 652 ? -11.333 11.748  -4.220  1.00 35.34  ? 652 TYR A CA 1 
ATOM 652 C CA . PRO A 1 653 ? -12.174 10.914  -6.921  1.00 35.30  ? 653 PRO A CA 1 
ATOM 653 C CA . PRO A 1 654 ? -9.921  10.301  -8.779  1.00 35.34  ? 654 PRO A CA 1 
ATOM 654 C CA . GLY A 1 655 ? -7.378  10.162  -5.929  1.00 35.25  ? 655 GLY A CA 1 
ATOM 655 C CA . VAL A 1 656 ? -4.363  11.750  -7.688  1.00 35.66  ? 656 VAL A CA 1 
ATOM 656 C CA . PRO A 1 657 ? -2.759  15.220  -7.142  1.00 35.33  ? 657 PRO A CA 1 
ATOM 657 C CA . LEU A 1 658 ? -4.714  18.081  -8.748  1.00 34.80  ? 658 LEU A CA 1 
ATOM 658 C CA . VAL A 1 659 ? -2.794  21.186  -7.553  1.00 35.76  ? 659 VAL A CA 1 
ATOM 659 C CA . MET A 1 660 ? 0.730   21.292  -6.043  1.00 37.75  ? 660 MET A CA 1 
ATOM 660 C CA . PRO A 1 661 ? 2.055   23.753  -3.503  1.00 37.55  ? 661 PRO A CA 1 
ATOM 661 C CA . GLY A 1 662 ? 3.270   26.782  -5.537  1.00 37.17  ? 662 GLY A CA 1 
ATOM 662 C CA . GLU A 1 663 ? 0.796   26.323  -8.372  1.00 36.44  ? 663 GLU A CA 1 
ATOM 663 C CA . MET A 1 664 ? -2.037  28.682  -9.309  1.00 38.56  ? 664 MET A CA 1 
ATOM 664 C CA . ILE A 1 665 ? -5.358  28.104  -11.057 1.00 40.38  ? 665 ILE A CA 1 
ATOM 665 C CA . THR A 1 666 ? -5.755  30.573  -13.974 1.00 43.60  ? 666 THR A CA 1 
ATOM 666 C CA . GLU A 1 667 ? -8.368  30.949  -16.746 1.00 47.23  ? 667 GLU A CA 1 
ATOM 667 C CA . GLU A 1 668 ? -6.441  28.452  -18.829 1.00 48.29  ? 668 GLU A CA 1 
ATOM 668 C CA . SER A 1 669 ? -6.916  25.934  -15.944 1.00 45.46  ? 669 SER A CA 1 
ATOM 669 C CA . ARG A 1 670 ? -10.428 26.908  -14.727 1.00 43.84  ? 670 ARG A CA 1 
ATOM 670 C CA . PRO A 1 671 ? -11.739 23.285  -15.166 1.00 41.52  ? 671 PRO A CA 1 
ATOM 671 C CA . VAL A 1 672 ? -9.614  22.454  -12.086 1.00 40.46  ? 672 VAL A CA 1 
ATOM 672 C CA . LEU A 1 673 ? -11.713 24.835  -9.991  1.00 40.76  ? 673 LEU A CA 1 
ATOM 673 C CA . GLU A 1 674 ? -14.984 23.766  -11.643 1.00 41.59  ? 674 GLU A CA 1 
ATOM 674 C CA . PHE A 1 675 ? -14.336 20.090  -10.841 1.00 40.16  ? 675 PHE A CA 1 
ATOM 675 C CA . LEU A 1 676 ? -13.540 20.992  -7.214  1.00 39.39  ? 676 LEU A CA 1 
ATOM 676 C CA . GLN A 1 677 ? -16.692 23.158  -6.791  1.00 40.25  ? 677 GLN A CA 1 
ATOM 677 C CA . MET A 1 678 ? -18.792 20.361  -8.288  1.00 40.34  ? 678 MET A CA 1 
ATOM 678 C CA . LEU A 1 679 ? -17.351 17.792  -5.813  1.00 40.52  ? 679 LEU A CA 1 
ATOM 679 C CA . CYS A 1 680 ? -18.254 20.131  -2.988  1.00 42.10  ? 680 CYS A CA 1 
ATOM 680 C CA . GLU A 1 681 ? -21.850 20.460  -4.214  1.00 44.80  ? 681 GLU A CA 1 
ATOM 681 C CA . ILE A 1 682 ? -22.513 16.778  -5.063  1.00 43.52  ? 682 ILE A CA 1 
ATOM 682 C CA . GLY A 1 683 ? -21.170 15.706  -1.642  1.00 43.24  ? 683 GLY A CA 1 
ATOM 683 C CA . ALA A 1 684 ? -23.605 17.828  0.367   1.00 43.85  ? 684 ALA A CA 1 
ATOM 684 C CA . HIS A 1 685 ? -26.663 15.648  -0.389  1.00 44.04  ? 685 HIS A CA 1 
ATOM 685 C CA . TYR A 1 686 ? -26.198 12.197  1.175   1.00 40.88  ? 686 TYR A CA 1 
ATOM 686 C CA . PRO A 1 687 ? -24.886 11.422  4.638   1.00 38.82  ? 687 PRO A CA 1 
ATOM 687 C CA . GLY A 1 688 ? -22.008 8.917   4.274   1.00 36.66  ? 688 GLY A CA 1 
ATOM 688 C CA . PHE A 1 689 ? -21.188 10.243  0.809   1.00 36.40  ? 689 PHE A CA 1 
ATOM 689 C CA . GLU A 1 690 ? -19.406 13.439  1.901   1.00 38.34  ? 690 GLU A CA 1 
ATOM 690 C CA . THR A 1 691 ? -17.012 15.509  -0.186  1.00 37.38  ? 691 THR A CA 1 
ATOM 691 C CA . ASP A 1 692 ? -13.425 14.188  0.173   1.00 37.64  ? 692 ASP A CA 1 
ATOM 692 C CA . ILE A 1 693 ? -10.799 16.711  -0.947  1.00 37.94  ? 693 ILE A CA 1 
ATOM 693 C CA . HIS A 1 694 ? -7.510  16.811  0.899   1.00 40.38  ? 694 HIS A CA 1 
ATOM 694 C CA . GLY A 1 695 ? -6.451  20.476  1.252   1.00 43.09  ? 695 GLY A CA 1 
ATOM 695 C CA . ALA A 1 696 ? -10.053 21.737  1.258   1.00 45.87  ? 696 ALA A CA 1 
ATOM 696 C CA . TYR A 1 697 ? -11.730 22.532  4.557   1.00 49.29  ? 697 TYR A CA 1 
ATOM 697 C CA . ARG A 1 698 ? -15.477 22.314  5.137   1.00 51.34  ? 698 ARG A CA 1 
ATOM 698 C CA . GLN A 1 699 ? -16.668 25.310  7.140   1.00 53.91  ? 699 GLN A CA 1 
ATOM 699 C CA . ALA A 1 700 ? -19.600 25.138  9.583   1.00 56.36  ? 700 ALA A CA 1 
ATOM 700 C CA . ASP A 1 701 ? -21.773 26.832  6.934   1.00 57.49  ? 701 ASP A CA 1 
ATOM 701 C CA . GLY A 1 702 ? -21.074 24.143  4.290   1.00 55.50  ? 702 GLY A CA 1 
ATOM 702 C CA . ARG A 1 703 ? -18.634 26.245  2.226   1.00 53.19  ? 703 ARG A CA 1 
ATOM 703 C CA . TYR A 1 704 ? -15.016 25.114  1.557   1.00 48.50  ? 704 TYR A CA 1 
ATOM 704 C CA . THR A 1 705 ? -11.749 26.985  2.093   1.00 45.53  ? 705 THR A CA 1 
ATOM 705 C CA . VAL A 1 706 ? -8.193  26.441  0.811   1.00 42.67  ? 706 VAL A CA 1 
ATOM 706 C CA . LYS A 1 707 ? -4.857  27.667  2.117   1.00 42.16  ? 707 LYS A CA 1 
ATOM 707 C CA . VAL A 1 708 ? -3.076  30.131  -0.206  1.00 40.50  ? 708 VAL A CA 1 
ATOM 708 C CA . LEU A 1 709 ? -0.025  32.342  -0.082  1.00 42.13  ? 709 LEU A CA 1 
ATOM 709 C CA . LYS A 1 710 ? -0.567  35.955  1.127   1.00 46.26  ? 710 LYS A CA 1 
ATOM 710 C CA . GLU A 1 711 ? -0.582  38.583  -1.592  1.00 50.45  ? 711 GLU A CA 1 
ATOM 711 C CA . THR B 2 36  ? -11.443 52.480  10.555  1.00 84.11  ? 361 THR D CA 1 
ATOM 712 C CA . LEU B 2 37  ? -14.932 51.021  10.074  1.00 85.40  ? 362 LEU D CA 1 
ATOM 713 C CA . THR B 2 38  ? -17.992 51.682  12.221  1.00 76.62  ? 363 THR D CA 1 
ATOM 714 C CA . LEU B 2 39  ? -20.490 48.979  13.149  1.00 75.53  ? 364 LEU D CA 1 
ATOM 715 C CA . LEU B 2 40  ? -24.094 49.584  14.190  1.00 75.51  ? 365 LEU D CA 1 
ATOM 716 C CA . LEU B 2 41  ? -25.900 47.321  16.659  1.00 80.65  ? 366 LEU D CA 1 
ATOM 717 C CA . GLN B 2 42  ? -29.331 45.677  16.225  1.00 87.50  ? 367 GLN D CA 1 
ATOM 718 C CA . LYS B 2 43  ? -30.061 46.084  19.920  1.00 86.43  ? 368 LYS D CA 1 
ATOM 719 C CA . PRO B 2 44  ? -28.520 49.312  21.280  1.00 83.94  ? 369 PRO D CA 1 
ATOM 720 C CA . LEU B 2 45  ? -26.847 48.720  24.646  1.00 75.26  ? 370 LEU D CA 1 
ATOM 721 C CA . LYS B 2 46  ? -25.818 50.667  27.743  1.00 76.79  ? 371 LYS D CA 1 
ATOM 722 C CA . LEU B 2 47  ? -22.001 50.587  27.593  1.00 76.44  ? 372 LEU D CA 1 
ATOM 723 C CA . HIS B 2 48  ? -19.714 52.637  29.869  1.00 79.19  ? 373 HIS D CA 1 
ATOM 724 C CA . ASP B 2 49  ? -22.668 54.519  31.406  1.00 93.54  ? 374 ASP D CA 1 
ATOM 725 C CA . MET B 2 50  ? -24.120 55.610  28.041  1.00 95.66  ? 375 MET D CA 1 
ATOM 726 C CA . GLU B 2 51  ? -26.361 54.122  25.358  1.00 90.47  ? 376 GLU D CA 1 
ATOM 727 C CA . VAL B 2 52  ? -24.446 53.275  22.171  1.00 81.44  ? 377 VAL D CA 1 
ATOM 728 C CA . VAL B 2 53  ? -25.872 52.747  18.670  1.00 83.74  ? 378 VAL D CA 1 
ATOM 729 C CA . HIS B 2 54  ? -22.535 52.309  16.827  1.00 75.02  ? 379 HIS D CA 1 
ATOM 730 C CA . ILE B 2 55  ? -18.915 51.358  17.592  1.00 71.54  ? 380 ILE D CA 1 
ATOM 731 C CA . SER B 2 56  ? -15.971 52.314  15.389  1.00 71.92  ? 381 SER D CA 1 
ATOM 732 C CA . PHE B 2 57  ? -12.973 49.984  15.186  1.00 73.28  ? 382 PHE D CA 1 
ATOM 733 C CA . GLU B 2 58  ? -9.525  50.496  13.764  1.00 82.13  ? 383 GLU D CA 1 
ATOM 734 C CA . ARG B 2 59  ? -9.727  47.753  11.105  1.00 87.39  ? 384 ARG D CA 1 
ATOM 735 C CA . SER B 2 60  ? -6.114  46.815  11.904  1.00 89.75  ? 385 SER D CA 1 
ATOM 736 C CA . ALA B 2 61  ? -7.006  46.167  15.573  1.00 89.08  ? 386 ALA D CA 1 
ATOM 737 C CA . LEU B 2 62  ? -10.074 44.127  14.626  1.00 83.17  ? 387 LEU D CA 1 
ATOM 738 C CA . GLU B 2 63  ? -7.913  41.948  12.340  1.00 96.57  ? 388 GLU D CA 1 
ATOM 739 C CA . GLN B 2 64  ? -5.479  40.820  15.048  1.00 99.86  ? 389 GLN D CA 1 
ATOM 740 C CA . TRP B 2 65  ? -8.329  40.156  17.482  1.00 90.17  ? 390 TRP D CA 1 
ATOM 741 C CA . LEU B 2 66  ? -10.118 38.017  14.882  1.00 91.84  ? 391 LEU D CA 1 
ATOM 742 C CA . SER B 2 67  ? -6.877  36.060  14.431  1.00 103.02 ? 392 SER D CA 1 
ATOM 743 C CA . LYS B 2 68  ? -5.012  36.026  17.768  1.00 100.96 ? 393 LYS D CA 1 
ATOM 744 C CA . GLY B 2 69  ? -7.937  36.839  20.085  1.00 100.13 ? 394 GLY D CA 1 
ATOM 745 C CA . GLY B 2 70  ? -7.224  38.553  23.403  1.00 95.98  ? 395 GLY D CA 1 
ATOM 746 C CA . GLU B 2 71  ? -8.737  41.955  24.158  1.00 88.78  ? 396 GLU D CA 1 
ATOM 747 C CA . ILE B 2 72  ? -10.246 44.476  21.743  1.00 80.20  ? 397 ILE D CA 1 
ATOM 748 C CA . ARG B 2 73  ? -10.965 48.184  22.166  1.00 75.67  ? 398 ARG D CA 1 
ATOM 749 C CA . GLY B 2 74  ? -13.454 50.329  20.242  1.00 71.18  ? 399 GLY D CA 1 
ATOM 750 C CA . LYS B 2 75  ? -14.608 53.950  20.427  1.00 73.29  ? 400 LYS D CA 1 
ATOM 751 C CA . LEU B 2 76  ? -18.259 54.088  21.477  1.00 71.62  ? 401 LEU D CA 1 
ATOM 752 C CA . ASN B 2 77  ? -20.557 56.079  19.174  1.00 65.13  ? 402 ASN D CA 1 
ATOM 753 C CA . GLY B 2 78  ? -17.433 56.867  17.123  1.00 68.88  ? 403 GLY D CA 1 
ATOM 754 C CA . ILE B 2 79  ? -16.127 59.344  19.707  1.00 71.99  ? 404 ILE D CA 1 
ATOM 755 C CA . GLY B 2 80  ? -13.905 59.425  22.800  1.00 77.46  ? 405 GLY D CA 1 
ATOM 756 C CA . PHE B 2 81  ? -11.261 56.902  23.824  1.00 82.46  ? 406 PHE D CA 1 
ATOM 757 C CA . ALA B 2 82  ? -10.964 53.366  22.451  1.00 79.92  ? 407 ALA D CA 1 
ATOM 758 C CA . GLN B 2 83  ? -12.737 51.447  25.234  1.00 73.76  ? 408 GLN D CA 1 
ATOM 759 C CA . LYS B 2 84  ? -12.259 47.736  25.968  1.00 73.79  ? 409 LYS D CA 1 
ATOM 760 C CA . LEU B 2 85  ? -15.249 45.652  24.867  1.00 78.56  ? 410 LEU D CA 1 
ATOM 761 C CA . ASN B 2 86  ? -16.966 42.395  25.755  1.00 78.21  ? 411 ASN D CA 1 
ATOM 762 C CA . LEU B 2 87  ? -16.878 41.041  22.202  1.00 80.25  ? 412 LEU D CA 1 
ATOM 763 C CA . GLU B 2 88  ? -17.235 37.472  20.919  1.00 81.39  ? 413 GLU D CA 1 
ATOM 764 C CA . VAL B 2 89  ? -17.453 35.592  17.620  1.00 86.72  ? 414 VAL D CA 1 
ATOM 765 C CA . ASP B 2 90  ? -20.931 34.066  17.279  1.00 88.70  ? 415 ASP D CA 1 
ATOM 766 C CA . SER B 2 91  ? -21.831 30.521  16.175  1.00 97.00  ? 416 SER D CA 1 
ATOM 767 C CA . ALA B 2 92  ? -23.611 32.150  13.218  1.00 85.37  ? 417 ALA D CA 1 
ATOM 768 C CA . GLN B 2 93  ? -20.205 33.821  12.606  1.00 90.71  ? 418 GLN D CA 1 
ATOM 769 C CA . HIS B 2 94  ? -21.408 37.255  13.807  1.00 86.31  ? 419 HIS D CA 1 
ATOM 770 C CA . LEU B 2 95  ? -19.838 39.739  16.227  1.00 76.80  ? 420 LEU D CA 1 
ATOM 771 C CA . VAL B 2 96  ? -21.682 40.152  19.534  1.00 82.43  ? 421 VAL D CA 1 
ATOM 772 C CA . VAL B 2 97  ? -21.038 42.894  22.121  1.00 78.42  ? 422 VAL D CA 1 
ATOM 773 C CA . ARG B 2 98  ? -22.252 42.456  25.692  1.00 77.97  ? 423 ARG D CA 1 
ATOM 774 C CA . ASP B 2 99  ? -22.980 44.872  28.537  1.00 79.02  ? 424 ASP D CA 1 
ATOM 775 C CA . VAL B 2 100 ? -22.606 44.351  32.310  1.00 76.37  ? 425 VAL D CA 1 
ATOM 776 C CA . SER B 2 101 ? -25.947 42.480  32.313  1.00 73.44  ? 426 SER D CA 1 
ATOM 777 C CA . LEU B 2 102 ? -24.385 40.172  29.668  1.00 77.62  ? 427 LEU D CA 1 
ATOM 778 C CA . GLN B 2 103 ? -27.085 41.402  27.239  1.00 72.41  ? 428 GLN D CA 1 
ATOM 779 C CA . GLY B 2 104 ? -25.922 40.632  23.703  1.00 77.15  ? 429 GLY D CA 1 
ATOM 780 C CA . SER B 2 105 ? -26.118 42.649  20.496  1.00 73.06  ? 430 SER D CA 1 
ATOM 781 C CA . THR B 2 106 ? -25.231 41.667  16.936  1.00 83.82  ? 431 THR D CA 1 
ATOM 782 C CA . LEU B 2 107 ? -23.041 44.064  14.946  1.00 82.05  ? 432 LEU D CA 1 
ATOM 783 C CA . ALA B 2 108 ? -23.990 45.192  11.438  1.00 90.07  ? 433 ALA D CA 1 
ATOM 784 C CA . LEU B 2 109 ? -22.155 47.177  8.756   1.00 97.41  ? 434 LEU D CA 1 
# 
